data_3T35
#
_entry.id   3T35
#
_cell.length_a   146.157
_cell.length_b   146.157
_cell.length_c   204.254
_cell.angle_alpha   90.00
_cell.angle_beta   90.00
_cell.angle_gamma   120.00
#
_symmetry.space_group_name_H-M   'P 61'
#
loop_
_entity.id
_entity.type
_entity.pdbx_description
1 polymer 'Dynamin-related protein 1A, LINKER, Dynamin-related protein 1A'
2 non-polymer "GUANOSINE-5'-DIPHOSPHATE"
3 water water
#
_entity_poly.entity_id   1
_entity_poly.type   'polypeptide(L)'
_entity_poly.pdbx_seq_one_letter_code
;MENLISLVNKIQRACTALGDHGDSSALPTLWDSLPAIAVVGGQSSGKSSVLESIVGKDFLPRGSGIVTRRPLVLQLQKID
DGTREYAEFLHLPRKKFTDFAAVRKEIQDETDRETGRSKAISSVPIHLSIYSPNVVNLTLIDLPGLTKVAVDGQSDSIVK
DIENMVRSYIEKPNCIILAISPANQDLATSDAIKISREVDPSGDRTFGVLTKIDLMDKGTDAVEILEGRSFKLKYPWVGV
VNRSQADINKNVDMIAARKREREYFSNTTEYRHLANKMGSEHLAKMLSKHLERVIKSRIPGIQSLINKTVLELETELSRL
GKPIAHGTDSRVDPAIMERRSAISKRLELYRAAQSEIDAV
;
_entity_poly.pdbx_strand_id   A,B,C,D
#
# COMPACT_ATOMS: atom_id res chain seq x y z
N ASN A 3 20.99 14.81 -13.50
CA ASN A 3 22.14 15.17 -14.35
C ASN A 3 21.98 14.55 -15.76
N LEU A 4 21.20 13.47 -15.84
CA LEU A 4 20.96 12.75 -17.10
C LEU A 4 20.06 13.59 -18.00
N ILE A 5 19.07 14.18 -17.36
CA ILE A 5 18.20 15.17 -17.93
C ILE A 5 19.03 16.19 -18.72
N SER A 6 20.30 16.32 -18.33
CA SER A 6 21.22 17.30 -18.90
C SER A 6 22.05 16.73 -20.01
N LEU A 7 21.83 15.45 -20.26
CA LEU A 7 22.32 14.86 -21.49
C LEU A 7 21.50 15.45 -22.63
N VAL A 8 20.19 15.24 -22.56
CA VAL A 8 19.32 15.79 -23.58
C VAL A 8 19.70 17.24 -23.87
N ASN A 9 19.85 18.04 -22.81
CA ASN A 9 20.22 19.43 -22.96
C ASN A 9 21.61 19.61 -23.53
N LYS A 10 22.58 18.86 -23.01
CA LYS A 10 23.96 18.91 -23.55
C LYS A 10 23.94 18.56 -25.05
N ILE A 11 22.99 17.71 -25.45
CA ILE A 11 22.58 17.55 -26.85
C ILE A 11 21.79 18.79 -27.27
N GLN A 12 20.54 18.57 -27.69
CA GLN A 12 19.54 19.63 -27.80
C GLN A 12 20.09 20.93 -28.36
N ARG A 13 20.57 21.80 -27.47
CA ARG A 13 21.15 23.08 -27.86
C ARG A 13 22.11 22.84 -29.01
N ALA A 14 23.25 22.20 -28.76
CA ALA A 14 24.15 21.83 -29.84
C ALA A 14 23.35 21.00 -30.83
N CYS A 15 22.50 21.68 -31.58
CA CYS A 15 21.58 21.06 -32.49
C CYS A 15 20.71 22.17 -33.07
N THR A 16 19.94 22.85 -32.24
CA THR A 16 19.40 24.12 -32.68
C THR A 16 20.56 25.11 -32.64
N ALA A 17 21.77 24.55 -32.71
CA ALA A 17 23.00 25.33 -32.78
C ALA A 17 23.33 25.48 -34.24
N LEU A 18 22.81 24.54 -35.02
CA LEU A 18 23.04 24.47 -36.44
C LEU A 18 21.91 23.66 -37.05
N GLY A 19 21.86 22.38 -36.67
CA GLY A 19 20.86 21.45 -37.16
C GLY A 19 19.46 21.71 -36.66
N ASP A 20 19.04 22.96 -36.79
CA ASP A 20 17.66 23.31 -36.62
C ASP A 20 17.08 23.54 -38.01
N HIS A 21 17.93 23.33 -39.02
CA HIS A 21 17.51 23.42 -40.42
C HIS A 21 16.35 22.44 -40.73
N GLY A 22 16.60 21.16 -40.42
CA GLY A 22 15.74 20.06 -40.85
C GLY A 22 16.40 19.28 -41.98
N ASP A 23 17.68 18.92 -41.78
CA ASP A 23 18.60 18.48 -42.84
C ASP A 23 18.24 17.17 -43.59
N SER A 24 17.19 17.23 -44.42
CA SER A 24 16.59 16.05 -45.05
C SER A 24 16.18 15.02 -44.01
N SER A 25 17.17 14.52 -43.27
CA SER A 25 16.97 13.69 -42.10
C SER A 25 17.85 14.10 -40.89
N ALA A 26 18.09 15.40 -40.72
CA ALA A 26 18.68 15.92 -39.47
C ALA A 26 17.77 16.93 -38.73
N LEU A 27 16.46 16.75 -38.91
CA LEU A 27 15.45 17.19 -37.96
C LEU A 27 15.11 16.01 -37.02
N PRO A 28 15.41 14.75 -37.44
CA PRO A 28 15.28 13.57 -36.60
C PRO A 28 16.01 13.60 -35.24
N THR A 29 15.95 14.72 -34.52
CA THR A 29 16.54 14.78 -33.19
C THR A 29 15.75 15.70 -32.25
N LEU A 30 15.76 17.02 -32.52
CA LEU A 30 15.01 17.93 -31.67
C LEU A 30 13.60 17.40 -31.58
N TRP A 31 13.40 16.21 -32.17
CA TRP A 31 12.18 15.45 -32.03
C TRP A 31 12.30 14.30 -31.03
N ASP A 32 12.96 13.22 -31.41
CA ASP A 32 13.08 12.11 -30.47
C ASP A 32 13.90 12.55 -29.30
N SER A 33 14.84 13.45 -29.58
CA SER A 33 15.81 13.88 -28.58
C SER A 33 15.07 14.72 -27.56
N LEU A 34 13.83 15.06 -27.90
CA LEU A 34 13.05 16.00 -27.09
C LEU A 34 12.22 15.35 -25.97
N PRO A 35 12.66 14.18 -25.43
CA PRO A 35 11.95 13.82 -24.20
C PRO A 35 12.11 15.00 -23.27
N ALA A 36 11.13 15.88 -23.26
CA ALA A 36 11.23 17.16 -22.58
C ALA A 36 9.83 17.68 -22.45
N ILE A 37 9.36 17.90 -21.22
CA ILE A 37 7.97 18.32 -21.04
C ILE A 37 7.62 19.58 -21.80
N ALA A 38 6.52 19.50 -22.54
CA ALA A 38 5.92 20.66 -23.16
C ALA A 38 4.93 21.11 -22.12
N VAL A 39 4.81 22.42 -21.93
CA VAL A 39 3.84 22.94 -20.99
C VAL A 39 2.75 23.72 -21.72
N VAL A 40 1.53 23.17 -21.71
CA VAL A 40 0.42 23.90 -22.30
C VAL A 40 -0.62 24.40 -21.27
N GLY A 41 -1.18 25.56 -21.60
CA GLY A 41 -2.16 26.24 -20.77
C GLY A 41 -2.84 27.34 -21.56
N GLY A 42 -4.13 27.16 -21.83
CA GLY A 42 -4.91 28.20 -22.44
C GLY A 42 -4.79 29.52 -21.71
N GLN A 43 -4.56 30.60 -22.46
CA GLN A 43 -4.39 31.92 -21.88
C GLN A 43 -4.94 32.05 -20.47
N SER A 44 -4.20 32.80 -19.66
CA SER A 44 -4.59 33.10 -18.29
C SER A 44 -4.61 31.85 -17.41
N SER A 45 -4.28 30.71 -18.00
CA SER A 45 -4.13 29.49 -17.21
C SER A 45 -3.16 29.78 -16.08
N GLY A 46 -1.88 29.88 -16.40
CA GLY A 46 -0.88 30.08 -15.37
C GLY A 46 0.49 29.60 -15.77
N LYS A 47 0.67 29.12 -17.00
CA LYS A 47 1.99 28.70 -17.46
C LYS A 47 2.99 29.80 -17.16
N SER A 48 2.68 31.00 -17.60
CA SER A 48 3.58 32.12 -17.37
C SER A 48 4.19 32.07 -15.98
N SER A 49 3.38 31.79 -14.97
CA SER A 49 3.89 31.77 -13.62
C SER A 49 4.65 30.48 -13.19
N VAL A 50 4.07 29.32 -13.40
CA VAL A 50 4.70 28.13 -12.85
C VAL A 50 6.09 27.88 -13.41
N LEU A 51 6.48 28.55 -14.49
CA LEU A 51 7.88 28.47 -14.93
C LEU A 51 8.64 29.58 -14.24
N GLU A 52 8.11 30.03 -13.11
CA GLU A 52 8.81 31.01 -12.33
C GLU A 52 8.90 30.56 -10.88
N SER A 53 8.05 29.61 -10.51
CA SER A 53 8.11 29.06 -9.18
C SER A 53 8.70 27.68 -9.32
N ILE A 54 9.18 27.40 -10.51
CA ILE A 54 9.80 26.15 -10.83
C ILE A 54 11.19 26.56 -11.27
N VAL A 55 11.50 27.79 -10.91
CA VAL A 55 12.70 28.49 -11.34
C VAL A 55 12.95 29.47 -10.22
N GLY A 56 12.03 29.45 -9.25
CA GLY A 56 12.12 30.28 -8.05
C GLY A 56 12.65 31.69 -8.28
N LYS A 57 12.49 32.18 -9.51
CA LYS A 57 13.02 33.47 -9.87
C LYS A 57 12.19 34.00 -11.01
N ASP A 58 11.96 35.31 -11.01
CA ASP A 58 11.26 35.99 -12.08
C ASP A 58 11.76 35.55 -13.44
N PHE A 59 11.69 36.45 -14.41
CA PHE A 59 12.27 36.26 -15.76
C PHE A 59 11.31 36.20 -16.96
N LEU A 60 10.01 36.08 -16.71
CA LEU A 60 9.03 36.09 -17.79
C LEU A 60 8.34 37.44 -17.87
N PRO A 61 8.19 37.96 -19.09
CA PRO A 61 7.50 39.23 -19.27
C PRO A 61 6.05 39.00 -18.92
N ARG A 62 5.55 39.60 -17.85
CA ARG A 62 4.22 39.20 -17.36
C ARG A 62 3.07 39.64 -18.27
N GLY A 63 2.19 38.68 -18.57
CA GLY A 63 0.99 38.87 -19.39
C GLY A 63 -0.23 38.01 -19.05
N SER A 64 -1.08 38.56 -18.17
CA SER A 64 -2.40 37.98 -17.81
C SER A 64 -3.42 37.92 -18.97
N GLY A 65 -3.08 38.63 -20.07
CA GLY A 65 -3.63 38.36 -21.39
C GLY A 65 -2.60 37.53 -22.14
N ILE A 66 -1.82 38.18 -23.02
CA ILE A 66 -0.64 37.54 -23.64
C ILE A 66 0.45 38.54 -24.12
N VAL A 67 1.70 38.22 -23.77
CA VAL A 67 2.86 39.00 -24.23
C VAL A 67 4.06 38.05 -24.49
N THR A 68 3.76 36.75 -24.54
CA THR A 68 4.69 35.68 -24.90
C THR A 68 4.11 34.86 -26.07
N ARG A 69 4.67 35.08 -27.26
CA ARG A 69 4.09 34.55 -28.48
C ARG A 69 5.12 33.79 -29.33
N ARG A 70 5.77 32.80 -28.72
CA ARG A 70 6.90 32.09 -29.33
C ARG A 70 7.05 30.69 -28.73
N PRO A 71 8.01 29.89 -29.25
CA PRO A 71 8.45 28.68 -28.53
C PRO A 71 9.45 29.13 -27.48
N LEU A 72 10.14 28.21 -26.82
CA LEU A 72 10.99 28.58 -25.68
C LEU A 72 11.55 27.35 -24.95
N VAL A 73 12.76 26.93 -25.30
CA VAL A 73 13.33 25.73 -24.71
C VAL A 73 14.05 26.06 -23.41
N LEU A 74 13.34 25.89 -22.28
CA LEU A 74 13.90 26.18 -20.97
C LEU A 74 14.56 24.97 -20.38
N GLN A 75 15.88 24.99 -20.37
CA GLN A 75 16.67 23.93 -19.76
C GLN A 75 17.18 24.45 -18.43
N LEU A 76 17.04 23.64 -17.38
CA LEU A 76 17.54 24.01 -16.07
C LEU A 76 18.85 23.29 -15.78
N GLN A 77 19.35 23.43 -14.56
CA GLN A 77 20.52 22.65 -14.12
C GLN A 77 20.97 23.07 -12.72
N LYS A 78 20.97 22.11 -11.80
CA LYS A 78 21.44 22.32 -10.44
C LYS A 78 22.93 22.57 -10.55
N ILE A 79 23.52 23.15 -9.50
CA ILE A 79 24.94 23.45 -9.51
C ILE A 79 25.50 23.40 -8.10
N ASP A 80 26.77 23.00 -8.01
CA ASP A 80 27.40 22.50 -6.78
C ASP A 80 27.31 23.39 -5.53
N ASP A 81 26.11 23.88 -5.25
CA ASP A 81 25.85 24.66 -4.03
C ASP A 81 26.75 25.90 -3.96
N GLY A 82 27.55 26.13 -5.00
CA GLY A 82 28.36 27.34 -5.08
C GLY A 82 27.59 28.45 -5.78
N THR A 83 26.79 29.20 -5.01
CA THR A 83 25.67 30.01 -5.53
C THR A 83 25.94 30.87 -6.79
N ARG A 84 26.60 30.27 -7.78
CA ARG A 84 26.82 30.92 -9.07
C ARG A 84 25.54 30.73 -9.90
N GLU A 85 24.62 31.69 -9.85
CA GLU A 85 23.35 31.52 -10.55
C GLU A 85 23.46 31.61 -12.08
N TYR A 86 23.15 32.75 -12.68
CA TYR A 86 23.36 32.94 -14.13
C TYR A 86 22.52 32.11 -15.12
N ALA A 87 22.63 32.45 -16.40
CA ALA A 87 21.95 31.74 -17.48
C ALA A 87 22.52 32.24 -18.80
N GLU A 88 22.29 31.53 -19.90
CA GLU A 88 22.88 31.95 -21.17
C GLU A 88 21.84 32.24 -22.23
N PHE A 89 22.04 31.67 -23.42
CA PHE A 89 21.12 31.75 -24.53
C PHE A 89 21.90 31.17 -25.69
N LEU A 90 21.22 30.49 -26.60
CA LEU A 90 21.87 30.14 -27.85
C LEU A 90 21.92 31.39 -28.72
N HIS A 91 20.77 32.08 -28.73
CA HIS A 91 20.62 33.46 -29.19
C HIS A 91 21.97 34.21 -29.07
N LEU A 92 22.25 34.72 -27.87
CA LEU A 92 23.52 35.38 -27.54
C LEU A 92 24.57 34.37 -27.08
N PRO A 93 25.54 34.08 -27.94
CA PRO A 93 26.47 33.01 -27.65
C PRO A 93 27.46 33.44 -26.59
N ARG A 94 28.05 32.45 -25.92
CA ARG A 94 29.14 32.64 -24.97
C ARG A 94 29.11 33.98 -24.21
N LYS A 95 27.93 34.35 -23.70
CA LYS A 95 27.79 35.48 -22.78
C LYS A 95 26.89 35.05 -21.61
N LYS A 96 26.98 35.76 -20.48
CA LYS A 96 26.25 35.36 -19.27
C LYS A 96 25.47 36.54 -18.63
N PHE A 97 24.24 36.24 -18.14
CA PHE A 97 23.40 37.21 -17.40
C PHE A 97 23.42 36.93 -15.90
N THR A 98 22.78 37.80 -15.13
CA THR A 98 22.61 37.53 -13.70
C THR A 98 21.29 38.14 -13.24
N ASP A 99 21.06 39.37 -13.68
CA ASP A 99 19.94 40.14 -13.21
C ASP A 99 18.64 39.73 -13.89
N PHE A 100 18.11 38.60 -13.45
CA PHE A 100 16.95 37.99 -14.07
C PHE A 100 15.92 38.98 -14.61
N ALA A 101 15.66 40.05 -13.87
CA ALA A 101 14.63 41.02 -14.27
C ALA A 101 14.96 41.81 -15.57
N ALA A 102 16.14 41.55 -16.13
CA ALA A 102 16.55 42.13 -17.41
C ALA A 102 16.90 41.04 -18.45
N VAL A 103 16.83 39.78 -18.01
CA VAL A 103 16.77 38.66 -18.93
C VAL A 103 15.28 38.50 -19.22
N ARG A 104 14.48 39.22 -18.44
CA ARG A 104 13.04 39.29 -18.63
C ARG A 104 12.70 40.49 -19.52
N LYS A 105 13.76 41.16 -20.00
CA LYS A 105 13.65 42.19 -21.06
C LYS A 105 14.28 41.70 -22.36
N GLU A 106 15.35 40.92 -22.25
CA GLU A 106 15.93 40.30 -23.42
C GLU A 106 14.92 39.38 -24.10
N ILE A 107 14.35 38.44 -23.34
CA ILE A 107 13.17 37.69 -23.79
C ILE A 107 12.14 38.64 -24.41
N GLN A 108 11.72 39.65 -23.65
CA GLN A 108 10.74 40.60 -24.15
C GLN A 108 11.23 41.27 -25.44
N ASP A 109 12.52 41.14 -25.70
CA ASP A 109 13.12 41.84 -26.84
C ASP A 109 13.38 40.94 -28.04
N GLU A 110 13.85 39.73 -27.83
CA GLU A 110 13.95 38.79 -28.94
C GLU A 110 12.56 38.52 -29.49
N THR A 111 11.60 38.41 -28.59
CA THR A 111 10.22 38.24 -28.99
C THR A 111 9.84 39.35 -29.94
N ASP A 112 10.21 40.58 -29.61
CA ASP A 112 9.81 41.75 -30.39
C ASP A 112 10.56 41.94 -31.72
N ARG A 113 11.44 41.01 -32.08
CA ARG A 113 12.24 41.17 -33.30
C ARG A 113 11.50 40.64 -34.53
N GLU A 114 10.23 40.27 -34.33
CA GLU A 114 9.41 39.67 -35.39
C GLU A 114 7.93 39.96 -35.17
N THR A 115 7.50 39.72 -33.94
CA THR A 115 6.08 39.74 -33.56
C THR A 115 5.50 41.16 -33.33
N GLY A 116 5.39 41.59 -32.07
CA GLY A 116 4.92 42.93 -31.77
C GLY A 116 4.54 43.29 -30.34
N ARG A 117 3.84 44.42 -30.21
CA ARG A 117 3.29 44.88 -28.92
C ARG A 117 1.90 44.28 -28.72
N SER A 118 1.25 43.89 -29.81
CA SER A 118 -0.01 43.14 -29.74
C SER A 118 -0.13 41.99 -30.77
N LYS A 119 0.77 41.01 -30.66
CA LYS A 119 0.64 39.65 -31.24
C LYS A 119 0.67 39.46 -32.79
N ALA A 120 1.51 38.52 -33.24
CA ALA A 120 1.63 38.12 -34.66
C ALA A 120 1.93 36.61 -34.80
N ILE A 121 2.81 36.24 -35.74
CA ILE A 121 3.18 34.82 -35.95
C ILE A 121 4.70 34.55 -36.09
N SER A 122 5.21 33.66 -35.24
CA SER A 122 6.62 33.27 -35.24
C SER A 122 6.83 31.95 -34.50
N SER A 123 7.27 30.90 -35.20
CA SER A 123 7.28 29.54 -34.65
C SER A 123 8.64 28.84 -34.67
N VAL A 124 9.67 29.56 -34.24
CA VAL A 124 11.01 28.98 -34.16
C VAL A 124 11.65 29.20 -32.77
N PRO A 125 12.19 28.12 -32.17
CA PRO A 125 12.53 28.01 -30.75
C PRO A 125 13.23 29.23 -30.16
N ILE A 126 13.49 29.20 -28.86
CA ILE A 126 14.27 30.22 -28.14
C ILE A 126 15.01 29.55 -26.99
N HIS A 127 16.19 29.01 -27.28
CA HIS A 127 16.98 28.24 -26.30
C HIS A 127 17.62 29.07 -25.21
N LEU A 128 17.26 28.77 -23.97
CA LEU A 128 17.89 29.44 -22.84
C LEU A 128 18.13 28.41 -21.76
N SER A 129 19.39 28.28 -21.36
CA SER A 129 19.72 27.37 -20.28
C SER A 129 19.98 28.17 -19.00
N ILE A 130 19.30 27.79 -17.92
CA ILE A 130 19.53 28.40 -16.62
C ILE A 130 20.11 27.35 -15.68
N TYR A 131 21.28 27.67 -15.11
CA TYR A 131 21.89 26.79 -14.14
C TYR A 131 21.71 27.49 -12.81
N SER A 132 21.24 26.78 -11.78
CA SER A 132 20.97 27.44 -10.50
C SER A 132 20.93 26.48 -9.31
N PRO A 133 21.77 26.72 -8.32
CA PRO A 133 21.97 25.75 -7.24
C PRO A 133 20.68 25.17 -6.67
N ASN A 134 19.59 25.91 -6.79
CA ASN A 134 18.41 25.66 -5.98
C ASN A 134 17.16 25.35 -6.79
N VAL A 135 17.35 24.54 -7.83
CA VAL A 135 16.30 24.10 -8.73
C VAL A 135 16.68 22.73 -9.29
N VAL A 136 15.80 22.14 -10.10
CA VAL A 136 15.95 20.76 -10.52
C VAL A 136 16.43 20.59 -11.97
N ASN A 137 17.51 19.85 -12.15
CA ASN A 137 17.88 19.36 -13.48
C ASN A 137 16.63 19.05 -14.29
N LEU A 138 16.29 19.85 -15.31
CA LEU A 138 15.24 19.47 -16.30
C LEU A 138 15.15 20.28 -17.61
N THR A 139 14.17 19.91 -18.45
CA THR A 139 13.95 20.48 -19.80
C THR A 139 12.50 20.82 -20.08
N LEU A 140 12.16 22.12 -20.17
CA LEU A 140 10.78 22.53 -20.43
C LEU A 140 10.71 23.17 -21.80
N ILE A 141 9.54 23.16 -22.41
CA ILE A 141 9.28 24.03 -23.56
C ILE A 141 7.96 24.81 -23.53
N ASP A 142 8.07 26.12 -23.33
CA ASP A 142 6.88 26.95 -23.18
C ASP A 142 6.14 27.13 -24.49
N LEU A 143 4.86 26.80 -24.48
CA LEU A 143 3.99 27.17 -25.60
C LEU A 143 3.06 28.29 -25.15
N PRO A 144 2.75 29.24 -26.05
CA PRO A 144 1.94 30.37 -25.61
C PRO A 144 0.49 29.96 -25.32
N GLY A 145 -0.22 30.76 -24.52
CA GLY A 145 -1.58 30.48 -24.10
C GLY A 145 -2.56 30.18 -25.23
N LEU A 146 -3.64 29.47 -24.89
CA LEU A 146 -4.58 28.94 -25.88
C LEU A 146 -5.88 29.70 -25.89
N THR A 147 -6.19 30.34 -27.01
CA THR A 147 -7.33 31.24 -27.09
C THR A 147 -8.37 30.74 -28.06
N LYS A 148 -9.59 31.29 -27.95
CA LYS A 148 -10.67 30.96 -28.88
C LYS A 148 -11.40 32.21 -29.45
N VAL A 149 -11.05 33.35 -28.87
CA VAL A 149 -11.62 34.63 -29.26
C VAL A 149 -10.52 35.52 -29.81
N ALA A 150 -10.49 35.68 -31.12
CA ALA A 150 -9.47 36.53 -31.74
C ALA A 150 -9.75 38.00 -31.37
N VAL A 151 -8.99 38.59 -30.45
CA VAL A 151 -9.29 39.97 -30.01
C VAL A 151 -8.24 41.03 -30.36
N ASP A 152 -8.72 42.22 -30.70
CA ASP A 152 -7.87 43.39 -30.99
C ASP A 152 -7.38 43.40 -32.43
N GLY A 153 -6.16 43.91 -32.59
CA GLY A 153 -5.43 43.88 -33.84
C GLY A 153 -4.61 42.60 -33.94
N GLN A 154 -5.16 41.53 -33.38
CA GLN A 154 -4.66 40.18 -33.64
C GLN A 154 -5.31 39.80 -34.96
N SER A 155 -4.96 38.63 -35.50
CA SER A 155 -5.69 38.12 -36.66
C SER A 155 -6.73 37.07 -36.21
N ASP A 156 -7.31 36.33 -37.15
CA ASP A 156 -8.37 35.41 -36.78
C ASP A 156 -8.01 33.95 -37.14
N SER A 157 -6.71 33.72 -37.22
CA SER A 157 -6.16 32.38 -37.35
C SER A 157 -5.36 32.08 -36.09
N ILE A 158 -4.78 33.14 -35.53
CA ILE A 158 -4.27 33.11 -34.17
C ILE A 158 -5.05 32.05 -33.41
N VAL A 159 -6.36 32.07 -33.58
CA VAL A 159 -7.28 31.08 -33.03
C VAL A 159 -6.82 29.64 -33.32
N LYS A 160 -6.86 29.24 -34.59
CA LYS A 160 -6.44 27.88 -34.96
C LYS A 160 -4.97 27.81 -35.39
N ASP A 161 -4.22 28.87 -35.08
CA ASP A 161 -2.79 28.90 -35.37
C ASP A 161 -2.00 28.64 -34.10
N ILE A 162 -2.59 28.94 -32.95
CA ILE A 162 -2.02 28.48 -31.69
C ILE A 162 -2.35 27.01 -31.43
N GLU A 163 -3.56 26.57 -31.75
CA GLU A 163 -3.86 25.16 -31.58
C GLU A 163 -3.19 24.40 -32.72
N ASN A 164 -2.56 25.15 -33.59
CA ASN A 164 -1.65 24.57 -34.56
C ASN A 164 -0.36 24.30 -33.83
N MET A 165 0.40 25.36 -33.59
CA MET A 165 1.62 25.28 -32.83
C MET A 165 1.50 24.23 -31.75
N VAL A 166 0.65 24.48 -30.76
CA VAL A 166 0.48 23.54 -29.67
C VAL A 166 0.35 22.05 -30.07
N ARG A 167 -0.57 21.73 -30.96
CA ARG A 167 -0.81 20.33 -31.30
C ARG A 167 0.29 19.75 -32.18
N SER A 168 1.38 20.48 -32.33
CA SER A 168 2.46 19.96 -33.14
C SER A 168 3.78 20.05 -32.39
N TYR A 169 3.77 20.64 -31.21
CA TYR A 169 4.83 20.34 -30.26
C TYR A 169 4.31 19.25 -29.35
N ILE A 170 3.01 18.95 -29.49
CA ILE A 170 2.33 17.92 -28.68
C ILE A 170 2.20 16.57 -29.41
N GLU A 171 1.98 16.64 -30.72
CA GLU A 171 1.83 15.45 -31.54
C GLU A 171 3.03 14.54 -31.36
N LYS A 172 4.21 15.15 -31.19
CA LYS A 172 5.49 14.45 -30.94
C LYS A 172 5.42 13.55 -29.72
N PRO A 173 5.43 12.24 -29.95
CA PRO A 173 5.17 11.19 -28.94
C PRO A 173 6.23 11.13 -27.84
N ASN A 174 6.90 12.24 -27.57
CA ASN A 174 8.09 12.23 -26.75
C ASN A 174 7.96 13.21 -25.63
N CYS A 175 7.66 14.45 -25.98
CA CYS A 175 7.45 15.48 -24.97
C CYS A 175 6.25 15.11 -24.11
N ILE A 176 6.41 15.22 -22.81
CA ILE A 176 5.32 14.98 -21.89
C ILE A 176 4.39 16.20 -21.80
N ILE A 177 3.08 15.95 -21.74
CA ILE A 177 2.18 17.08 -21.67
C ILE A 177 2.04 17.52 -20.22
N LEU A 178 1.85 18.83 -20.05
CA LEU A 178 1.74 19.42 -18.75
C LEU A 178 0.56 20.40 -18.79
N ALA A 179 -0.60 19.95 -18.33
CA ALA A 179 -1.82 20.72 -18.46
C ALA A 179 -2.14 21.62 -17.28
N ILE A 180 -1.66 22.85 -17.37
CA ILE A 180 -2.04 23.87 -16.42
C ILE A 180 -3.50 24.25 -16.66
N SER A 181 -4.38 23.94 -15.70
CA SER A 181 -5.77 24.37 -15.79
C SER A 181 -6.24 25.03 -14.53
N PRO A 182 -6.18 26.34 -14.48
CA PRO A 182 -6.66 27.05 -13.30
C PRO A 182 -8.03 26.55 -12.80
N ALA A 183 -8.38 26.96 -11.57
CA ALA A 183 -9.37 26.24 -10.76
C ALA A 183 -10.50 27.08 -10.15
N ASN A 184 -10.80 28.23 -10.74
CA ASN A 184 -12.09 28.88 -10.54
C ASN A 184 -12.93 28.64 -11.77
N GLN A 185 -12.43 27.77 -12.64
CA GLN A 185 -13.24 27.14 -13.67
C GLN A 185 -13.19 25.62 -13.61
N ASP A 186 -14.33 25.01 -13.94
CA ASP A 186 -14.44 23.57 -14.11
C ASP A 186 -13.34 23.03 -15.03
N LEU A 187 -13.00 21.77 -14.82
CA LEU A 187 -12.04 21.08 -15.67
C LEU A 187 -12.76 20.51 -16.86
N ALA A 188 -14.08 20.44 -16.82
CA ALA A 188 -14.79 19.91 -17.98
C ALA A 188 -14.84 21.05 -19.00
N THR A 189 -13.75 21.81 -19.08
CA THR A 189 -13.73 23.07 -19.81
C THR A 189 -12.27 23.43 -20.14
N SER A 190 -11.37 22.58 -19.66
CA SER A 190 -9.96 22.76 -19.87
C SER A 190 -9.80 22.83 -21.35
N ASP A 191 -9.31 23.97 -21.84
CA ASP A 191 -8.79 24.01 -23.20
C ASP A 191 -7.60 23.04 -23.20
N ALA A 192 -6.83 23.07 -22.10
CA ALA A 192 -5.70 22.17 -21.85
C ALA A 192 -6.12 20.72 -21.98
N ILE A 193 -6.66 20.15 -20.91
CA ILE A 193 -7.27 18.83 -21.01
C ILE A 193 -8.03 18.51 -22.31
N LYS A 194 -8.81 19.43 -22.88
CA LYS A 194 -9.49 19.10 -24.13
C LYS A 194 -8.44 18.70 -25.16
N ILE A 195 -7.34 19.45 -25.18
CA ILE A 195 -6.29 19.19 -26.15
C ILE A 195 -5.35 18.14 -25.67
N SER A 196 -5.12 18.10 -24.37
CA SER A 196 -4.29 17.06 -23.80
C SER A 196 -4.84 15.68 -24.12
N ARG A 197 -6.14 15.60 -24.38
CA ARG A 197 -6.78 14.30 -24.62
C ARG A 197 -6.87 14.00 -26.10
N GLU A 198 -6.65 15.05 -26.90
CA GLU A 198 -6.69 14.95 -28.35
C GLU A 198 -5.62 13.98 -28.75
N VAL A 199 -4.37 14.38 -28.56
CA VAL A 199 -3.29 13.42 -28.64
C VAL A 199 -2.87 13.01 -27.22
N ASP A 200 -2.98 11.70 -26.98
CA ASP A 200 -2.63 11.02 -25.71
C ASP A 200 -3.86 10.78 -24.80
N PRO A 201 -4.88 10.13 -25.37
CA PRO A 201 -6.13 9.79 -24.69
C PRO A 201 -5.80 8.76 -23.63
N SER A 202 -4.50 8.46 -23.57
CA SER A 202 -3.96 7.36 -22.81
C SER A 202 -3.38 7.84 -21.50
N GLY A 203 -2.83 9.05 -21.50
CA GLY A 203 -2.30 9.66 -20.29
C GLY A 203 -0.86 9.27 -20.06
N ASP A 204 -0.30 8.56 -21.04
CA ASP A 204 1.06 8.03 -20.95
C ASP A 204 2.02 9.19 -20.84
N ARG A 205 1.66 10.31 -21.45
CA ARG A 205 2.32 11.55 -21.12
C ARG A 205 1.24 12.58 -20.83
N THR A 206 1.30 13.16 -19.63
CA THR A 206 0.32 14.14 -19.20
C THR A 206 0.15 14.17 -17.70
N PHE A 207 0.51 15.32 -17.11
CA PHE A 207 0.29 15.59 -15.67
C PHE A 207 -0.60 16.79 -15.49
N GLY A 208 -1.49 16.69 -14.51
CA GLY A 208 -2.35 17.81 -14.19
C GLY A 208 -1.70 18.84 -13.30
N VAL A 209 -1.89 20.13 -13.58
CA VAL A 209 -1.38 21.14 -12.68
C VAL A 209 -2.46 21.83 -11.88
N LEU A 210 -3.32 22.60 -12.52
CA LEU A 210 -4.42 23.19 -11.75
C LEU A 210 -3.88 24.34 -10.89
N THR A 211 -3.77 25.55 -11.45
CA THR A 211 -3.25 26.68 -10.69
C THR A 211 -4.40 27.52 -10.16
N LYS A 212 -4.09 28.44 -9.26
CA LYS A 212 -5.08 29.31 -8.66
C LYS A 212 -6.07 28.49 -7.83
N ILE A 213 -5.99 28.62 -6.51
CA ILE A 213 -6.98 27.98 -5.62
C ILE A 213 -7.33 28.92 -4.45
N ASP A 214 -6.36 29.68 -3.98
CA ASP A 214 -6.59 30.59 -2.88
C ASP A 214 -7.75 31.47 -3.27
N LEU A 215 -7.95 31.59 -4.59
CA LEU A 215 -8.94 32.48 -5.19
C LEU A 215 -10.07 31.69 -5.80
N MET A 216 -10.14 30.42 -5.41
CA MET A 216 -11.25 29.53 -5.72
C MET A 216 -12.37 29.89 -4.77
N ASP A 217 -13.54 29.28 -4.95
CA ASP A 217 -14.74 29.79 -4.26
C ASP A 217 -14.72 29.65 -2.73
N LYS A 218 -15.90 29.66 -2.12
CA LYS A 218 -16.04 29.31 -0.71
C LYS A 218 -17.10 28.23 -0.67
N GLY A 219 -16.88 27.21 0.16
CA GLY A 219 -17.81 26.10 0.24
C GLY A 219 -17.52 25.16 -0.90
N THR A 220 -16.62 25.60 -1.77
CA THR A 220 -15.87 24.74 -2.66
C THR A 220 -14.46 24.66 -2.12
N ASP A 221 -13.66 23.81 -2.74
CA ASP A 221 -12.24 23.67 -2.43
C ASP A 221 -11.75 22.79 -3.55
N ALA A 222 -10.64 22.11 -3.35
CA ALA A 222 -9.96 21.54 -4.51
C ALA A 222 -9.79 20.02 -4.52
N VAL A 223 -10.27 19.35 -3.48
CA VAL A 223 -9.82 17.99 -3.20
C VAL A 223 -9.97 16.91 -4.32
N GLU A 224 -11.14 16.75 -4.93
CA GLU A 224 -11.37 15.51 -5.68
C GLU A 224 -10.57 15.36 -6.98
N ILE A 225 -9.35 15.86 -6.96
CA ILE A 225 -8.46 15.70 -8.11
C ILE A 225 -7.04 15.30 -7.59
N LEU A 226 -6.66 15.98 -6.52
CA LEU A 226 -5.56 15.61 -5.68
C LEU A 226 -5.99 14.52 -4.71
N GLU A 227 -7.22 14.06 -4.88
CA GLU A 227 -7.72 12.82 -4.32
C GLU A 227 -7.81 12.00 -5.58
N GLY A 228 -8.05 12.73 -6.67
CA GLY A 228 -8.07 12.17 -7.99
C GLY A 228 -9.34 11.41 -8.20
N ARG A 229 -10.48 12.09 -8.14
CA ARG A 229 -11.79 11.40 -8.23
C ARG A 229 -12.73 12.00 -9.25
N SER A 230 -12.54 13.29 -9.58
CA SER A 230 -13.31 13.98 -10.63
C SER A 230 -12.66 13.86 -12.01
N PHE A 231 -11.56 14.56 -12.25
CA PHE A 231 -10.85 14.34 -13.51
C PHE A 231 -9.60 13.56 -13.22
N LYS A 232 -9.82 12.31 -12.83
CA LYS A 232 -8.79 11.33 -12.49
C LYS A 232 -7.77 11.26 -13.60
N LEU A 233 -6.49 11.43 -13.25
CA LEU A 233 -5.41 11.44 -14.23
C LEU A 233 -4.49 10.26 -14.00
N LYS A 234 -3.95 9.71 -15.08
CA LYS A 234 -3.10 8.52 -15.04
C LYS A 234 -1.99 8.59 -13.97
N TYR A 235 -1.43 9.77 -13.78
CA TYR A 235 -0.41 9.99 -12.73
C TYR A 235 -1.07 10.42 -11.40
N PRO A 236 -0.92 11.69 -10.96
CA PRO A 236 -1.94 12.24 -10.08
C PRO A 236 -2.28 13.61 -10.62
N TRP A 237 -2.68 14.56 -9.77
CA TRP A 237 -2.75 16.00 -10.10
C TRP A 237 -1.77 16.74 -9.20
N VAL A 238 -1.26 17.87 -9.61
CA VAL A 238 -0.39 18.59 -8.70
C VAL A 238 -0.82 20.01 -8.39
N GLY A 239 -1.20 20.27 -7.15
CA GLY A 239 -1.73 21.58 -6.80
C GLY A 239 -0.64 22.56 -6.54
N VAL A 240 -0.73 23.74 -7.17
CA VAL A 240 0.22 24.85 -6.93
C VAL A 240 -0.49 26.12 -6.47
N VAL A 241 0.23 26.98 -5.77
CA VAL A 241 -0.20 28.35 -5.52
C VAL A 241 0.95 29.25 -5.98
N ASN A 242 0.71 30.05 -7.02
CA ASN A 242 1.75 30.93 -7.50
C ASN A 242 1.64 32.25 -6.82
N ARG A 243 2.26 33.26 -7.40
CA ARG A 243 2.27 34.57 -6.79
C ARG A 243 1.13 35.37 -7.41
N SER A 244 0.06 35.56 -6.64
CA SER A 244 -1.11 36.32 -7.08
C SER A 244 -0.75 37.59 -7.83
N GLN A 245 -1.68 38.11 -8.63
CA GLN A 245 -1.53 39.44 -9.22
C GLN A 245 -1.29 40.37 -8.06
N ALA A 246 -2.00 40.10 -6.98
CA ALA A 246 -1.88 40.84 -5.72
C ALA A 246 -0.44 41.16 -5.39
N ASP A 247 0.44 40.20 -5.69
CA ASP A 247 1.82 40.27 -5.25
C ASP A 247 2.79 40.65 -6.36
N ILE A 248 2.51 40.31 -7.62
CA ILE A 248 3.48 40.61 -8.68
C ILE A 248 3.71 42.09 -8.77
N ASN A 249 2.67 42.87 -8.46
CA ASN A 249 2.79 44.32 -8.41
C ASN A 249 3.49 44.77 -7.14
N LYS A 250 3.21 44.07 -6.02
CA LYS A 250 3.86 44.32 -4.74
C LYS A 250 5.32 43.85 -4.78
N ASN A 251 5.77 43.49 -5.98
CA ASN A 251 7.16 43.16 -6.29
C ASN A 251 7.64 41.85 -5.72
N VAL A 252 6.82 41.26 -4.84
CA VAL A 252 7.18 40.06 -4.11
C VAL A 252 8.27 39.22 -4.78
N ASP A 253 9.28 38.89 -4.00
CA ASP A 253 10.39 38.07 -4.46
C ASP A 253 9.83 36.74 -4.88
N MET A 254 10.62 35.94 -5.59
CA MET A 254 10.18 34.60 -5.93
C MET A 254 10.40 33.70 -4.73
N ILE A 255 11.44 34.00 -3.98
CA ILE A 255 11.90 33.14 -2.91
C ILE A 255 10.93 33.01 -1.72
N ALA A 256 10.59 34.13 -1.09
CA ALA A 256 9.69 34.09 0.05
C ALA A 256 8.28 33.89 -0.48
N ALA A 257 8.16 33.90 -1.79
CA ALA A 257 6.93 33.53 -2.39
C ALA A 257 6.65 32.05 -2.08
N ARG A 258 7.65 31.18 -2.23
CA ARG A 258 7.44 29.75 -1.96
C ARG A 258 7.28 29.42 -0.48
N LYS A 259 7.89 30.22 0.39
CA LYS A 259 7.64 30.11 1.82
C LYS A 259 6.20 30.54 2.12
N ARG A 260 5.46 30.89 1.08
CA ARG A 260 4.07 31.31 1.21
C ARG A 260 3.10 30.22 0.80
N GLU A 261 3.38 29.61 -0.34
CA GLU A 261 2.50 28.57 -0.82
C GLU A 261 2.69 27.38 0.09
N ARG A 262 3.91 27.25 0.61
CA ARG A 262 4.18 26.37 1.75
C ARG A 262 3.07 26.55 2.81
N GLU A 263 3.19 27.67 3.53
CA GLU A 263 2.26 28.11 4.56
C GLU A 263 0.84 27.78 4.18
N TYR A 264 0.54 27.82 2.90
CA TYR A 264 -0.81 27.49 2.48
C TYR A 264 -1.12 26.07 2.95
N PHE A 265 -1.07 25.08 2.06
CA PHE A 265 -1.66 23.77 2.36
C PHE A 265 -1.23 23.06 3.66
N SER A 266 -0.03 23.37 4.16
CA SER A 266 0.43 22.84 5.45
C SER A 266 -0.48 23.36 6.58
N ASN A 267 -0.93 24.60 6.42
CA ASN A 267 -1.63 25.34 7.45
C ASN A 267 -2.97 25.90 6.98
N THR A 268 -3.65 25.17 6.08
CA THR A 268 -5.05 25.46 5.70
C THR A 268 -5.93 24.22 5.79
N THR A 269 -6.84 24.23 6.75
CA THR A 269 -7.70 23.10 7.08
C THR A 269 -7.91 22.08 5.96
N GLU A 270 -8.40 22.55 4.83
CA GLU A 270 -8.90 21.67 3.77
C GLU A 270 -7.89 20.69 3.13
N TYR A 271 -6.62 21.09 2.98
CA TYR A 271 -5.63 20.17 2.43
C TYR A 271 -4.41 20.02 3.31
N ARG A 272 -4.58 20.31 4.60
CA ARG A 272 -3.51 20.10 5.56
C ARG A 272 -3.03 18.66 5.49
N HIS A 273 -3.82 17.78 4.90
CA HIS A 273 -3.48 16.37 4.78
C HIS A 273 -2.90 16.01 3.43
N LEU A 274 -3.30 16.68 2.36
CA LEU A 274 -2.69 16.40 1.06
C LEU A 274 -1.37 17.13 0.96
N ALA A 275 -1.07 17.90 1.99
CA ALA A 275 -0.08 19.01 1.98
C ALA A 275 1.28 18.80 1.33
N ASN A 276 1.71 17.55 1.26
CA ASN A 276 3.10 17.28 1.00
C ASN A 276 3.36 16.90 -0.43
N LYS A 277 2.30 16.61 -1.16
CA LYS A 277 2.48 16.27 -2.55
C LYS A 277 2.13 17.49 -3.38
N MET A 278 2.09 18.65 -2.72
CA MET A 278 1.69 19.91 -3.37
C MET A 278 2.78 20.97 -3.39
N GLY A 279 2.86 21.71 -4.49
CA GLY A 279 3.74 22.86 -4.53
C GLY A 279 4.89 22.82 -5.51
N SER A 280 5.24 24.00 -6.03
CA SER A 280 6.35 24.21 -6.94
C SER A 280 7.57 23.34 -6.61
N GLU A 281 8.21 23.64 -5.48
CA GLU A 281 9.29 22.83 -4.94
C GLU A 281 9.15 21.32 -5.18
N HIS A 282 7.92 20.83 -5.09
CA HIS A 282 7.62 19.40 -5.21
C HIS A 282 7.59 19.00 -6.65
N LEU A 283 6.50 19.34 -7.29
CA LEU A 283 6.34 19.05 -8.68
C LEU A 283 7.72 18.77 -9.27
N ALA A 284 8.51 19.82 -9.48
CA ALA A 284 9.77 19.63 -10.15
C ALA A 284 10.36 18.28 -9.77
N LYS A 285 10.67 18.07 -8.48
CA LYS A 285 11.29 16.82 -7.99
C LYS A 285 10.67 15.63 -8.68
N MET A 286 9.37 15.73 -8.83
CA MET A 286 8.59 14.75 -9.52
C MET A 286 8.87 14.78 -11.03
N LEU A 287 8.46 15.86 -11.69
CA LEU A 287 8.73 16.02 -13.10
C LEU A 287 10.05 15.36 -13.47
N SER A 288 11.16 16.02 -13.12
CA SER A 288 12.51 15.50 -13.33
C SER A 288 12.60 13.98 -13.19
N LYS A 289 11.99 13.46 -12.11
CA LYS A 289 11.99 12.02 -11.86
C LYS A 289 11.25 11.27 -12.98
N HIS A 290 10.07 11.78 -13.38
CA HIS A 290 9.28 11.06 -14.37
C HIS A 290 9.74 11.26 -15.76
N LEU A 291 10.58 12.26 -15.95
CA LEU A 291 11.23 12.46 -17.23
C LEU A 291 12.45 11.57 -17.34
N GLU A 292 13.26 11.54 -16.27
CA GLU A 292 14.47 10.74 -16.35
C GLU A 292 14.11 9.34 -16.82
N ARG A 293 13.16 8.70 -16.15
CA ARG A 293 12.67 7.40 -16.59
C ARG A 293 12.47 7.37 -18.08
N VAL A 294 11.86 8.43 -18.58
CA VAL A 294 11.48 8.54 -19.98
C VAL A 294 12.72 8.53 -20.85
N ILE A 295 13.68 9.38 -20.48
CA ILE A 295 14.86 9.59 -21.30
C ILE A 295 15.55 8.25 -21.38
N LYS A 296 16.16 7.88 -20.27
CA LYS A 296 16.63 6.53 -20.01
C LYS A 296 15.97 5.48 -20.87
N SER A 297 14.74 5.12 -20.50
CA SER A 297 14.03 4.00 -21.14
C SER A 297 13.89 4.20 -22.64
N ARG A 298 14.52 5.27 -23.13
CA ARG A 298 14.42 5.61 -24.53
C ARG A 298 15.76 5.97 -25.17
N ILE A 299 16.85 5.27 -24.83
CA ILE A 299 18.15 5.57 -25.46
C ILE A 299 18.71 4.54 -26.42
N PRO A 300 18.04 3.41 -26.59
CA PRO A 300 18.45 2.75 -27.83
C PRO A 300 17.91 3.51 -29.05
N GLY A 301 17.64 4.79 -28.84
CA GLY A 301 17.61 5.79 -29.90
C GLY A 301 19.06 5.95 -30.31
N ILE A 302 19.84 4.99 -29.85
CA ILE A 302 21.19 4.70 -30.32
C ILE A 302 20.95 3.46 -31.21
N GLN A 303 21.87 3.14 -32.14
CA GLN A 303 21.60 2.10 -33.15
C GLN A 303 20.48 2.64 -34.03
N SER A 304 19.75 3.60 -33.44
CA SER A 304 18.65 4.33 -34.04
C SER A 304 19.06 5.79 -33.94
N LEU A 305 20.10 5.98 -33.13
CA LEU A 305 21.01 7.08 -33.31
C LEU A 305 22.09 6.55 -34.24
N ILE A 306 22.76 5.50 -33.81
CA ILE A 306 23.98 5.05 -34.49
C ILE A 306 23.82 4.45 -35.91
N ASN A 307 22.59 4.48 -36.44
CA ASN A 307 22.31 4.01 -37.82
C ASN A 307 22.11 5.11 -38.86
N LYS A 308 21.83 6.33 -38.42
CA LYS A 308 21.68 7.43 -39.36
C LYS A 308 23.02 8.13 -39.60
N THR A 309 24.09 7.56 -39.07
CA THR A 309 25.41 8.11 -39.31
C THR A 309 25.93 7.57 -40.63
N VAL A 310 26.17 6.25 -40.73
CA VAL A 310 26.71 5.65 -41.96
C VAL A 310 25.87 5.86 -43.23
N LEU A 311 24.68 6.42 -43.09
CA LEU A 311 23.93 6.87 -44.26
C LEU A 311 24.52 8.22 -44.67
N GLU A 312 25.80 8.43 -44.32
CA GLU A 312 26.50 9.68 -44.59
C GLU A 312 28.01 9.48 -44.56
N LEU A 313 28.60 9.70 -43.38
CA LEU A 313 30.00 9.44 -43.02
C LEU A 313 30.74 8.41 -43.91
N GLU A 314 30.18 7.21 -44.05
CA GLU A 314 30.72 6.17 -44.97
C GLU A 314 29.78 5.91 -46.18
N THR A 315 29.20 6.99 -46.73
CA THR A 315 28.32 6.92 -47.90
C THR A 315 28.30 8.23 -48.70
N GLU A 316 29.45 8.54 -49.33
CA GLU A 316 29.62 9.71 -50.19
C GLU A 316 30.20 9.32 -51.54
N ILE A 336 24.95 22.86 -57.53
CA ILE A 336 25.92 21.78 -57.69
C ILE A 336 26.17 21.02 -56.38
N MET A 337 27.41 21.03 -55.92
CA MET A 337 27.74 20.45 -54.62
C MET A 337 27.16 21.38 -53.54
N GLU A 338 25.84 21.36 -53.41
CA GLU A 338 25.15 22.19 -52.42
C GLU A 338 24.87 21.42 -51.14
N ARG A 339 24.73 20.09 -51.25
CA ARG A 339 24.50 19.22 -50.11
C ARG A 339 25.81 18.73 -49.51
N ARG A 340 26.89 18.75 -50.31
CA ARG A 340 28.24 18.51 -49.80
C ARG A 340 28.73 19.73 -49.01
N SER A 341 28.18 20.90 -49.32
CA SER A 341 28.45 22.08 -48.53
C SER A 341 27.45 22.10 -47.37
N ALA A 342 26.59 21.08 -47.36
CA ALA A 342 25.51 20.98 -46.37
C ALA A 342 25.75 19.86 -45.38
N ILE A 343 26.13 18.69 -45.87
CA ILE A 343 26.45 17.57 -45.00
C ILE A 343 27.70 17.89 -44.16
N SER A 344 28.31 19.04 -44.46
CA SER A 344 29.44 19.53 -43.68
C SER A 344 28.98 20.10 -42.34
N LYS A 345 27.67 20.34 -42.24
CA LYS A 345 27.02 20.66 -40.97
C LYS A 345 26.28 19.42 -40.55
N ARG A 346 25.49 18.88 -41.48
CA ARG A 346 24.52 17.84 -41.19
C ARG A 346 25.08 16.67 -40.37
N LEU A 347 26.39 16.53 -40.36
CA LEU A 347 27.03 15.42 -39.67
C LEU A 347 27.59 15.80 -38.30
N GLU A 348 28.49 16.78 -38.27
CA GLU A 348 29.09 17.26 -37.02
C GLU A 348 28.11 17.12 -35.86
N LEU A 349 26.84 17.43 -36.13
CA LEU A 349 25.77 17.24 -35.17
C LEU A 349 25.72 15.82 -34.62
N TYR A 350 25.40 14.88 -35.51
CA TYR A 350 25.24 13.49 -35.11
C TYR A 350 26.55 12.88 -34.57
N ARG A 351 27.68 13.51 -34.84
CA ARG A 351 28.96 13.05 -34.30
C ARG A 351 29.23 13.65 -32.93
N ALA A 352 29.03 14.97 -32.83
CA ALA A 352 28.95 15.66 -31.55
C ALA A 352 27.92 14.98 -30.68
N ALA A 353 26.98 14.31 -31.33
CA ALA A 353 25.96 13.51 -30.63
C ALA A 353 26.59 12.37 -29.84
N GLN A 354 27.20 11.41 -30.55
CA GLN A 354 27.70 10.19 -29.93
C GLN A 354 28.50 10.47 -28.65
N SER A 355 29.69 11.04 -28.83
CA SER A 355 30.60 11.40 -27.73
C SER A 355 29.88 12.02 -26.53
N GLU A 356 29.01 12.99 -26.81
CA GLU A 356 28.17 13.64 -25.82
C GLU A 356 27.28 12.66 -25.03
N ILE A 357 26.96 11.53 -25.66
CA ILE A 357 26.36 10.37 -24.99
C ILE A 357 27.51 9.55 -24.38
N ASP A 358 28.21 8.84 -25.27
CA ASP A 358 29.36 8.02 -24.93
C ASP A 358 30.02 8.38 -23.62
N ALA A 359 30.68 9.54 -23.61
CA ALA A 359 31.28 10.10 -22.42
C ALA A 359 30.57 9.63 -21.14
N VAL A 360 29.50 10.33 -20.75
CA VAL A 360 28.73 9.90 -19.58
C VAL A 360 27.28 10.37 -19.70
N ASN B 3 -46.11 42.82 -21.93
CA ASN B 3 -47.46 42.54 -22.44
C ASN B 3 -47.42 42.04 -23.85
N LEU B 4 -46.73 42.76 -24.73
CA LEU B 4 -46.58 42.29 -26.12
C LEU B 4 -45.80 40.99 -26.08
N ILE B 5 -44.88 40.94 -25.13
CA ILE B 5 -44.14 39.73 -24.82
C ILE B 5 -45.11 38.61 -24.38
N SER B 6 -45.68 38.74 -23.17
CA SER B 6 -46.70 37.81 -22.62
C SER B 6 -47.61 37.06 -23.62
N LEU B 7 -47.72 37.60 -24.82
CA LEU B 7 -48.50 37.04 -25.90
C LEU B 7 -47.69 35.93 -26.56
N VAL B 8 -46.47 36.30 -26.93
CA VAL B 8 -45.53 35.37 -27.48
C VAL B 8 -45.56 34.13 -26.58
N ASN B 9 -45.20 34.28 -25.30
CA ASN B 9 -45.40 33.19 -24.36
C ASN B 9 -46.74 32.54 -24.66
N LYS B 10 -47.82 33.25 -24.31
CA LYS B 10 -49.20 32.77 -24.43
C LYS B 10 -49.40 32.01 -25.72
N ILE B 11 -48.64 32.38 -26.72
CA ILE B 11 -48.72 31.68 -27.99
C ILE B 11 -47.97 30.36 -27.92
N GLN B 12 -46.64 30.42 -27.84
CA GLN B 12 -45.84 29.22 -28.03
C GLN B 12 -46.29 28.08 -27.14
N ARG B 13 -46.78 28.39 -25.94
CA ARG B 13 -47.26 27.33 -25.08
C ARG B 13 -48.20 26.52 -25.93
N ALA B 14 -48.99 27.21 -26.74
CA ALA B 14 -49.97 26.56 -27.60
C ALA B 14 -49.39 25.70 -28.72
N CYS B 15 -48.40 26.21 -29.45
CA CYS B 15 -47.83 25.41 -30.51
C CYS B 15 -47.37 24.16 -29.82
N THR B 16 -46.10 24.13 -29.49
CA THR B 16 -45.56 23.05 -28.69
C THR B 16 -46.36 22.91 -27.40
N ALA B 17 -47.64 22.63 -27.60
CA ALA B 17 -48.54 21.96 -26.66
C ALA B 17 -49.10 20.85 -27.53
N LEU B 18 -48.61 20.83 -28.76
CA LEU B 18 -48.96 19.84 -29.77
C LEU B 18 -48.16 20.19 -31.00
N GLY B 19 -47.27 21.16 -30.85
CA GLY B 19 -46.53 21.70 -31.99
C GLY B 19 -45.09 21.25 -31.99
N ASP B 20 -44.80 20.20 -31.24
CA ASP B 20 -43.44 19.65 -31.08
C ASP B 20 -43.07 18.60 -32.16
N HIS B 21 -44.07 18.14 -32.93
CA HIS B 21 -43.78 17.30 -34.10
C HIS B 21 -44.07 17.97 -35.46
N GLY B 22 -44.44 19.25 -35.43
CA GLY B 22 -44.62 20.07 -36.62
C GLY B 22 -45.27 19.38 -37.81
N ASP B 23 -45.16 19.97 -39.00
CA ASP B 23 -45.74 19.39 -40.20
C ASP B 23 -44.85 19.38 -41.47
N SER B 24 -43.54 19.35 -41.27
CA SER B 24 -42.53 19.36 -42.36
C SER B 24 -42.53 20.61 -43.27
N SER B 25 -43.20 21.68 -42.82
CA SER B 25 -43.17 22.99 -43.50
C SER B 25 -43.94 24.11 -42.76
N ALA B 26 -44.13 23.93 -41.45
CA ALA B 26 -44.83 24.89 -40.58
C ALA B 26 -44.53 24.71 -39.08
N LEU B 27 -43.28 24.36 -38.76
CA LEU B 27 -42.76 24.36 -37.39
C LEU B 27 -41.71 25.49 -37.23
N PRO B 28 -41.28 26.09 -38.36
CA PRO B 28 -40.73 27.42 -38.11
C PRO B 28 -41.93 28.23 -37.66
N THR B 29 -42.18 28.20 -36.35
CA THR B 29 -43.26 28.95 -35.74
C THR B 29 -43.11 28.96 -34.25
N LEU B 30 -42.45 27.96 -33.67
CA LEU B 30 -41.92 28.20 -32.35
C LEU B 30 -40.66 28.96 -32.68
N TRP B 31 -39.97 28.46 -33.70
CA TRP B 31 -38.76 29.07 -34.18
C TRP B 31 -39.13 30.41 -34.76
N ASP B 32 -40.20 30.40 -35.54
CA ASP B 32 -40.71 31.66 -36.06
C ASP B 32 -40.99 32.57 -34.86
N SER B 33 -41.99 32.19 -34.07
CA SER B 33 -42.42 32.90 -32.86
C SER B 33 -41.31 32.98 -31.87
N LEU B 34 -40.10 32.83 -32.35
CA LEU B 34 -39.03 32.93 -31.39
C LEU B 34 -38.30 34.25 -31.42
N PRO B 35 -39.04 35.32 -31.07
CA PRO B 35 -38.33 36.32 -30.29
C PRO B 35 -38.41 35.76 -28.89
N ALA B 36 -37.26 35.34 -28.38
CA ALA B 36 -37.12 35.00 -26.99
C ALA B 36 -35.65 34.85 -26.77
N ILE B 37 -35.24 35.05 -25.52
CA ILE B 37 -33.85 35.04 -25.12
C ILE B 37 -33.43 33.61 -24.87
N ALA B 38 -32.26 33.24 -25.37
CA ALA B 38 -31.66 31.95 -25.06
C ALA B 38 -30.46 32.22 -24.20
N VAL B 39 -30.40 31.59 -23.02
CA VAL B 39 -29.24 31.77 -22.13
C VAL B 39 -28.06 30.80 -22.46
N VAL B 40 -27.04 31.37 -23.11
CA VAL B 40 -26.01 30.55 -23.72
C VAL B 40 -24.63 30.66 -23.10
N GLY B 41 -24.40 29.88 -22.05
CA GLY B 41 -23.13 29.94 -21.34
C GLY B 41 -22.59 28.55 -21.20
N GLY B 42 -21.29 28.47 -20.89
CA GLY B 42 -20.58 27.20 -20.76
C GLY B 42 -20.73 26.59 -19.39
N GLN B 43 -20.49 25.31 -19.28
CA GLN B 43 -20.70 24.65 -18.00
C GLN B 43 -20.17 25.50 -16.86
N SER B 44 -21.03 25.79 -15.89
CA SER B 44 -20.59 26.41 -14.65
C SER B 44 -20.39 27.94 -14.74
N SER B 45 -20.39 28.48 -15.94
CA SER B 45 -20.40 29.93 -16.15
C SER B 45 -21.20 30.67 -15.09
N GLY B 46 -22.51 30.55 -15.13
CA GLY B 46 -23.35 31.27 -14.20
C GLY B 46 -24.80 31.14 -14.55
N LYS B 47 -25.08 30.89 -15.84
CA LYS B 47 -26.44 30.68 -16.29
C LYS B 47 -27.43 30.49 -15.11
N SER B 48 -27.70 29.24 -14.73
CA SER B 48 -28.60 28.95 -13.63
C SER B 48 -28.64 30.01 -12.52
N SER B 49 -27.55 30.14 -11.77
CA SER B 49 -27.53 31.09 -10.69
C SER B 49 -28.06 32.48 -11.09
N VAL B 50 -27.86 32.88 -12.35
CA VAL B 50 -28.40 34.15 -12.85
C VAL B 50 -29.92 34.15 -12.92
N LEU B 51 -30.52 33.14 -13.58
CA LEU B 51 -32.00 33.08 -13.72
C LEU B 51 -32.72 33.09 -12.39
N GLU B 52 -32.19 32.38 -11.41
CA GLU B 52 -32.79 32.41 -10.10
C GLU B 52 -32.79 33.85 -9.60
N SER B 53 -31.81 34.62 -10.10
CA SER B 53 -31.64 36.06 -9.77
C SER B 53 -32.54 36.95 -10.64
N ILE B 54 -33.14 36.33 -11.63
CA ILE B 54 -34.05 37.02 -12.50
C ILE B 54 -35.48 36.63 -12.13
N VAL B 55 -35.62 35.83 -11.09
CA VAL B 55 -36.91 35.30 -10.75
C VAL B 55 -37.14 35.53 -9.23
N GLY B 56 -36.13 36.10 -8.59
CA GLY B 56 -36.18 36.26 -7.14
C GLY B 56 -36.38 34.96 -6.35
N LYS B 57 -36.53 33.81 -7.01
CA LYS B 57 -36.72 32.60 -6.24
C LYS B 57 -35.69 31.48 -6.47
N ASP B 58 -35.79 30.37 -5.71
CA ASP B 58 -34.82 29.27 -5.82
C ASP B 58 -35.10 28.49 -7.10
N PHE B 59 -35.69 27.32 -6.91
CA PHE B 59 -36.29 26.52 -7.99
C PHE B 59 -35.37 25.74 -8.92
N LEU B 60 -34.05 25.78 -8.71
CA LEU B 60 -33.15 25.20 -9.73
C LEU B 60 -32.25 24.08 -9.28
N PRO B 61 -32.19 23.01 -10.12
CA PRO B 61 -31.24 21.90 -9.99
C PRO B 61 -29.78 22.40 -10.07
N ARG B 62 -28.98 22.07 -9.04
CA ARG B 62 -27.69 22.74 -8.85
C ARG B 62 -26.52 22.26 -9.74
N GLY B 63 -25.92 23.21 -10.48
CA GLY B 63 -25.05 22.95 -11.62
C GLY B 63 -23.53 23.09 -11.52
N SER B 64 -22.97 22.47 -10.49
CA SER B 64 -21.54 22.12 -10.45
C SER B 64 -21.43 20.59 -10.30
N GLY B 65 -21.62 19.93 -11.44
CA GLY B 65 -22.01 18.53 -11.53
C GLY B 65 -23.31 18.48 -12.36
N ILE B 66 -23.53 19.57 -13.13
CA ILE B 66 -24.75 19.90 -13.89
C ILE B 66 -26.05 19.13 -13.65
N VAL B 67 -27.17 19.79 -13.92
CA VAL B 67 -28.48 19.12 -13.86
C VAL B 67 -29.53 19.58 -14.91
N THR B 68 -29.41 20.81 -15.42
CA THR B 68 -30.36 21.30 -16.45
C THR B 68 -29.85 21.09 -17.87
N ARG B 69 -30.08 19.89 -18.37
CA ARG B 69 -29.69 19.55 -19.72
C ARG B 69 -30.98 19.24 -20.48
N ARG B 70 -32.00 20.05 -20.17
CA ARG B 70 -33.23 20.07 -20.94
C ARG B 70 -33.51 21.52 -21.29
N PRO B 71 -33.65 21.76 -22.59
CA PRO B 71 -33.87 23.13 -23.05
C PRO B 71 -35.09 23.69 -22.34
N LEU B 72 -34.93 24.09 -21.08
CA LEU B 72 -36.02 24.68 -20.30
C LEU B 72 -36.47 26.06 -20.81
N VAL B 73 -37.64 26.10 -21.45
CA VAL B 73 -38.24 27.36 -21.91
C VAL B 73 -38.96 28.01 -20.75
N LEU B 74 -38.22 28.81 -20.01
CA LEU B 74 -38.73 29.49 -18.84
C LEU B 74 -39.48 30.73 -19.21
N GLN B 75 -40.78 30.75 -18.92
CA GLN B 75 -41.58 31.95 -19.12
C GLN B 75 -41.92 32.62 -17.82
N LEU B 76 -41.92 33.95 -17.85
CA LEU B 76 -42.31 34.78 -16.74
C LEU B 76 -43.44 35.64 -17.25
N GLN B 77 -44.29 36.06 -16.32
CA GLN B 77 -45.40 36.95 -16.59
C GLN B 77 -45.62 37.73 -15.32
N LYS B 78 -46.10 38.96 -15.44
CA LYS B 78 -46.29 39.81 -14.28
C LYS B 78 -47.71 39.75 -13.79
N ILE B 79 -47.93 39.98 -12.50
CA ILE B 79 -49.26 39.93 -11.91
C ILE B 79 -49.47 41.13 -10.99
N ASP B 80 -50.70 41.64 -10.93
CA ASP B 80 -50.98 42.82 -10.10
C ASP B 80 -50.76 42.53 -8.61
N ASP B 81 -50.36 43.55 -7.86
CA ASP B 81 -49.67 43.38 -6.58
C ASP B 81 -50.32 42.49 -5.49
N GLY B 82 -51.21 41.60 -5.90
CA GLY B 82 -51.77 40.58 -5.02
C GLY B 82 -51.02 39.29 -5.24
N THR B 83 -50.29 38.88 -4.20
CA THR B 83 -49.20 37.94 -4.33
C THR B 83 -49.53 36.43 -4.54
N ARG B 84 -50.53 36.14 -5.37
CA ARG B 84 -50.78 34.76 -5.79
C ARG B 84 -49.62 34.28 -6.67
N GLU B 85 -48.50 33.89 -6.05
CA GLU B 85 -47.21 33.69 -6.75
C GLU B 85 -47.08 32.50 -7.73
N TYR B 86 -47.38 31.29 -7.29
CA TYR B 86 -47.77 30.20 -8.20
C TYR B 86 -47.08 30.05 -9.58
N ALA B 87 -46.60 28.84 -9.88
CA ALA B 87 -46.08 28.51 -11.23
C ALA B 87 -46.65 27.20 -11.80
N GLU B 88 -46.85 27.13 -13.13
CA GLU B 88 -47.58 26.03 -13.79
C GLU B 88 -46.90 25.52 -15.07
N PHE B 89 -46.82 24.18 -15.20
CA PHE B 89 -46.09 23.50 -16.27
C PHE B 89 -46.99 23.20 -17.48
N LEU B 90 -46.38 22.83 -18.60
CA LEU B 90 -47.17 22.27 -19.69
C LEU B 90 -47.25 20.77 -19.43
N HIS B 91 -46.07 20.23 -19.15
CA HIS B 91 -45.82 18.94 -18.50
C HIS B 91 -47.02 18.38 -17.76
N LEU B 92 -47.86 19.28 -17.27
CA LEU B 92 -49.04 18.93 -16.51
C LEU B 92 -50.03 20.09 -16.61
N PRO B 93 -51.10 19.91 -17.39
CA PRO B 93 -52.06 21.01 -17.58
C PRO B 93 -52.77 21.32 -16.28
N ARG B 94 -53.39 22.48 -16.21
CA ARG B 94 -54.04 22.97 -14.99
C ARG B 94 -53.56 22.28 -13.71
N LYS B 95 -52.51 22.84 -13.11
CA LYS B 95 -52.10 22.56 -11.74
C LYS B 95 -51.17 23.68 -11.42
N LYS B 96 -51.07 24.04 -10.15
CA LYS B 96 -50.26 25.20 -9.79
C LYS B 96 -49.32 24.93 -8.60
N PHE B 97 -48.27 25.74 -8.46
CA PHE B 97 -47.17 25.41 -7.55
C PHE B 97 -46.90 26.50 -6.51
N THR B 98 -46.13 26.18 -5.47
CA THR B 98 -45.84 27.16 -4.43
C THR B 98 -44.55 26.94 -3.66
N ASP B 99 -44.48 25.81 -2.97
CA ASP B 99 -43.23 25.34 -2.43
C ASP B 99 -42.31 25.31 -3.65
N PHE B 100 -41.43 26.30 -3.82
CA PHE B 100 -40.65 26.34 -5.05
C PHE B 100 -39.77 25.11 -5.25
N ALA B 101 -39.07 24.70 -4.20
CA ALA B 101 -38.31 23.47 -4.26
C ALA B 101 -39.19 22.34 -4.80
N ALA B 102 -40.51 22.48 -4.70
CA ALA B 102 -41.42 21.46 -5.20
C ALA B 102 -41.50 21.56 -6.72
N VAL B 103 -41.15 22.74 -7.23
CA VAL B 103 -40.97 23.00 -8.65
C VAL B 103 -39.61 22.43 -9.05
N ARG B 104 -38.59 22.82 -8.28
CA ARG B 104 -37.21 22.38 -8.47
C ARG B 104 -37.11 20.87 -8.37
N LYS B 105 -37.97 20.27 -7.56
CA LYS B 105 -38.02 18.83 -7.45
C LYS B 105 -38.66 18.28 -8.71
N GLU B 106 -39.69 18.93 -9.22
CA GLU B 106 -40.32 18.45 -10.44
C GLU B 106 -39.47 18.57 -11.70
N ILE B 107 -38.78 19.71 -11.86
CA ILE B 107 -37.91 19.92 -13.04
C ILE B 107 -36.92 18.75 -13.18
N GLN B 108 -36.34 18.39 -12.03
CA GLN B 108 -35.30 17.38 -11.88
C GLN B 108 -35.90 16.02 -11.67
N ASP B 109 -37.22 15.97 -11.70
CA ASP B 109 -37.95 14.71 -11.71
C ASP B 109 -38.38 14.34 -13.13
N GLU B 110 -38.55 15.33 -14.01
CA GLU B 110 -38.79 15.05 -15.43
C GLU B 110 -37.48 14.75 -16.18
N THR B 111 -36.48 15.59 -15.95
CA THR B 111 -35.16 15.34 -16.50
C THR B 111 -34.81 13.84 -16.38
N ASP B 112 -34.87 13.31 -15.16
CA ASP B 112 -34.57 11.91 -14.85
C ASP B 112 -35.33 10.90 -15.75
N ARG B 113 -36.53 11.28 -16.19
CA ARG B 113 -37.30 10.47 -17.13
C ARG B 113 -36.69 10.48 -18.53
N GLU B 114 -35.93 11.52 -18.83
CA GLU B 114 -35.36 11.70 -20.17
C GLU B 114 -33.84 11.82 -20.18
N THR B 115 -33.16 11.15 -19.24
CA THR B 115 -31.68 11.19 -19.18
C THR B 115 -31.02 10.09 -18.32
N GLY B 116 -31.05 10.28 -17.00
CA GLY B 116 -30.42 9.36 -16.06
C GLY B 116 -30.14 10.01 -14.71
N ARG B 117 -28.86 10.13 -14.35
CA ARG B 117 -28.43 10.87 -13.16
C ARG B 117 -26.92 11.14 -13.18
N SER B 118 -26.22 10.51 -14.12
CA SER B 118 -24.79 10.75 -14.34
C SER B 118 -24.56 11.48 -15.66
N LYS B 119 -25.55 12.30 -16.04
CA LYS B 119 -25.50 13.20 -17.20
C LYS B 119 -25.75 12.52 -18.57
N ALA B 120 -26.93 12.75 -19.15
CA ALA B 120 -27.31 12.18 -20.45
C ALA B 120 -27.96 13.23 -21.37
N ILE B 121 -28.44 12.82 -22.55
CA ILE B 121 -29.04 13.79 -23.50
C ILE B 121 -30.43 13.48 -24.08
N SER B 122 -31.19 14.56 -24.28
CA SER B 122 -32.47 14.57 -25.00
C SER B 122 -32.79 16.00 -25.40
N SER B 123 -33.83 16.18 -26.23
CA SER B 123 -34.12 17.49 -26.81
C SER B 123 -35.59 17.74 -27.10
N VAL B 124 -36.45 17.53 -26.10
CA VAL B 124 -37.79 18.13 -26.10
C VAL B 124 -37.64 19.31 -25.19
N PRO B 125 -38.53 20.31 -25.27
CA PRO B 125 -38.29 21.43 -24.37
C PRO B 125 -38.88 21.21 -22.95
N ILE B 126 -39.30 22.30 -22.32
CA ILE B 126 -39.91 22.27 -20.98
C ILE B 126 -40.65 23.61 -20.79
N HIS B 127 -41.95 23.59 -20.57
CA HIS B 127 -42.64 24.86 -20.57
C HIS B 127 -43.03 25.44 -19.20
N LEU B 128 -42.16 25.27 -18.22
CA LEU B 128 -42.35 25.89 -16.91
C LEU B 128 -42.58 27.40 -16.98
N SER B 129 -43.76 27.85 -16.58
CA SER B 129 -44.08 29.28 -16.59
C SER B 129 -44.29 29.84 -15.16
N ILE B 130 -43.87 31.08 -14.93
CA ILE B 130 -43.98 31.69 -13.60
C ILE B 130 -44.64 33.07 -13.62
N TYR B 131 -45.53 33.29 -12.66
CA TYR B 131 -46.34 34.52 -12.53
C TYR B 131 -46.07 35.25 -11.19
N SER B 132 -45.77 36.55 -11.23
CA SER B 132 -45.33 37.25 -10.01
C SER B 132 -45.30 38.81 -10.07
N PRO B 133 -45.45 39.46 -8.91
CA PRO B 133 -45.12 40.87 -8.93
C PRO B 133 -43.66 41.03 -9.29
N ASN B 134 -42.76 40.29 -8.65
CA ASN B 134 -41.32 40.59 -8.75
C ASN B 134 -40.54 40.11 -9.99
N VAL B 135 -41.23 39.93 -11.11
CA VAL B 135 -40.53 39.62 -12.34
C VAL B 135 -40.98 40.59 -13.39
N VAL B 136 -40.20 40.68 -14.46
CA VAL B 136 -40.59 41.44 -15.62
C VAL B 136 -40.87 40.37 -16.63
N ASN B 137 -41.78 40.61 -17.56
CA ASN B 137 -42.14 39.59 -18.52
C ASN B 137 -40.94 39.24 -19.38
N LEU B 138 -40.64 37.95 -19.49
CA LEU B 138 -39.48 37.47 -20.26
C LEU B 138 -39.78 36.06 -20.77
N THR B 139 -38.96 35.61 -21.72
CA THR B 139 -39.08 34.27 -22.25
C THR B 139 -37.66 33.86 -22.42
N LEU B 140 -37.12 33.08 -21.51
CA LEU B 140 -35.82 32.51 -21.80
C LEU B 140 -36.03 31.11 -22.24
N ILE B 141 -35.06 30.60 -22.95
CA ILE B 141 -34.89 29.19 -22.97
C ILE B 141 -33.52 29.06 -22.39
N ASP B 142 -33.49 28.45 -21.22
CA ASP B 142 -32.26 28.13 -20.60
C ASP B 142 -31.64 27.13 -21.54
N LEU B 143 -30.33 26.92 -21.42
CA LEU B 143 -29.64 25.99 -22.30
C LEU B 143 -28.48 25.27 -21.65
N PRO B 144 -28.45 23.95 -21.80
CA PRO B 144 -27.31 23.09 -21.52
C PRO B 144 -26.00 23.88 -21.53
N GLY B 145 -25.19 23.61 -20.50
CA GLY B 145 -23.89 24.22 -20.36
C GLY B 145 -22.84 23.67 -21.29
N LEU B 146 -22.37 24.55 -22.16
CA LEU B 146 -21.28 24.29 -23.10
C LEU B 146 -20.02 23.74 -22.40
N THR B 147 -19.78 22.44 -22.57
CA THR B 147 -18.61 21.77 -22.02
C THR B 147 -17.56 21.59 -23.11
N LYS B 148 -16.39 21.09 -22.72
CA LYS B 148 -15.38 20.68 -23.69
C LYS B 148 -14.50 19.51 -23.21
N VAL B 149 -15.02 18.70 -22.28
CA VAL B 149 -14.41 17.42 -21.88
C VAL B 149 -15.43 16.38 -21.46
N ALA B 150 -15.71 15.39 -22.30
CA ALA B 150 -16.59 14.32 -21.87
C ALA B 150 -16.06 13.73 -20.54
N VAL B 151 -16.80 13.95 -19.46
CA VAL B 151 -16.40 13.47 -18.14
C VAL B 151 -17.02 12.11 -17.83
N ASP B 152 -16.22 11.18 -17.33
CA ASP B 152 -16.73 9.91 -16.74
C ASP B 152 -17.66 9.07 -17.63
N GLY B 153 -18.93 8.93 -17.21
CA GLY B 153 -19.87 8.07 -17.91
C GLY B 153 -20.56 8.61 -19.15
N GLN B 154 -20.43 9.91 -19.39
CA GLN B 154 -20.84 10.47 -20.66
C GLN B 154 -19.98 9.81 -21.74
N SER B 155 -20.61 9.04 -22.62
CA SER B 155 -19.93 8.44 -23.76
C SER B 155 -18.73 9.27 -24.20
N ASP B 156 -18.96 10.14 -25.18
CA ASP B 156 -17.94 11.02 -25.70
C ASP B 156 -18.59 11.96 -26.69
N SER B 157 -19.58 11.45 -27.42
CA SER B 157 -20.23 12.22 -28.46
C SER B 157 -21.05 13.28 -27.79
N ILE B 158 -21.18 13.13 -26.48
CA ILE B 158 -21.80 14.15 -25.63
C ILE B 158 -21.34 15.58 -25.99
N VAL B 159 -20.05 15.91 -25.85
CA VAL B 159 -19.55 17.28 -26.10
C VAL B 159 -20.12 17.88 -27.36
N LYS B 160 -19.44 17.68 -28.48
CA LYS B 160 -19.97 18.15 -29.75
C LYS B 160 -21.29 17.40 -30.00
N ASP B 161 -22.33 17.75 -29.24
CA ASP B 161 -23.70 17.32 -29.47
C ASP B 161 -24.48 18.30 -28.66
N ILE B 162 -23.85 18.83 -27.63
CA ILE B 162 -24.35 20.00 -26.95
C ILE B 162 -24.02 21.25 -27.80
N GLU B 163 -22.90 21.22 -28.52
CA GLU B 163 -22.54 22.39 -29.30
C GLU B 163 -23.64 22.65 -30.31
N ASN B 164 -24.02 21.65 -31.09
CA ASN B 164 -25.05 21.88 -32.10
C ASN B 164 -26.46 22.10 -31.52
N MET B 165 -26.67 21.74 -30.25
CA MET B 165 -27.93 22.03 -29.60
C MET B 165 -27.97 23.47 -29.15
N VAL B 166 -26.85 23.99 -28.67
CA VAL B 166 -26.78 25.39 -28.24
C VAL B 166 -26.81 26.27 -29.49
N ARG B 167 -26.12 25.87 -30.53
CA ARG B 167 -26.08 26.62 -31.77
C ARG B 167 -27.44 26.67 -32.46
N SER B 168 -28.27 25.66 -32.22
CA SER B 168 -29.59 25.58 -32.85
C SER B 168 -30.55 26.72 -32.46
N TYR B 169 -31.05 26.76 -31.23
CA TYR B 169 -31.92 27.87 -30.85
C TYR B 169 -31.29 29.14 -31.36
N ILE B 170 -29.97 29.22 -31.20
CA ILE B 170 -29.26 30.47 -31.45
C ILE B 170 -29.27 30.96 -32.90
N GLU B 171 -28.92 30.10 -33.85
CA GLU B 171 -28.91 30.46 -35.26
C GLU B 171 -30.10 31.31 -35.67
N LYS B 172 -31.27 31.11 -35.05
CA LYS B 172 -32.54 31.72 -35.49
C LYS B 172 -32.67 33.26 -35.30
N PRO B 173 -32.49 34.03 -36.39
CA PRO B 173 -32.32 35.49 -36.44
C PRO B 173 -33.26 36.38 -35.58
N ASN B 174 -34.21 35.79 -34.88
CA ASN B 174 -35.15 36.56 -34.06
C ASN B 174 -34.86 36.28 -32.58
N CYS B 175 -33.96 35.34 -32.37
CA CYS B 175 -33.56 34.86 -31.06
C CYS B 175 -32.46 35.75 -30.47
N ILE B 176 -32.58 36.10 -29.19
CA ILE B 176 -31.45 36.71 -28.50
C ILE B 176 -30.48 35.71 -27.80
N ILE B 177 -29.38 36.26 -27.30
CA ILE B 177 -28.29 35.49 -26.73
C ILE B 177 -27.93 36.14 -25.43
N LEU B 178 -27.98 35.37 -24.37
CA LEU B 178 -27.42 35.83 -23.12
C LEU B 178 -26.03 35.20 -22.93
N ALA B 179 -25.00 35.94 -23.33
CA ALA B 179 -23.64 35.44 -23.25
C ALA B 179 -23.15 35.60 -21.83
N ILE B 180 -23.34 34.55 -21.02
CA ILE B 180 -22.87 34.57 -19.64
C ILE B 180 -21.44 34.10 -19.51
N SER B 181 -20.60 34.95 -18.93
CA SER B 181 -19.17 34.70 -18.87
C SER B 181 -18.57 35.35 -17.61
N PRO B 182 -17.85 34.54 -16.80
CA PRO B 182 -17.31 34.88 -15.48
C PRO B 182 -15.97 35.61 -15.49
N ALA B 183 -15.87 36.59 -14.60
CA ALA B 183 -14.75 37.51 -14.58
C ALA B 183 -13.38 36.84 -14.35
N ASN B 184 -13.35 35.70 -13.68
CA ASN B 184 -12.06 35.10 -13.32
C ASN B 184 -11.40 34.26 -14.41
N GLN B 185 -11.67 34.61 -15.68
CA GLN B 185 -10.94 34.02 -16.79
C GLN B 185 -11.00 34.85 -18.09
N ASP B 186 -9.81 35.29 -18.52
CA ASP B 186 -9.65 36.08 -19.72
C ASP B 186 -10.65 35.75 -20.80
N LEU B 187 -11.58 36.67 -21.02
CA LEU B 187 -12.62 36.57 -22.04
C LEU B 187 -12.19 35.86 -23.34
N ALA B 188 -10.93 35.98 -23.73
CA ALA B 188 -10.42 35.25 -24.89
C ALA B 188 -10.38 33.72 -24.66
N THR B 189 -11.13 33.28 -23.66
CA THR B 189 -11.38 31.89 -23.38
C THR B 189 -12.81 31.79 -22.87
N SER B 190 -13.66 32.64 -23.42
CA SER B 190 -15.08 32.43 -23.26
C SER B 190 -15.51 31.52 -24.37
N ASP B 191 -15.80 30.25 -24.00
CA ASP B 191 -16.42 29.30 -24.90
C ASP B 191 -17.69 30.01 -25.44
N ALA B 192 -18.20 30.93 -24.61
CA ALA B 192 -19.42 31.68 -24.90
C ALA B 192 -19.25 32.76 -25.99
N ILE B 193 -18.53 33.83 -25.65
CA ILE B 193 -18.22 34.88 -26.61
C ILE B 193 -17.71 34.31 -27.90
N LYS B 194 -16.81 33.33 -27.80
CA LYS B 194 -16.37 32.59 -28.98
C LYS B 194 -17.56 32.12 -29.82
N ILE B 195 -18.42 31.31 -29.21
CA ILE B 195 -19.47 30.55 -29.89
C ILE B 195 -20.73 31.39 -30.02
N SER B 196 -20.59 32.66 -29.66
CA SER B 196 -21.60 33.65 -29.96
C SER B 196 -21.18 34.28 -31.26
N ARG B 197 -20.11 35.06 -31.19
CA ARG B 197 -19.49 35.62 -32.38
C ARG B 197 -19.43 34.62 -33.53
N GLU B 198 -19.63 33.35 -33.23
CA GLU B 198 -19.79 32.38 -34.30
C GLU B 198 -21.02 32.75 -35.10
N VAL B 199 -22.20 32.54 -34.49
CA VAL B 199 -23.46 32.82 -35.17
C VAL B 199 -23.74 34.29 -35.38
N ASP B 200 -23.31 35.11 -34.43
CA ASP B 200 -23.63 36.53 -34.47
C ASP B 200 -22.42 37.41 -34.61
N PRO B 201 -21.85 37.45 -35.82
CA PRO B 201 -20.66 38.29 -36.01
C PRO B 201 -21.07 39.74 -35.96
N SER B 202 -22.36 40.01 -36.07
CA SER B 202 -22.86 41.36 -35.99
C SER B 202 -22.96 41.85 -34.55
N GLY B 203 -22.76 40.95 -33.59
CA GLY B 203 -22.90 41.31 -32.18
C GLY B 203 -24.20 42.07 -31.88
N ASP B 204 -25.23 41.76 -32.67
CA ASP B 204 -26.47 42.51 -32.73
C ASP B 204 -27.55 41.98 -31.82
N ARG B 205 -27.55 40.68 -31.62
CA ARG B 205 -28.53 40.11 -30.73
C ARG B 205 -27.85 39.36 -29.59
N THR B 206 -26.69 39.87 -29.19
CA THR B 206 -26.01 39.36 -28.03
C THR B 206 -25.94 40.47 -27.01
N PHE B 207 -26.24 40.17 -25.75
CA PHE B 207 -26.00 41.10 -24.63
C PHE B 207 -24.99 40.52 -23.66
N GLY B 208 -24.16 41.35 -23.06
CA GLY B 208 -23.10 40.84 -22.22
C GLY B 208 -23.52 40.48 -20.81
N VAL B 209 -22.78 39.58 -20.17
CA VAL B 209 -23.01 39.27 -18.77
C VAL B 209 -21.72 38.85 -18.10
N LEU B 210 -21.17 39.71 -17.24
CA LEU B 210 -20.14 39.25 -16.31
C LEU B 210 -20.79 38.45 -15.18
N THR B 211 -20.00 37.68 -14.45
CA THR B 211 -20.49 36.99 -13.27
C THR B 211 -19.31 36.74 -12.37
N LYS B 212 -19.59 36.33 -11.13
CA LYS B 212 -18.54 36.08 -10.16
C LYS B 212 -17.54 37.26 -10.27
N ILE B 213 -17.70 38.28 -9.46
CA ILE B 213 -16.87 39.48 -9.56
C ILE B 213 -16.30 39.75 -8.18
N ASP B 214 -16.97 39.23 -7.17
CA ASP B 214 -16.43 39.20 -5.83
C ASP B 214 -15.39 38.10 -5.84
N LEU B 215 -15.50 37.20 -6.82
CA LEU B 215 -14.64 36.02 -6.92
C LEU B 215 -13.49 36.29 -7.86
N MET B 216 -13.25 37.57 -8.11
CA MET B 216 -12.12 38.10 -8.89
C MET B 216 -10.91 38.29 -7.98
N ASP B 217 -9.75 38.62 -8.55
CA ASP B 217 -8.55 38.60 -7.70
C ASP B 217 -8.04 39.93 -7.18
N LYS B 218 -8.02 40.08 -5.85
CA LYS B 218 -7.40 41.24 -5.22
C LYS B 218 -6.17 41.44 -6.05
N GLY B 219 -6.24 42.43 -6.92
CA GLY B 219 -5.22 42.70 -7.92
C GLY B 219 -5.88 43.27 -9.16
N THR B 220 -6.61 42.40 -9.87
CA THR B 220 -7.32 42.78 -11.09
C THR B 220 -8.73 43.23 -10.75
N ASP B 221 -9.48 43.57 -11.78
CA ASP B 221 -10.92 43.82 -11.64
C ASP B 221 -11.59 43.85 -13.00
N ALA B 222 -12.61 44.68 -13.15
CA ALA B 222 -13.31 44.79 -14.44
C ALA B 222 -13.69 46.21 -14.86
N VAL B 223 -13.18 47.21 -14.17
CA VAL B 223 -13.33 48.60 -14.59
C VAL B 223 -13.40 48.64 -16.12
N GLU B 224 -12.61 47.79 -16.77
CA GLU B 224 -12.39 47.96 -18.20
C GLU B 224 -13.49 47.40 -19.09
N ILE B 225 -14.16 46.34 -18.66
CA ILE B 225 -15.18 45.72 -19.51
C ILE B 225 -16.57 46.34 -19.38
N LEU B 226 -16.87 46.78 -18.16
CA LEU B 226 -18.12 47.48 -17.85
C LEU B 226 -18.19 48.88 -18.49
N GLU B 227 -17.10 49.63 -18.40
CA GLU B 227 -16.94 50.84 -19.18
C GLU B 227 -16.93 50.48 -20.68
N GLY B 228 -17.07 49.18 -20.98
CA GLY B 228 -17.07 48.68 -22.35
C GLY B 228 -15.93 49.23 -23.20
N ARG B 229 -14.68 49.00 -22.75
CA ARG B 229 -13.47 49.48 -23.42
C ARG B 229 -12.44 48.40 -23.67
N SER B 230 -12.83 47.15 -23.39
CA SER B 230 -11.93 45.97 -23.47
C SER B 230 -12.44 44.90 -24.46
N PHE B 231 -13.66 44.44 -24.22
CA PHE B 231 -14.33 43.49 -25.08
C PHE B 231 -15.70 44.02 -25.38
N LYS B 232 -15.80 45.20 -25.99
CA LYS B 232 -17.10 45.83 -26.16
C LYS B 232 -18.04 45.01 -27.03
N LEU B 233 -19.32 45.15 -26.75
CA LEU B 233 -20.35 44.51 -27.54
C LEU B 233 -20.94 45.52 -28.52
N LYS B 234 -22.22 45.86 -28.29
CA LYS B 234 -22.89 46.97 -28.96
C LYS B 234 -23.74 47.59 -27.89
N TYR B 235 -24.19 46.72 -27.00
CA TYR B 235 -24.90 47.16 -25.84
C TYR B 235 -23.93 47.22 -24.69
N PRO B 236 -24.30 47.96 -23.64
CA PRO B 236 -23.64 47.85 -22.34
C PRO B 236 -23.42 46.40 -21.95
N TRP B 237 -22.51 46.18 -21.00
CA TRP B 237 -22.22 44.86 -20.46
C TRP B 237 -22.72 44.90 -19.02
N VAL B 238 -23.72 44.10 -18.69
CA VAL B 238 -24.15 44.03 -17.30
C VAL B 238 -23.47 42.86 -16.62
N GLY B 239 -22.91 43.13 -15.44
CA GLY B 239 -22.19 42.11 -14.68
C GLY B 239 -22.85 41.98 -13.33
N VAL B 240 -22.92 40.76 -12.80
CA VAL B 240 -23.67 40.54 -11.57
C VAL B 240 -23.04 39.61 -10.57
N VAL B 241 -23.69 39.51 -9.41
CA VAL B 241 -23.22 38.71 -8.32
C VAL B 241 -24.37 37.84 -7.81
N ASN B 242 -24.54 36.67 -8.41
CA ASN B 242 -25.49 35.70 -7.93
C ASN B 242 -24.98 35.16 -6.61
N ARG B 243 -25.62 34.13 -6.07
CA ARG B 243 -25.16 33.57 -4.81
C ARG B 243 -23.95 32.70 -5.13
N SER B 244 -23.03 32.54 -4.17
CA SER B 244 -21.88 31.62 -4.32
C SER B 244 -22.19 30.32 -3.61
N GLN B 245 -21.43 29.26 -3.87
CA GLN B 245 -21.69 28.01 -3.19
C GLN B 245 -21.94 28.28 -1.72
N ALA B 246 -20.91 28.82 -1.08
CA ALA B 246 -21.00 29.50 0.20
C ALA B 246 -22.44 29.75 0.64
N ASP B 247 -23.10 30.60 -0.14
CA ASP B 247 -24.42 31.11 0.18
C ASP B 247 -25.48 30.06 0.06
N ILE B 248 -25.42 29.28 -1.02
CA ILE B 248 -26.41 28.24 -1.27
C ILE B 248 -26.48 27.21 -0.12
N ASN B 249 -25.46 27.23 0.72
CA ASN B 249 -25.32 26.30 1.84
C ASN B 249 -26.10 26.73 3.08
N LYS B 250 -25.85 27.94 3.57
CA LYS B 250 -26.65 28.49 4.65
C LYS B 250 -28.06 28.81 4.12
N ASN B 251 -28.41 28.18 2.99
CA ASN B 251 -29.64 28.50 2.23
C ASN B 251 -30.04 29.98 2.28
N VAL B 252 -29.15 30.82 1.79
CA VAL B 252 -29.31 32.26 1.83
C VAL B 252 -30.62 32.71 1.15
N ASP B 253 -31.68 32.87 1.95
CA ASP B 253 -32.97 33.22 1.38
C ASP B 253 -32.81 34.12 0.15
N MET B 254 -33.41 33.67 -0.94
CA MET B 254 -33.25 34.34 -2.21
C MET B 254 -33.38 35.84 -2.05
N ILE B 255 -34.44 36.28 -1.40
CA ILE B 255 -34.77 37.71 -1.27
C ILE B 255 -33.57 38.46 -0.75
N ALA B 256 -32.73 37.72 -0.03
CA ALA B 256 -31.44 38.21 0.47
C ALA B 256 -30.42 38.35 -0.67
N ALA B 257 -30.82 37.87 -1.85
CA ALA B 257 -30.04 38.12 -3.05
C ALA B 257 -29.89 39.61 -3.22
N ARG B 258 -30.27 40.07 -4.39
CA ARG B 258 -30.25 41.50 -4.72
C ARG B 258 -29.69 42.41 -3.60
N LYS B 259 -30.22 42.29 -2.39
CA LYS B 259 -29.67 42.97 -1.21
C LYS B 259 -28.15 42.95 -1.25
N ARG B 260 -27.61 41.83 -0.76
CA ARG B 260 -26.22 41.43 -0.92
C ARG B 260 -25.39 42.29 -1.88
N GLU B 261 -25.75 42.20 -3.16
CA GLU B 261 -24.93 42.73 -4.21
C GLU B 261 -25.09 44.23 -4.25
N ARG B 262 -26.34 44.69 -4.10
CA ARG B 262 -26.60 46.11 -4.21
C ARG B 262 -25.50 46.82 -3.45
N GLU B 263 -25.46 46.57 -2.15
CA GLU B 263 -24.48 47.23 -1.28
C GLU B 263 -23.06 46.86 -1.63
N TYR B 264 -22.90 45.66 -2.18
CA TYR B 264 -21.64 45.31 -2.81
C TYR B 264 -21.45 46.39 -3.85
N PHE B 265 -22.03 46.16 -5.02
CA PHE B 265 -21.92 47.10 -6.13
C PHE B 265 -21.92 48.60 -5.79
N SER B 266 -22.63 49.00 -4.72
CA SER B 266 -22.69 50.41 -4.24
C SER B 266 -21.43 50.86 -3.49
N ASN B 267 -20.98 50.00 -2.59
CA ASN B 267 -19.85 50.25 -1.71
C ASN B 267 -18.62 49.50 -2.18
N THR B 268 -18.05 49.86 -3.33
CA THR B 268 -16.90 49.11 -3.85
C THR B 268 -15.83 49.93 -4.59
N THR B 269 -15.97 51.25 -4.60
CA THR B 269 -15.00 52.14 -5.23
C THR B 269 -14.80 51.83 -6.70
N GLU B 270 -14.11 50.73 -6.97
CA GLU B 270 -13.81 50.24 -8.31
C GLU B 270 -14.98 50.36 -9.24
N TYR B 271 -16.16 50.08 -8.68
CA TYR B 271 -17.40 49.92 -9.42
C TYR B 271 -18.42 50.97 -9.00
N ARG B 272 -18.44 51.22 -7.70
CA ARG B 272 -19.26 52.28 -7.11
C ARG B 272 -20.20 52.89 -8.12
N HIS B 273 -19.69 53.84 -8.91
CA HIS B 273 -20.53 54.72 -9.71
C HIS B 273 -21.46 54.06 -10.73
N LEU B 274 -21.30 52.74 -10.96
CA LEU B 274 -22.07 52.02 -11.98
C LEU B 274 -23.31 51.31 -11.42
N ALA B 275 -23.21 50.87 -10.18
CA ALA B 275 -24.23 50.08 -9.53
C ALA B 275 -25.68 50.60 -9.55
N ASN B 276 -26.04 51.44 -10.51
CA ASN B 276 -27.46 51.72 -10.64
C ASN B 276 -27.87 51.22 -11.99
N LYS B 277 -26.87 51.07 -12.85
CA LYS B 277 -27.04 50.51 -14.16
C LYS B 277 -26.55 49.06 -14.17
N MET B 278 -26.38 48.47 -12.96
CA MET B 278 -25.66 47.19 -12.77
C MET B 278 -26.42 46.06 -12.11
N GLY B 279 -27.19 46.36 -11.07
CA GLY B 279 -27.89 45.32 -10.34
C GLY B 279 -28.40 44.11 -11.14
N SER B 280 -28.60 43.00 -10.44
CA SER B 280 -29.35 41.87 -10.97
C SER B 280 -30.71 42.34 -11.50
N GLU B 281 -31.58 42.77 -10.60
CA GLU B 281 -32.93 43.24 -10.96
C GLU B 281 -32.97 44.03 -12.28
N HIS B 282 -31.94 44.84 -12.51
CA HIS B 282 -31.85 45.77 -13.62
C HIS B 282 -31.39 45.11 -14.91
N LEU B 283 -31.09 43.82 -14.85
CA LEU B 283 -30.89 43.09 -16.09
C LEU B 283 -32.28 42.80 -16.65
N ALA B 284 -33.08 42.02 -15.94
CA ALA B 284 -34.44 41.77 -16.37
C ALA B 284 -35.06 43.01 -16.98
N LYS B 285 -35.24 44.06 -16.17
CA LYS B 285 -35.79 45.32 -16.67
C LYS B 285 -35.19 45.62 -18.05
N MET B 286 -33.88 45.77 -18.10
CA MET B 286 -33.16 46.11 -19.33
C MET B 286 -33.38 45.15 -20.48
N LEU B 287 -33.74 43.90 -20.19
CA LEU B 287 -33.98 42.91 -21.24
C LEU B 287 -35.40 42.97 -21.67
N SER B 288 -36.29 42.80 -20.70
CA SER B 288 -37.74 42.85 -20.93
C SER B 288 -38.14 44.08 -21.72
N LYS B 289 -37.37 45.17 -21.58
CA LYS B 289 -37.66 46.37 -22.35
C LYS B 289 -37.09 46.20 -23.74
N HIS B 290 -36.03 45.40 -23.88
CA HIS B 290 -35.41 45.19 -25.18
C HIS B 290 -36.07 44.16 -26.04
N LEU B 291 -36.75 43.23 -25.40
CA LEU B 291 -37.61 42.33 -26.12
C LEU B 291 -38.74 43.12 -26.81
N GLU B 292 -39.53 43.86 -26.04
CA GLU B 292 -40.61 44.70 -26.60
C GLU B 292 -40.36 45.10 -28.06
N ARG B 293 -39.30 45.89 -28.24
CA ARG B 293 -38.92 46.40 -29.54
C ARG B 293 -38.67 45.26 -30.50
N VAL B 294 -37.88 44.29 -30.06
CA VAL B 294 -37.53 43.17 -30.91
C VAL B 294 -38.75 42.69 -31.65
N ILE B 295 -39.80 42.45 -30.87
CA ILE B 295 -41.01 41.86 -31.41
C ILE B 295 -41.78 42.84 -32.32
N LYS B 296 -42.10 44.02 -31.79
CA LYS B 296 -42.84 45.01 -32.59
C LYS B 296 -42.11 45.28 -33.90
N SER B 297 -40.87 44.79 -33.97
CA SER B 297 -40.07 44.91 -35.18
C SER B 297 -40.43 43.77 -36.11
N ARG B 298 -40.52 42.58 -35.54
CA ARG B 298 -40.57 41.41 -36.34
C ARG B 298 -41.98 41.01 -36.70
N ILE B 299 -42.95 41.38 -35.89
CA ILE B 299 -44.30 40.81 -35.99
C ILE B 299 -44.91 40.76 -37.39
N PRO B 300 -44.45 41.61 -38.32
CA PRO B 300 -44.71 41.22 -39.71
C PRO B 300 -44.14 39.83 -40.12
N GLY B 301 -43.77 39.05 -39.10
CA GLY B 301 -43.68 37.60 -39.14
C GLY B 301 -45.04 37.12 -38.71
N ILE B 302 -46.02 37.79 -39.31
CA ILE B 302 -47.44 37.50 -39.22
C ILE B 302 -47.80 37.00 -40.64
N GLN B 303 -46.91 37.27 -41.61
CA GLN B 303 -47.10 36.71 -42.98
C GLN B 303 -46.36 35.40 -43.19
N SER B 304 -45.63 35.00 -42.14
CA SER B 304 -44.94 33.72 -42.06
C SER B 304 -45.98 32.68 -41.83
N LEU B 305 -47.16 33.15 -41.43
CA LEU B 305 -48.38 32.37 -41.16
C LEU B 305 -49.30 32.36 -42.38
N ILE B 306 -50.00 33.45 -42.64
CA ILE B 306 -50.78 33.53 -43.85
C ILE B 306 -50.02 32.89 -45.00
N ASN B 307 -48.75 32.56 -44.81
CA ASN B 307 -48.10 31.70 -45.80
C ASN B 307 -48.39 30.22 -45.62
N LYS B 308 -48.30 29.68 -44.41
CA LYS B 308 -48.67 28.27 -44.21
C LYS B 308 -50.18 28.03 -44.18
N THR B 309 -50.96 28.95 -43.63
CA THR B 309 -52.40 28.78 -43.64
C THR B 309 -52.91 28.94 -45.05
N VAL B 310 -52.04 29.32 -45.96
CA VAL B 310 -52.41 29.46 -47.36
C VAL B 310 -51.95 28.18 -48.08
N LEU B 311 -50.89 27.61 -47.53
CA LEU B 311 -50.23 26.42 -48.05
C LEU B 311 -50.92 25.17 -47.49
N GLU B 312 -51.94 25.34 -46.66
CA GLU B 312 -52.67 24.18 -46.16
C GLU B 312 -54.18 24.29 -46.32
N LEU B 313 -54.74 25.47 -46.10
CA LEU B 313 -56.15 25.67 -46.43
C LEU B 313 -56.40 25.04 -47.79
N GLU B 314 -55.37 25.09 -48.65
CA GLU B 314 -55.42 24.46 -49.96
C GLU B 314 -54.72 23.10 -49.96
N THR B 315 -55.12 22.26 -49.03
CA THR B 315 -54.79 20.86 -49.08
C THR B 315 -55.84 20.12 -49.90
N GLU B 316 -56.33 20.79 -50.94
CA GLU B 316 -57.48 20.28 -51.69
C GLU B 316 -57.15 19.58 -53.00
N ILE B 336 -54.07 5.95 -44.71
CA ILE B 336 -55.41 6.27 -44.24
C ILE B 336 -55.52 7.73 -43.77
N MET B 337 -56.73 8.15 -43.35
CA MET B 337 -57.02 9.53 -42.94
C MET B 337 -56.36 9.99 -41.63
N GLU B 338 -55.02 9.98 -41.62
CA GLU B 338 -54.24 10.29 -40.45
C GLU B 338 -53.64 11.68 -40.54
N ARG B 339 -53.50 12.19 -41.77
CA ARG B 339 -53.02 13.53 -41.97
C ARG B 339 -54.16 14.53 -41.91
N ARG B 340 -54.97 14.53 -42.96
CA ARG B 340 -56.07 15.47 -43.16
C ARG B 340 -56.76 15.84 -41.86
N SER B 341 -57.59 14.96 -41.34
CA SER B 341 -58.25 15.22 -40.07
C SER B 341 -57.30 15.89 -39.05
N ALA B 342 -55.99 15.78 -39.27
CA ALA B 342 -55.00 16.31 -38.33
C ALA B 342 -54.11 17.41 -38.89
N ILE B 343 -54.40 17.81 -40.13
CA ILE B 343 -53.83 19.03 -40.68
C ILE B 343 -54.63 20.21 -40.13
N SER B 344 -55.95 20.07 -40.09
CA SER B 344 -56.81 21.16 -39.61
C SER B 344 -56.57 21.44 -38.13
N LYS B 345 -56.30 20.40 -37.36
CA LYS B 345 -55.89 20.55 -35.97
C LYS B 345 -54.49 21.20 -35.90
N ARG B 346 -54.09 21.81 -37.02
CA ARG B 346 -52.90 22.64 -37.09
C ARG B 346 -53.34 24.06 -37.37
N LEU B 347 -53.97 24.27 -38.51
CA LEU B 347 -54.54 25.58 -38.81
C LEU B 347 -55.20 26.24 -37.59
N GLU B 348 -56.37 25.73 -37.23
CA GLU B 348 -57.17 26.25 -36.11
C GLU B 348 -56.40 26.40 -34.79
N LEU B 349 -55.09 26.15 -34.84
CA LEU B 349 -54.23 26.16 -33.66
C LEU B 349 -52.90 26.80 -34.11
N TYR B 350 -53.00 27.42 -35.28
CA TYR B 350 -51.96 28.15 -36.00
C TYR B 350 -52.62 29.44 -36.43
N ARG B 351 -53.59 29.25 -37.38
CA ARG B 351 -54.35 30.40 -37.88
C ARG B 351 -54.66 31.40 -36.78
N ALA B 352 -55.80 31.00 -36.03
CA ALA B 352 -56.42 31.85 -35.00
C ALA B 352 -55.41 32.36 -33.94
N ALA B 353 -54.18 31.88 -34.02
CA ALA B 353 -53.05 32.50 -33.34
C ALA B 353 -52.77 33.90 -33.94
N GLN B 354 -52.77 33.99 -35.26
CA GLN B 354 -52.68 35.27 -35.93
C GLN B 354 -53.87 36.16 -35.58
N SER B 355 -55.04 35.58 -35.40
CA SER B 355 -56.19 36.35 -34.98
C SER B 355 -56.05 36.75 -33.51
N GLU B 356 -55.20 36.00 -32.81
CA GLU B 356 -54.90 36.25 -31.42
C GLU B 356 -53.76 37.25 -31.35
N ILE B 357 -53.16 37.49 -32.52
CA ILE B 357 -52.10 38.47 -32.72
C ILE B 357 -52.69 39.72 -33.32
N ASP B 358 -53.46 39.52 -34.38
CA ASP B 358 -54.27 40.54 -35.03
C ASP B 358 -54.96 41.40 -34.00
N ALA B 359 -55.53 40.70 -33.04
CA ALA B 359 -56.20 41.23 -31.85
C ALA B 359 -55.48 42.41 -31.20
N VAL B 360 -54.25 42.15 -30.74
CA VAL B 360 -53.44 43.15 -30.08
C VAL B 360 -52.25 43.57 -30.94
N ASN C 3 8.71 6.24 8.28
CA ASN C 3 7.70 6.72 7.33
C ASN C 3 8.10 6.28 5.91
N LEU C 4 9.11 5.41 5.86
CA LEU C 4 9.58 4.76 4.60
C LEU C 4 9.09 3.31 4.55
N ILE C 5 8.85 2.75 5.73
CA ILE C 5 8.19 1.47 5.84
C ILE C 5 6.71 1.77 5.61
N SER C 6 6.20 2.78 6.31
CA SER C 6 4.92 3.41 6.00
C SER C 6 4.55 3.27 4.52
N LEU C 7 5.54 3.36 3.64
CA LEU C 7 5.27 3.25 2.21
C LEU C 7 5.00 1.82 1.87
N VAL C 8 5.99 0.96 2.09
CA VAL C 8 5.89 -0.41 1.63
C VAL C 8 4.53 -0.93 2.05
N ASN C 9 4.06 -0.44 3.20
CA ASN C 9 2.71 -0.70 3.64
C ASN C 9 1.72 -0.12 2.62
N LYS C 10 1.85 1.18 2.37
CA LYS C 10 1.06 1.87 1.35
C LYS C 10 1.02 1.08 0.06
N ILE C 11 2.00 0.20 -0.09
CA ILE C 11 2.06 -0.65 -1.26
C ILE C 11 1.31 -1.93 -0.94
N GLN C 12 1.97 -2.82 -0.21
CA GLN C 12 1.35 -4.04 0.23
C GLN C 12 -0.12 -4.10 -0.21
N ARG C 13 -0.99 -3.35 0.48
CA ARG C 13 -2.45 -3.48 0.31
C ARG C 13 -2.93 -3.04 -1.05
N ALA C 14 -2.23 -2.08 -1.63
CA ALA C 14 -2.48 -1.65 -2.98
C ALA C 14 -1.83 -2.62 -3.96
N CYS C 15 -1.33 -3.71 -3.43
CA CYS C 15 -1.02 -4.86 -4.27
C CYS C 15 -2.11 -5.87 -4.03
N THR C 16 -2.78 -5.71 -2.89
CA THR C 16 -3.83 -6.65 -2.48
C THR C 16 -5.16 -6.29 -3.15
N ALA C 17 -5.16 -5.22 -3.93
CA ALA C 17 -6.35 -4.83 -4.67
C ALA C 17 -6.81 -5.91 -5.67
N LEU C 18 -5.86 -6.58 -6.30
CA LEU C 18 -6.10 -7.34 -7.53
C LEU C 18 -5.59 -8.78 -7.57
N GLY C 19 -5.01 -9.17 -8.72
CA GLY C 19 -4.52 -10.52 -8.93
C GLY C 19 -3.40 -10.96 -8.01
N ASP C 20 -3.77 -11.78 -7.02
CA ASP C 20 -2.89 -12.27 -5.94
C ASP C 20 -1.80 -13.26 -6.38
N HIS C 21 -2.22 -14.39 -6.98
CA HIS C 21 -1.29 -15.45 -7.39
C HIS C 21 -0.65 -15.17 -8.76
N GLY C 22 -0.85 -13.96 -9.28
CA GLY C 22 -0.13 -13.50 -10.45
C GLY C 22 -0.89 -13.05 -11.70
N ASP C 23 -0.35 -12.03 -12.36
CA ASP C 23 -0.71 -11.70 -13.74
C ASP C 23 -0.23 -12.86 -14.59
N SER C 24 1.06 -12.85 -14.87
CA SER C 24 1.82 -14.07 -15.16
C SER C 24 2.98 -14.05 -14.17
N SER C 25 3.15 -12.89 -13.52
CA SER C 25 4.03 -12.71 -12.37
C SER C 25 3.67 -11.44 -11.57
N ALA C 26 2.70 -11.57 -10.65
CA ALA C 26 2.23 -10.44 -9.82
C ALA C 26 2.69 -10.52 -8.36
N LEU C 27 3.86 -11.13 -8.15
CA LEU C 27 4.51 -11.19 -6.82
C LEU C 27 5.78 -10.33 -6.80
N PRO C 28 6.49 -10.22 -7.94
CA PRO C 28 7.72 -9.40 -8.02
C PRO C 28 7.61 -7.97 -7.43
N THR C 29 6.41 -7.43 -7.29
CA THR C 29 6.28 -6.24 -6.44
C THR C 29 5.96 -6.71 -5.00
N LEU C 30 4.94 -7.56 -4.84
CA LEU C 30 4.67 -8.10 -3.50
C LEU C 30 5.86 -8.97 -3.14
N TRP C 31 5.88 -10.21 -3.62
CA TRP C 31 6.99 -11.13 -3.32
C TRP C 31 8.34 -10.59 -3.79
N ASP C 32 8.55 -9.29 -3.58
CA ASP C 32 9.82 -8.64 -3.81
C ASP C 32 9.85 -7.32 -3.04
N SER C 33 8.89 -6.44 -3.30
CA SER C 33 8.73 -5.25 -2.46
C SER C 33 8.34 -5.75 -1.10
N LEU C 34 8.58 -7.03 -0.87
CA LEU C 34 8.26 -7.66 0.39
C LEU C 34 9.37 -7.44 1.42
N PRO C 35 10.18 -6.37 1.26
CA PRO C 35 10.99 -6.22 2.47
C PRO C 35 10.04 -6.15 3.63
N ALA C 36 9.98 -7.27 4.35
CA ALA C 36 8.98 -7.49 5.37
C ALA C 36 9.56 -8.40 6.43
N ILE C 37 9.29 -8.02 7.66
CA ILE C 37 9.84 -8.65 8.81
C ILE C 37 9.04 -9.90 9.04
N ALA C 38 9.69 -11.05 9.03
CA ALA C 38 8.98 -12.29 9.24
C ALA C 38 9.26 -12.80 10.62
N VAL C 39 8.21 -13.21 11.34
CA VAL C 39 8.37 -13.91 12.63
C VAL C 39 8.26 -15.41 12.51
N VAL C 40 9.20 -16.05 13.17
CA VAL C 40 9.44 -17.45 13.01
C VAL C 40 9.88 -17.94 14.37
N GLY C 41 9.07 -18.82 14.96
CA GLY C 41 9.42 -19.42 16.24
C GLY C 41 8.58 -20.62 16.56
N GLY C 42 9.17 -21.58 17.28
CA GLY C 42 8.45 -22.81 17.63
C GLY C 42 7.13 -22.55 18.34
N GLN C 43 6.28 -23.57 18.48
CA GLN C 43 4.96 -23.34 19.08
C GLN C 43 5.12 -23.03 20.54
N SER C 44 4.15 -22.31 21.08
CA SER C 44 4.17 -21.77 22.45
C SER C 44 5.56 -21.38 22.94
N SER C 45 6.13 -20.35 22.33
CA SER C 45 7.48 -19.91 22.65
C SER C 45 7.50 -18.44 23.01
N GLY C 46 6.37 -17.78 22.84
CA GLY C 46 6.30 -16.36 23.11
C GLY C 46 6.28 -15.54 21.84
N LYS C 47 5.88 -16.13 20.73
CA LYS C 47 5.74 -15.40 19.46
C LYS C 47 4.64 -14.35 19.56
N SER C 48 3.41 -14.74 19.33
CA SER C 48 2.29 -13.83 19.49
C SER C 48 2.37 -13.06 20.80
N SER C 49 3.25 -13.53 21.70
CA SER C 49 3.52 -12.90 22.99
C SER C 49 4.20 -11.53 22.92
N VAL C 50 5.16 -11.39 22.01
CA VAL C 50 5.81 -10.10 21.77
C VAL C 50 5.06 -9.34 20.66
N LEU C 51 4.22 -10.04 19.94
CA LEU C 51 3.48 -9.37 18.89
C LEU C 51 2.25 -8.72 19.51
N GLU C 52 2.33 -8.42 20.80
CA GLU C 52 1.34 -7.56 21.43
C GLU C 52 2.11 -6.65 22.33
N SER C 53 3.36 -7.02 22.58
CA SER C 53 4.31 -6.18 23.31
C SER C 53 4.75 -4.98 22.44
N ILE C 54 4.95 -5.23 21.15
CA ILE C 54 5.11 -4.20 20.11
C ILE C 54 3.77 -3.50 19.86
N VAL C 55 2.86 -4.23 19.21
CA VAL C 55 1.52 -3.73 18.91
C VAL C 55 0.95 -2.88 20.02
N GLY C 56 1.34 -3.19 21.25
CA GLY C 56 0.87 -2.43 22.39
C GLY C 56 -0.48 -2.87 22.89
N LYS C 57 -1.20 -3.69 22.12
CA LYS C 57 -2.57 -4.10 22.46
C LYS C 57 -2.84 -5.61 22.42
N ASP C 58 -3.85 -6.05 23.19
CA ASP C 58 -4.35 -7.42 23.10
C ASP C 58 -4.34 -7.88 21.68
N PHE C 59 -5.53 -8.00 21.10
CA PHE C 59 -5.66 -8.01 19.64
C PHE C 59 -5.48 -9.38 19.01
N LEU C 60 -4.61 -10.20 19.59
CA LEU C 60 -4.43 -11.57 19.14
C LEU C 60 -5.20 -12.50 20.08
N PRO C 61 -5.49 -13.73 19.62
CA PRO C 61 -5.97 -14.77 20.52
C PRO C 61 -4.79 -15.62 21.01
N ARG C 62 -4.34 -15.37 22.25
CA ARG C 62 -3.35 -16.23 22.90
C ARG C 62 -3.97 -17.64 23.15
N GLY C 63 -3.81 -18.19 24.34
CA GLY C 63 -4.41 -19.48 24.65
C GLY C 63 -3.44 -20.57 25.09
N SER C 64 -3.73 -21.81 24.71
CA SER C 64 -2.86 -22.94 25.02
C SER C 64 -3.05 -24.08 24.04
N GLY C 65 -3.33 -23.72 22.78
CA GLY C 65 -3.40 -24.66 21.67
C GLY C 65 -2.72 -24.04 20.45
N ILE C 66 -2.97 -24.61 19.28
CA ILE C 66 -2.49 -24.03 18.02
C ILE C 66 -3.54 -23.07 17.46
N VAL C 67 -3.85 -22.04 18.24
CA VAL C 67 -4.89 -21.09 17.87
C VAL C 67 -4.36 -19.95 17.00
N THR C 68 -3.44 -20.27 16.09
CA THR C 68 -3.10 -19.41 14.95
C THR C 68 -2.39 -20.20 13.86
N ARG C 69 -3.15 -21.06 13.18
CA ARG C 69 -2.61 -21.82 12.06
C ARG C 69 -2.83 -21.05 10.75
N ARG C 70 -2.40 -19.79 10.72
CA ARG C 70 -2.63 -18.99 9.53
C ARG C 70 -1.84 -17.69 9.50
N PRO C 71 -1.20 -17.45 8.34
CA PRO C 71 -0.30 -16.32 8.02
C PRO C 71 -0.96 -14.97 8.21
N LEU C 72 -0.65 -14.38 9.35
CA LEU C 72 -1.10 -13.05 9.67
C LEU C 72 -0.08 -12.00 9.20
N VAL C 73 -0.37 -11.38 8.06
CA VAL C 73 0.40 -10.24 7.62
C VAL C 73 -0.12 -8.99 8.34
N LEU C 74 0.80 -8.20 8.86
CA LEU C 74 0.41 -7.08 9.70
C LEU C 74 0.91 -5.74 9.14
N GLN C 75 0.60 -4.65 9.83
CA GLN C 75 1.02 -3.34 9.39
C GLN C 75 0.84 -2.32 10.50
N LEU C 76 1.97 -1.91 11.05
CA LEU C 76 1.99 -0.86 12.08
C LEU C 76 2.40 0.49 11.49
N GLN C 77 1.62 1.51 11.86
CA GLN C 77 1.86 2.89 11.48
C GLN C 77 1.76 3.71 12.75
N LYS C 78 2.69 4.64 12.98
CA LYS C 78 2.49 5.63 14.04
C LYS C 78 1.81 6.88 13.46
N ILE C 79 1.00 7.54 14.27
CA ILE C 79 0.28 8.74 13.84
C ILE C 79 0.36 9.86 14.89
N ASP C 80 0.74 11.05 14.44
CA ASP C 80 0.86 12.24 15.30
C ASP C 80 -0.04 12.18 16.54
N ASP C 81 0.53 11.59 17.59
CA ASP C 81 -0.06 11.51 18.93
C ASP C 81 -1.47 12.07 19.14
N GLY C 82 -2.40 11.65 18.28
CA GLY C 82 -3.82 11.86 18.51
C GLY C 82 -4.44 10.50 18.66
N THR C 83 -4.46 10.01 19.91
CA THR C 83 -4.69 8.59 20.25
C THR C 83 -5.99 7.94 19.70
N ARG C 84 -6.25 8.19 18.43
CA ARG C 84 -7.48 7.76 17.78
C ARG C 84 -7.30 6.36 17.21
N GLU C 85 -6.79 5.45 18.06
CA GLU C 85 -6.57 4.03 17.74
C GLU C 85 -6.96 3.54 16.34
N TYR C 86 -8.05 2.79 16.27
CA TYR C 86 -8.58 2.39 14.98
C TYR C 86 -7.64 1.47 14.21
N ALA C 87 -8.09 0.22 14.03
CA ALA C 87 -7.39 -0.70 13.16
C ALA C 87 -8.28 -0.90 11.95
N GLU C 88 -7.69 -0.97 10.78
CA GLU C 88 -8.44 -1.19 9.57
C GLU C 88 -8.10 -2.58 9.10
N PHE C 89 -8.96 -3.16 8.27
CA PHE C 89 -8.72 -4.52 7.78
C PHE C 89 -8.35 -4.61 6.31
N LEU C 90 -9.05 -5.49 5.61
CA LEU C 90 -8.81 -5.68 4.19
C LEU C 90 -9.62 -6.90 3.79
N HIS C 91 -9.94 -7.69 4.81
CA HIS C 91 -10.95 -8.73 4.75
C HIS C 91 -12.33 -8.08 4.57
N LEU C 92 -12.53 -7.00 5.31
CA LEU C 92 -13.74 -6.18 5.25
C LEU C 92 -13.37 -4.73 4.96
N PRO C 93 -13.59 -4.30 3.70
CA PRO C 93 -13.18 -3.00 3.18
C PRO C 93 -13.73 -1.76 3.91
N ARG C 94 -12.89 -0.74 4.03
CA ARG C 94 -13.31 0.56 4.55
C ARG C 94 -13.99 0.48 5.93
N LYS C 95 -13.64 -0.54 6.71
CA LYS C 95 -14.10 -0.60 8.09
C LYS C 95 -13.02 -0.03 8.98
N LYS C 96 -13.42 0.50 10.12
CA LYS C 96 -12.47 1.02 11.07
C LYS C 96 -12.73 0.37 12.44
N PHE C 97 -12.27 -0.87 12.58
CA PHE C 97 -12.35 -1.61 13.83
C PHE C 97 -11.80 -0.82 15.00
N THR C 98 -12.41 -0.98 16.16
CA THR C 98 -11.94 -0.26 17.33
C THR C 98 -12.27 -0.99 18.64
N ASP C 99 -13.19 -1.96 18.59
CA ASP C 99 -13.43 -2.77 19.79
C ASP C 99 -12.39 -3.89 19.84
N PHE C 100 -11.20 -3.60 19.33
CA PHE C 100 -10.06 -4.52 19.25
C PHE C 100 -10.32 -6.02 19.39
N ALA C 101 -10.67 -6.47 20.59
CA ALA C 101 -11.01 -7.88 20.76
C ALA C 101 -11.86 -8.34 19.57
N ALA C 102 -12.58 -7.42 18.95
CA ALA C 102 -13.36 -7.71 17.75
C ALA C 102 -12.45 -8.25 16.67
N VAL C 103 -11.31 -7.59 16.49
CA VAL C 103 -10.25 -8.12 15.64
C VAL C 103 -9.92 -9.53 16.12
N ARG C 104 -9.54 -9.64 17.39
CA ARG C 104 -9.27 -10.92 18.02
C ARG C 104 -10.18 -12.04 17.49
N LYS C 105 -11.49 -11.90 17.73
CA LYS C 105 -12.45 -12.89 17.24
C LYS C 105 -12.45 -12.95 15.72
N GLU C 106 -12.36 -11.80 15.07
CA GLU C 106 -12.32 -11.74 13.62
C GLU C 106 -11.18 -12.58 13.04
N ILE C 107 -9.94 -12.24 13.36
CA ILE C 107 -8.80 -12.99 12.84
C ILE C 107 -8.98 -14.49 13.03
N GLN C 108 -9.57 -14.86 14.17
CA GLN C 108 -9.88 -16.26 14.47
C GLN C 108 -11.11 -16.76 13.69
N ASP C 109 -12.12 -15.91 13.57
CA ASP C 109 -13.37 -16.29 12.88
C ASP C 109 -13.25 -16.17 11.36
N GLU C 110 -12.07 -15.75 10.91
CA GLU C 110 -11.73 -15.92 9.51
C GLU C 110 -11.01 -17.25 9.44
N THR C 111 -10.23 -17.54 10.48
CA THR C 111 -9.60 -18.84 10.62
C THR C 111 -10.62 -19.87 11.10
N ASP C 112 -11.90 -19.47 11.11
CA ASP C 112 -13.01 -20.37 11.42
C ASP C 112 -13.76 -20.75 10.15
N ARG C 113 -13.54 -19.98 9.08
CA ARG C 113 -14.24 -20.20 7.83
C ARG C 113 -13.41 -21.10 6.92
N GLU C 114 -12.18 -21.40 7.37
CA GLU C 114 -11.26 -22.24 6.61
C GLU C 114 -11.01 -23.61 7.26
N THR C 115 -9.94 -23.67 8.05
CA THR C 115 -9.52 -24.89 8.73
C THR C 115 -10.69 -25.61 9.40
N GLY C 116 -11.25 -24.98 10.42
CA GLY C 116 -12.40 -25.50 11.15
C GLY C 116 -12.51 -24.87 12.53
N ARG C 117 -11.80 -25.48 13.49
CA ARG C 117 -11.70 -24.98 14.86
C ARG C 117 -10.90 -25.98 15.71
N SER C 118 -10.61 -27.14 15.12
CA SER C 118 -9.96 -28.25 15.83
C SER C 118 -8.51 -28.57 15.38
N LYS C 119 -7.81 -27.55 14.86
CA LYS C 119 -6.38 -27.61 14.51
C LYS C 119 -6.05 -28.19 13.10
N ALA C 120 -6.33 -27.41 12.05
CA ALA C 120 -5.95 -27.75 10.67
C ALA C 120 -5.35 -26.53 9.94
N ILE C 121 -4.90 -26.70 8.69
CA ILE C 121 -4.26 -25.59 7.96
C ILE C 121 -4.76 -25.28 6.54
N SER C 122 -4.72 -23.98 6.22
CA SER C 122 -4.89 -23.45 4.89
C SER C 122 -3.96 -22.23 4.83
N SER C 123 -3.56 -21.82 3.64
CA SER C 123 -2.43 -20.91 3.53
C SER C 123 -2.58 -19.75 2.56
N VAL C 124 -3.37 -18.75 2.95
CA VAL C 124 -3.42 -17.52 2.20
C VAL C 124 -3.55 -16.40 3.21
N PRO C 125 -2.61 -15.46 3.15
CA PRO C 125 -2.36 -14.46 4.20
C PRO C 125 -3.61 -13.82 4.68
N ILE C 126 -3.44 -12.94 5.64
CA ILE C 126 -4.54 -12.24 6.24
C ILE C 126 -4.04 -10.85 6.53
N HIS C 127 -4.49 -9.86 5.74
CA HIS C 127 -3.94 -8.50 5.87
C HIS C 127 -4.74 -7.63 6.83
N LEU C 128 -4.05 -7.07 7.83
CA LEU C 128 -4.62 -6.09 8.73
C LEU C 128 -3.52 -5.20 9.23
N SER C 129 -3.90 -3.95 9.54
CA SER C 129 -2.97 -2.88 9.87
C SER C 129 -3.35 -2.25 11.21
N ILE C 130 -2.56 -1.28 11.68
CA ILE C 130 -2.84 -0.58 12.94
C ILE C 130 -2.22 0.82 12.92
N TYR C 131 -2.65 1.70 13.82
CA TYR C 131 -2.14 3.07 13.82
C TYR C 131 -2.21 3.71 15.21
N SER C 132 -1.13 3.64 15.99
CA SER C 132 -1.12 4.13 17.37
C SER C 132 0.03 5.07 17.70
N PRO C 133 -0.17 5.93 18.70
CA PRO C 133 0.84 6.82 19.35
C PRO C 133 1.96 6.06 20.06
N ASN C 134 1.85 4.73 20.08
CA ASN C 134 2.90 3.88 20.61
C ASN C 134 3.13 2.60 19.79
N VAL C 135 3.22 2.73 18.47
CA VAL C 135 3.68 1.63 17.61
C VAL C 135 4.63 2.16 16.57
N VAL C 136 5.71 1.42 16.29
CA VAL C 136 6.68 1.82 15.27
C VAL C 136 6.23 1.49 13.85
N ASN C 137 6.66 2.33 12.91
CA ASN C 137 6.46 2.05 11.49
C ASN C 137 7.01 0.65 11.22
N LEU C 138 6.20 -0.27 10.69
CA LEU C 138 6.79 -1.54 10.24
C LEU C 138 5.88 -2.65 9.73
N THR C 139 6.19 -3.16 8.54
CA THR C 139 5.53 -4.30 7.92
C THR C 139 5.99 -5.58 8.62
N LEU C 140 5.07 -6.30 9.22
CA LEU C 140 5.47 -7.42 10.01
C LEU C 140 4.64 -8.61 9.65
N ILE C 141 5.31 -9.62 9.11
CA ILE C 141 4.68 -10.87 8.73
C ILE C 141 4.82 -11.94 9.77
N ASP C 142 3.67 -12.46 10.18
CA ASP C 142 3.63 -13.52 11.18
C ASP C 142 3.33 -14.86 10.56
N LEU C 143 3.92 -15.89 11.14
CA LEU C 143 3.90 -17.22 10.56
C LEU C 143 3.62 -18.30 11.60
N PRO C 144 2.70 -19.20 11.29
CA PRO C 144 2.18 -20.18 12.23
C PRO C 144 3.30 -20.94 12.96
N GLY C 145 2.99 -21.39 14.18
CA GLY C 145 3.94 -22.07 15.05
C GLY C 145 4.81 -23.14 14.44
N LEU C 146 5.80 -23.61 15.21
CA LEU C 146 6.68 -24.70 14.78
C LEU C 146 6.47 -25.89 15.69
N THR C 147 6.20 -27.05 15.07
CA THR C 147 5.93 -28.31 15.78
C THR C 147 6.89 -29.42 15.36
N LYS C 148 7.12 -30.36 16.28
CA LYS C 148 7.92 -31.54 15.97
C LYS C 148 7.04 -32.81 15.93
N VAL C 149 6.06 -32.86 16.82
CA VAL C 149 5.13 -33.97 16.93
C VAL C 149 3.74 -33.45 16.68
N ALA C 150 2.91 -34.25 16.02
CA ALA C 150 1.52 -33.83 15.77
C ALA C 150 0.58 -34.34 16.86
N VAL C 151 -0.32 -33.48 17.34
CA VAL C 151 -1.28 -33.90 18.34
C VAL C 151 -2.70 -33.66 17.87
N ASP C 152 -3.63 -34.51 18.34
CA ASP C 152 -5.06 -34.31 18.13
C ASP C 152 -5.54 -34.69 16.74
N GLY C 153 -6.38 -33.82 16.19
CA GLY C 153 -6.93 -34.00 14.86
C GLY C 153 -6.02 -33.43 13.80
N GLN C 154 -4.77 -33.15 14.18
CA GLN C 154 -3.74 -32.75 13.24
C GLN C 154 -3.43 -33.93 12.29
N SER C 155 -2.41 -33.74 11.45
CA SER C 155 -1.98 -34.76 10.50
C SER C 155 -0.48 -35.06 10.61
N ASP C 156 -0.04 -36.01 9.80
CA ASP C 156 1.37 -36.39 9.72
C ASP C 156 2.13 -35.34 8.93
N SER C 157 1.40 -34.64 8.05
CA SER C 157 1.95 -33.57 7.22
C SER C 157 1.74 -32.19 7.86
N ILE C 158 1.04 -32.16 8.99
CA ILE C 158 0.87 -30.93 9.75
C ILE C 158 2.24 -30.34 10.05
N VAL C 159 3.24 -31.20 10.17
CA VAL C 159 4.60 -30.76 10.40
C VAL C 159 5.28 -30.29 9.12
N LYS C 160 5.37 -31.15 8.12
CA LYS C 160 6.02 -30.75 6.88
C LYS C 160 5.15 -29.75 6.15
N ASP C 161 4.02 -29.41 6.74
CA ASP C 161 3.21 -28.33 6.21
C ASP C 161 3.60 -27.04 6.91
N ILE C 162 3.46 -27.01 8.23
CA ILE C 162 3.91 -25.86 9.01
C ILE C 162 5.37 -25.52 8.73
N GLU C 163 6.25 -26.47 9.00
CA GLU C 163 7.68 -26.32 8.73
C GLU C 163 7.86 -25.99 7.26
N ASN C 164 6.79 -26.05 6.49
CA ASN C 164 6.94 -25.95 5.06
C ASN C 164 6.77 -24.52 4.56
N MET C 165 5.59 -23.96 4.81
CA MET C 165 5.26 -22.63 4.36
C MET C 165 6.21 -21.69 5.03
N VAL C 166 6.53 -21.97 6.30
CA VAL C 166 7.35 -21.06 7.09
C VAL C 166 8.66 -20.83 6.37
N ARG C 167 9.01 -21.79 5.53
CA ARG C 167 10.24 -21.72 4.77
C ARG C 167 10.07 -20.85 3.52
N SER C 168 9.04 -21.16 2.72
CA SER C 168 8.74 -20.40 1.51
C SER C 168 8.85 -18.92 1.80
N TYR C 169 8.39 -18.53 2.99
CA TYR C 169 8.40 -17.14 3.43
C TYR C 169 9.78 -16.68 3.88
N ILE C 170 10.65 -17.66 4.14
CA ILE C 170 12.00 -17.37 4.60
C ILE C 170 13.04 -17.38 3.50
N GLU C 171 13.00 -18.39 2.62
CA GLU C 171 13.91 -18.39 1.47
C GLU C 171 13.98 -17.00 0.83
N LYS C 172 12.83 -16.38 0.65
CA LYS C 172 12.74 -15.06 0.06
C LYS C 172 13.74 -14.12 0.68
N PRO C 173 14.71 -13.69 -0.12
CA PRO C 173 15.78 -12.77 0.26
C PRO C 173 15.30 -11.62 1.14
N ASN C 174 15.11 -10.47 0.48
CA ASN C 174 14.63 -9.21 1.07
C ASN C 174 13.76 -9.26 2.33
N CYS C 175 13.32 -10.45 2.73
CA CYS C 175 12.61 -10.61 4.01
C CYS C 175 13.58 -10.71 5.17
N ILE C 176 13.43 -9.84 6.15
CA ILE C 176 14.20 -9.92 7.40
C ILE C 176 13.57 -10.93 8.37
N ILE C 177 14.39 -11.84 8.87
CA ILE C 177 13.91 -12.88 9.79
C ILE C 177 14.01 -12.51 11.26
N LEU C 178 12.99 -12.90 12.03
CA LEU C 178 12.94 -12.65 13.44
C LEU C 178 12.76 -14.00 14.05
N ALA C 179 13.76 -14.47 14.77
CA ALA C 179 13.69 -15.81 15.31
C ALA C 179 13.41 -15.74 16.79
N ILE C 180 12.24 -16.26 17.19
CA ILE C 180 11.80 -16.22 18.59
C ILE C 180 12.01 -17.55 19.29
N SER C 181 12.86 -17.59 20.31
CA SER C 181 13.00 -18.79 21.11
C SER C 181 13.15 -18.41 22.56
N PRO C 182 12.51 -19.14 23.44
CA PRO C 182 12.55 -18.71 24.83
C PRO C 182 13.71 -19.31 25.60
N ALA C 183 13.96 -18.75 26.77
CA ALA C 183 15.13 -19.11 27.53
C ALA C 183 14.81 -20.02 28.71
N ASN C 184 14.21 -21.15 28.43
CA ASN C 184 14.20 -22.26 29.38
C ASN C 184 14.43 -23.53 28.56
N GLN C 185 14.77 -23.29 27.31
CA GLN C 185 15.30 -24.28 26.39
C GLN C 185 16.79 -23.99 26.21
N ASP C 186 17.62 -25.02 26.33
CA ASP C 186 19.02 -24.87 26.00
C ASP C 186 19.00 -24.49 24.52
N LEU C 187 19.01 -23.19 24.29
CA LEU C 187 19.08 -22.61 22.97
C LEU C 187 19.46 -23.61 21.87
N ALA C 188 20.46 -24.42 22.16
CA ALA C 188 20.85 -25.49 21.27
C ALA C 188 19.67 -26.36 20.80
N THR C 189 18.48 -26.11 21.35
CA THR C 189 17.29 -26.86 20.93
C THR C 189 16.14 -25.95 20.50
N SER C 190 16.38 -25.17 19.45
CA SER C 190 15.37 -24.25 18.96
C SER C 190 15.13 -24.46 17.49
N ASP C 191 14.00 -25.02 17.13
CA ASP C 191 13.67 -25.19 15.72
C ASP C 191 13.71 -23.82 15.01
N ALA C 192 13.63 -22.75 15.81
CA ALA C 192 13.58 -21.38 15.29
C ALA C 192 14.92 -20.94 14.75
N ILE C 193 15.97 -21.36 15.45
CA ILE C 193 17.32 -21.14 14.97
C ILE C 193 17.79 -22.32 14.12
N LYS C 194 17.25 -23.51 14.38
CA LYS C 194 17.59 -24.65 13.53
C LYS C 194 17.19 -24.34 12.09
N ILE C 195 16.11 -23.56 11.93
CA ILE C 195 15.58 -23.15 10.61
C ILE C 195 16.18 -21.82 10.15
N SER C 196 16.21 -20.87 11.07
CA SER C 196 16.89 -19.61 10.84
C SER C 196 18.32 -19.89 10.38
N ARG C 197 18.82 -21.08 10.64
CA ARG C 197 20.17 -21.37 10.23
C ARG C 197 20.24 -22.16 8.94
N GLU C 198 19.14 -22.79 8.54
CA GLU C 198 19.08 -23.44 7.23
C GLU C 198 19.20 -22.36 6.14
N VAL C 199 18.27 -21.40 6.15
CA VAL C 199 18.35 -20.23 5.23
C VAL C 199 18.98 -18.99 5.87
N ASP C 200 19.72 -18.23 5.07
CA ASP C 200 20.54 -17.18 5.66
C ASP C 200 21.48 -17.79 6.66
N PRO C 201 22.38 -18.69 6.18
CA PRO C 201 23.37 -19.38 6.98
C PRO C 201 24.49 -18.41 7.29
N SER C 202 24.29 -17.21 6.77
CA SER C 202 25.25 -16.13 6.84
C SER C 202 24.97 -15.29 8.07
N GLY C 203 23.69 -15.20 8.43
CA GLY C 203 23.25 -14.51 9.63
C GLY C 203 22.70 -13.19 9.20
N ASP C 204 23.46 -12.53 8.35
CA ASP C 204 23.06 -11.30 7.70
C ASP C 204 21.63 -10.82 8.02
N ARG C 205 20.63 -11.38 7.40
CA ARG C 205 19.29 -10.87 7.62
C ARG C 205 18.53 -11.63 8.69
N THR C 206 19.20 -12.03 9.76
CA THR C 206 18.54 -12.85 10.78
C THR C 206 18.75 -12.39 12.22
N PHE C 207 17.65 -12.01 12.85
CA PHE C 207 17.68 -11.23 14.06
C PHE C 207 16.91 -11.96 15.15
N GLY C 208 17.33 -11.85 16.40
CA GLY C 208 16.73 -12.73 17.41
C GLY C 208 16.28 -12.15 18.72
N VAL C 209 15.14 -12.61 19.22
CA VAL C 209 14.62 -12.26 20.54
C VAL C 209 14.59 -13.43 21.50
N LEU C 210 14.80 -13.12 22.78
CA LEU C 210 14.71 -14.09 23.87
C LEU C 210 13.49 -13.88 24.81
N THR C 211 12.47 -14.74 24.72
CA THR C 211 11.28 -14.60 25.55
C THR C 211 11.47 -15.30 26.88
N LYS C 212 10.51 -15.13 27.77
CA LYS C 212 10.54 -15.88 29.02
C LYS C 212 11.91 -15.72 29.63
N ILE C 213 12.17 -14.60 30.30
CA ILE C 213 13.44 -14.47 31.01
C ILE C 213 13.24 -14.44 32.51
N ASP C 214 12.09 -13.92 32.94
CA ASP C 214 11.77 -13.99 34.34
C ASP C 214 11.57 -15.44 34.71
N LEU C 215 11.19 -16.25 33.71
CA LEU C 215 10.88 -17.67 33.90
C LEU C 215 12.10 -18.56 33.73
N MET C 216 13.28 -17.99 33.91
CA MET C 216 14.47 -18.80 33.89
C MET C 216 14.69 -19.48 35.25
N ASP C 217 15.26 -20.69 35.22
CA ASP C 217 15.58 -21.41 36.43
C ASP C 217 16.29 -20.50 37.41
N LYS C 218 15.75 -20.39 38.61
CA LYS C 218 16.41 -19.64 39.67
C LYS C 218 17.81 -20.21 39.82
N GLY C 219 18.83 -19.40 39.54
CA GLY C 219 20.19 -19.88 39.65
C GLY C 219 20.87 -20.12 38.33
N THR C 220 20.28 -19.58 37.24
CA THR C 220 20.91 -19.52 35.91
C THR C 220 20.46 -18.31 35.11
N ASP C 221 21.23 -17.22 35.13
CA ASP C 221 20.94 -16.01 34.32
C ASP C 221 21.21 -16.23 32.84
N ALA C 222 20.82 -15.27 31.99
CA ALA C 222 20.89 -15.44 30.54
C ALA C 222 21.97 -14.61 29.90
N VAL C 223 22.91 -14.13 30.72
CA VAL C 223 23.75 -13.00 30.36
C VAL C 223 24.62 -13.18 29.11
N GLU C 224 25.45 -14.22 29.08
CA GLU C 224 26.32 -14.39 27.93
C GLU C 224 25.60 -15.07 26.76
N ILE C 225 24.33 -14.71 26.61
CA ILE C 225 23.61 -14.96 25.37
C ILE C 225 23.03 -13.62 24.95
N LEU C 226 23.38 -12.57 25.68
CA LEU C 226 22.93 -11.22 25.35
C LEU C 226 24.04 -10.37 24.72
N GLU C 227 25.15 -10.19 25.45
CA GLU C 227 26.39 -9.69 24.87
C GLU C 227 26.92 -10.89 24.11
N GLY C 228 26.02 -11.84 23.89
CA GLY C 228 26.18 -12.96 22.97
C GLY C 228 27.53 -13.60 22.87
N ARG C 229 27.79 -14.53 23.76
CA ARG C 229 29.00 -15.28 23.65
C ARG C 229 28.57 -16.72 23.52
N SER C 230 27.25 -16.92 23.57
CA SER C 230 26.66 -18.25 23.49
C SER C 230 26.42 -18.67 22.05
N PHE C 231 25.23 -18.36 21.56
CA PHE C 231 24.97 -18.42 20.14
C PHE C 231 25.15 -16.99 19.71
N LYS C 232 26.40 -16.60 19.52
CA LYS C 232 26.72 -15.27 19.05
C LYS C 232 26.03 -15.13 17.74
N LEU C 233 25.31 -14.05 17.58
CA LEU C 233 24.66 -13.90 16.34
C LEU C 233 25.08 -12.60 15.76
N LYS C 234 24.46 -12.27 14.64
CA LYS C 234 24.89 -11.19 13.84
C LYS C 234 24.33 -9.89 14.33
N TYR C 235 23.24 -9.93 15.05
CA TYR C 235 22.78 -8.72 15.66
C TYR C 235 22.30 -8.94 17.05
N PRO C 236 22.86 -8.18 17.95
CA PRO C 236 22.34 -8.14 19.31
C PRO C 236 21.09 -8.97 19.58
N TRP C 237 21.13 -9.82 20.58
CA TRP C 237 19.91 -10.38 21.10
C TRP C 237 19.13 -9.23 21.76
N VAL C 238 17.85 -9.15 21.47
CA VAL C 238 16.98 -8.32 22.26
C VAL C 238 16.42 -9.37 23.20
N GLY C 239 15.90 -8.95 24.35
CA GLY C 239 15.26 -9.86 25.28
C GLY C 239 14.01 -9.17 25.76
N VAL C 240 12.98 -9.93 26.07
CA VAL C 240 11.72 -9.34 26.51
C VAL C 240 11.18 -10.10 27.69
N VAL C 241 10.23 -9.52 28.40
CA VAL C 241 9.48 -10.26 29.40
C VAL C 241 8.02 -10.01 29.15
N ASN C 242 7.47 -10.63 28.11
CA ASN C 242 6.08 -10.38 27.79
C ASN C 242 5.13 -10.81 28.88
N ARG C 243 3.88 -11.01 28.48
CA ARG C 243 2.82 -11.18 29.43
C ARG C 243 2.85 -12.60 30.00
N SER C 244 2.55 -12.69 31.30
CA SER C 244 2.45 -13.97 32.01
C SER C 244 1.11 -14.62 31.75
N GLN C 245 1.04 -15.94 31.92
CA GLN C 245 -0.24 -16.64 31.80
C GLN C 245 -1.08 -16.32 33.01
N ALA C 246 -0.47 -15.61 33.97
CA ALA C 246 -1.15 -15.07 35.13
C ALA C 246 -1.67 -13.69 34.76
N ASP C 247 -0.80 -12.89 34.16
CA ASP C 247 -1.19 -11.57 33.69
C ASP C 247 -2.22 -11.68 32.59
N ILE C 248 -2.29 -12.85 31.97
CA ILE C 248 -3.36 -13.09 31.00
C ILE C 248 -4.65 -13.39 31.76
N ASN C 249 -4.50 -13.77 33.03
CA ASN C 249 -5.62 -14.10 33.89
C ASN C 249 -5.66 -13.19 35.11
N LYS C 250 -5.14 -11.98 34.92
CA LYS C 250 -5.42 -10.83 35.78
C LYS C 250 -5.99 -9.81 34.82
N ASN C 251 -6.27 -10.30 33.60
CA ASN C 251 -6.71 -9.51 32.45
C ASN C 251 -5.96 -8.19 32.18
N VAL C 252 -4.68 -8.14 32.55
CA VAL C 252 -3.83 -6.95 32.38
C VAL C 252 -3.92 -6.32 30.99
N ASP C 253 -3.38 -5.11 30.85
CA ASP C 253 -3.43 -4.36 29.61
C ASP C 253 -2.28 -4.74 28.67
N MET C 254 -1.28 -3.88 28.60
CA MET C 254 -0.01 -4.17 27.94
C MET C 254 1.06 -3.30 28.57
N ILE C 255 0.68 -2.07 28.94
CA ILE C 255 1.59 -1.05 29.47
C ILE C 255 2.06 -1.34 30.89
N ALA C 256 1.34 -2.21 31.59
CA ALA C 256 1.79 -2.72 32.87
C ALA C 256 3.07 -3.52 32.61
N ALA C 257 2.95 -4.55 31.76
CA ALA C 257 4.13 -5.31 31.35
C ALA C 257 5.24 -4.30 31.17
N ARG C 258 5.25 -3.65 30.02
CA ARG C 258 6.24 -2.62 29.71
C ARG C 258 6.58 -1.79 30.95
N LYS C 259 5.56 -1.20 31.58
CA LYS C 259 5.74 -0.49 32.85
C LYS C 259 6.78 -1.23 33.69
N ARG C 260 6.54 -2.53 33.87
CA ARG C 260 7.36 -3.44 34.66
C ARG C 260 8.47 -4.09 33.84
N GLU C 261 8.13 -4.60 32.66
CA GLU C 261 9.10 -5.30 31.82
C GLU C 261 10.24 -4.39 31.44
N ARG C 262 10.06 -3.10 31.69
CA ARG C 262 11.15 -2.15 31.58
C ARG C 262 11.84 -2.08 32.93
N GLU C 263 11.03 -2.10 33.99
CA GLU C 263 11.51 -2.24 35.37
C GLU C 263 12.51 -3.38 35.43
N TYR C 264 12.08 -4.46 36.07
CA TYR C 264 12.81 -5.72 36.08
C TYR C 264 14.26 -5.62 35.60
N PHE C 265 14.40 -5.51 34.28
CA PHE C 265 15.70 -5.37 33.63
C PHE C 265 16.60 -4.34 34.31
N SER C 266 16.00 -3.25 34.76
CA SER C 266 16.74 -2.23 35.49
C SER C 266 16.87 -2.63 36.97
N ASN C 267 16.06 -3.61 37.37
CA ASN C 267 15.91 -4.02 38.77
C ASN C 267 16.76 -5.23 39.22
N THR C 268 17.34 -5.95 38.27
CA THR C 268 18.08 -7.16 38.60
C THR C 268 19.54 -7.03 38.13
N THR C 269 20.44 -6.70 39.06
CA THR C 269 21.85 -6.34 38.78
C THR C 269 22.53 -6.92 37.53
N GLU C 270 22.39 -8.22 37.32
CA GLU C 270 23.04 -8.91 36.20
C GLU C 270 22.29 -8.70 34.87
N TYR C 271 21.06 -8.22 34.95
CA TYR C 271 20.36 -7.70 33.79
C TYR C 271 20.27 -6.19 33.89
N ARG C 272 20.80 -5.62 34.97
CA ARG C 272 20.71 -4.19 35.19
C ARG C 272 21.51 -3.46 34.14
N HIS C 273 22.79 -3.77 34.03
CA HIS C 273 23.65 -2.99 33.15
C HIS C 273 23.34 -3.02 31.63
N LEU C 274 22.49 -3.94 31.17
CA LEU C 274 22.17 -3.98 29.74
C LEU C 274 20.81 -3.40 29.47
N ALA C 275 20.15 -2.94 30.53
CA ALA C 275 18.73 -2.66 30.46
C ALA C 275 18.39 -1.40 29.67
N ASN C 276 19.31 -0.97 28.83
CA ASN C 276 19.05 0.16 27.96
C ASN C 276 18.92 -0.28 26.51
N LYS C 277 19.59 -1.38 26.15
CA LYS C 277 19.45 -1.98 24.81
C LYS C 277 18.53 -3.21 24.80
N MET C 278 17.38 -3.11 25.47
CA MET C 278 16.50 -4.25 25.73
C MET C 278 15.07 -3.83 26.02
N GLY C 279 14.10 -4.62 25.56
CA GLY C 279 12.71 -4.32 25.83
C GLY C 279 11.83 -4.21 24.60
N SER C 280 10.67 -4.86 24.68
CA SER C 280 9.65 -4.88 23.62
C SER C 280 9.44 -3.51 22.98
N GLU C 281 9.99 -2.51 23.65
CA GLU C 281 10.04 -1.16 23.15
C GLU C 281 11.24 -0.98 22.27
N HIS C 282 12.42 -1.09 22.85
CA HIS C 282 13.65 -0.76 22.13
C HIS C 282 13.95 -1.82 21.09
N LEU C 283 13.30 -2.97 21.21
CA LEU C 283 13.32 -3.89 20.08
C LEU C 283 12.74 -3.18 18.86
N ALA C 284 11.41 -3.07 18.83
CA ALA C 284 10.66 -2.34 17.78
C ALA C 284 11.48 -1.43 16.88
N LYS C 285 12.26 -0.58 17.55
CA LYS C 285 13.10 0.43 16.91
C LYS C 285 14.18 -0.25 16.09
N MET C 286 14.96 -1.10 16.75
CA MET C 286 16.14 -1.68 16.15
C MET C 286 15.77 -2.52 14.94
N LEU C 287 14.48 -2.84 14.80
CA LEU C 287 13.97 -3.62 13.68
C LEU C 287 13.56 -2.70 12.57
N SER C 288 12.90 -1.61 12.99
CA SER C 288 12.39 -0.58 12.07
C SER C 288 13.52 0.25 11.49
N LYS C 289 14.44 0.67 12.32
CA LYS C 289 15.59 1.40 11.83
C LYS C 289 16.21 0.51 10.80
N HIS C 290 16.04 -0.79 11.04
CA HIS C 290 16.78 -1.81 10.30
C HIS C 290 16.17 -2.21 8.96
N LEU C 291 14.95 -2.75 9.02
CA LEU C 291 14.09 -2.87 7.86
C LEU C 291 13.83 -1.48 7.35
N GLU C 292 14.85 -0.64 7.29
CA GLU C 292 14.67 0.57 6.54
C GLU C 292 15.84 0.52 5.64
N ARG C 293 17.03 0.53 6.24
CA ARG C 293 18.24 0.38 5.44
C ARG C 293 18.01 -0.74 4.42
N VAL C 294 17.31 -1.78 4.87
CA VAL C 294 16.91 -2.86 3.99
C VAL C 294 16.25 -2.32 2.76
N ILE C 295 15.32 -1.38 2.97
CA ILE C 295 14.50 -0.83 1.91
C ILE C 295 15.21 0.28 1.13
N LYS C 296 15.59 1.36 1.79
CA LYS C 296 16.41 2.41 1.17
C LYS C 296 17.36 1.83 0.18
N SER C 297 17.70 0.57 0.34
CA SER C 297 18.64 -0.09 -0.54
C SER C 297 17.96 -0.58 -1.82
N ARG C 298 16.80 -1.20 -1.66
CA ARG C 298 16.09 -1.77 -2.79
C ARG C 298 15.08 -0.83 -3.49
N ILE C 299 15.08 0.45 -3.13
CA ILE C 299 14.15 1.36 -3.79
C ILE C 299 14.59 1.74 -5.19
N PRO C 300 15.71 1.20 -5.68
CA PRO C 300 15.76 1.24 -7.16
C PRO C 300 14.92 0.11 -7.81
N GLY C 301 13.86 -0.33 -7.12
CA GLY C 301 12.85 -1.25 -7.63
C GLY C 301 11.92 -0.51 -8.58
N ILE C 302 11.84 0.80 -8.42
CA ILE C 302 11.55 1.67 -9.55
C ILE C 302 12.48 1.05 -10.62
N GLN C 303 12.36 1.40 -11.89
CA GLN C 303 13.33 0.92 -12.89
C GLN C 303 13.19 -0.58 -13.07
N SER C 304 12.83 -1.23 -11.98
CA SER C 304 12.48 -2.63 -11.91
C SER C 304 10.96 -2.56 -11.95
N LEU C 305 10.53 -1.31 -12.09
CA LEU C 305 9.19 -0.95 -12.40
C LEU C 305 9.13 -0.56 -13.87
N ILE C 306 9.43 0.71 -14.20
CA ILE C 306 9.32 1.21 -15.60
C ILE C 306 9.95 0.29 -16.59
N ASN C 307 10.01 -0.99 -16.24
CA ASN C 307 10.13 -2.05 -17.21
C ASN C 307 8.74 -2.56 -17.59
N LYS C 308 7.97 -3.01 -16.60
CA LYS C 308 6.67 -3.62 -16.90
C LYS C 308 5.61 -2.68 -17.43
N THR C 309 5.73 -1.40 -17.13
CA THR C 309 4.75 -0.45 -17.61
C THR C 309 4.87 -0.38 -19.11
N VAL C 310 6.10 -0.25 -19.58
CA VAL C 310 6.42 -0.13 -20.99
C VAL C 310 6.10 -1.45 -21.68
N LEU C 311 6.42 -2.55 -21.02
CA LEU C 311 6.08 -3.89 -21.52
C LEU C 311 4.55 -4.08 -21.53
N GLU C 312 3.85 -3.12 -20.91
CA GLU C 312 2.38 -3.04 -20.93
C GLU C 312 1.97 -1.90 -21.82
N LEU C 313 1.86 -0.71 -21.22
CA LEU C 313 1.50 0.52 -21.93
C LEU C 313 1.84 0.48 -23.44
N GLU C 314 2.99 -0.10 -23.80
CA GLU C 314 3.30 -0.33 -25.20
C GLU C 314 2.85 -1.73 -25.62
N THR C 315 1.53 -1.95 -25.61
CA THR C 315 0.87 -3.16 -26.12
C THR C 315 -0.54 -2.89 -26.68
N GLU C 316 -0.65 -2.67 -28.00
CA GLU C 316 -1.95 -2.50 -28.63
C GLU C 316 -1.90 -2.91 -30.10
N ILE C 336 -12.93 -10.94 -27.84
CA ILE C 336 -12.75 -9.78 -28.70
C ILE C 336 -11.67 -8.86 -28.17
N MET C 337 -12.09 -7.75 -27.56
CA MET C 337 -11.15 -6.77 -27.03
C MET C 337 -11.62 -6.10 -25.73
N GLU C 338 -12.29 -6.87 -24.88
CA GLU C 338 -12.76 -6.34 -23.59
C GLU C 338 -11.63 -6.10 -22.62
N ARG C 339 -10.76 -7.10 -22.46
CA ARG C 339 -9.65 -7.03 -21.49
C ARG C 339 -8.67 -5.89 -21.80
N ARG C 340 -9.02 -5.07 -22.77
CA ARG C 340 -8.41 -3.76 -22.95
C ARG C 340 -8.27 -3.14 -21.57
N SER C 341 -9.14 -3.57 -20.66
CA SER C 341 -9.15 -3.07 -19.30
C SER C 341 -9.00 -4.21 -18.26
N ALA C 342 -8.05 -5.09 -18.53
CA ALA C 342 -7.57 -6.02 -17.52
C ALA C 342 -6.10 -5.65 -17.38
N ILE C 343 -5.47 -5.44 -18.53
CA ILE C 343 -4.17 -4.81 -18.63
C ILE C 343 -4.37 -3.31 -18.70
N SER C 344 -4.70 -2.71 -17.58
CA SER C 344 -4.85 -1.27 -17.45
C SER C 344 -5.20 -1.00 -16.01
N LYS C 345 -6.20 -1.70 -15.51
CA LYS C 345 -6.46 -1.71 -14.09
C LYS C 345 -5.22 -2.23 -13.37
N ARG C 346 -4.12 -2.40 -14.11
CA ARG C 346 -2.79 -2.56 -13.51
C ARG C 346 -2.09 -1.23 -13.51
N LEU C 347 -1.82 -0.72 -14.71
CA LEU C 347 -1.18 0.58 -14.84
C LEU C 347 -1.50 1.47 -13.64
N GLU C 348 -2.70 2.04 -13.64
CA GLU C 348 -3.06 3.04 -12.64
C GLU C 348 -3.12 2.52 -11.19
N LEU C 349 -2.37 1.45 -10.92
CA LEU C 349 -2.16 0.98 -9.55
C LEU C 349 -0.69 0.63 -9.37
N TYR C 350 -0.07 0.26 -10.49
CA TYR C 350 1.36 0.09 -10.58
C TYR C 350 1.94 1.47 -10.53
N ARG C 351 1.54 2.26 -11.51
CA ARG C 351 2.05 3.60 -11.69
C ARG C 351 2.04 4.48 -10.45
N ALA C 352 0.87 4.65 -9.83
CA ALA C 352 0.76 5.54 -8.67
C ALA C 352 1.63 4.99 -7.55
N ALA C 353 1.62 3.67 -7.44
CA ALA C 353 2.62 2.96 -6.67
C ALA C 353 4.01 3.54 -6.99
N GLN C 354 4.28 3.83 -8.26
CA GLN C 354 5.57 4.41 -8.61
C GLN C 354 5.54 5.92 -8.73
N SER C 355 4.48 6.54 -8.25
CA SER C 355 4.55 7.98 -8.03
C SER C 355 4.80 8.04 -6.56
N GLU C 356 4.10 7.18 -5.83
CA GLU C 356 4.21 7.12 -4.38
C GLU C 356 5.65 6.82 -3.98
N ILE C 357 6.53 6.55 -4.94
CA ILE C 357 7.95 6.41 -4.66
C ILE C 357 8.75 7.59 -5.21
N ASP C 358 8.17 8.36 -6.11
CA ASP C 358 8.84 9.58 -6.51
C ASP C 358 8.50 10.72 -5.53
N ALA C 359 7.24 10.73 -5.11
CA ALA C 359 6.75 11.57 -4.02
C ALA C 359 7.79 11.63 -2.91
N VAL C 360 7.68 10.73 -1.95
CA VAL C 360 8.79 10.50 -1.00
C VAL C 360 9.76 11.68 -0.75
N ASN D 3 16.67 -59.86 39.91
CA ASN D 3 17.48 -61.05 39.64
C ASN D 3 17.59 -61.29 38.14
N LEU D 4 16.46 -61.18 37.44
CA LEU D 4 16.43 -61.35 35.99
C LEU D 4 17.15 -60.20 35.29
N ILE D 5 17.21 -59.08 35.98
CA ILE D 5 17.97 -57.96 35.48
C ILE D 5 19.43 -58.32 35.52
N SER D 6 19.92 -58.69 36.70
CA SER D 6 21.36 -58.88 36.86
C SER D 6 21.91 -59.97 35.96
N LEU D 7 21.04 -60.63 35.22
CA LEU D 7 21.47 -61.61 34.25
C LEU D 7 21.88 -60.85 32.98
N VAL D 8 20.89 -60.22 32.34
CA VAL D 8 21.12 -59.33 31.22
C VAL D 8 22.34 -58.49 31.53
N ASN D 9 22.31 -57.85 32.70
CA ASN D 9 23.45 -57.13 33.21
C ASN D 9 24.73 -57.95 33.10
N LYS D 10 24.84 -59.01 33.90
CA LYS D 10 26.01 -59.90 33.84
C LYS D 10 26.40 -60.26 32.41
N ILE D 11 25.42 -60.22 31.51
CA ILE D 11 25.66 -60.45 30.09
C ILE D 11 26.31 -59.22 29.45
N GLN D 12 25.61 -58.09 29.49
CA GLN D 12 26.14 -56.84 28.97
C GLN D 12 27.56 -56.63 29.45
N ARG D 13 27.78 -56.79 30.75
CA ARG D 13 29.13 -56.71 31.28
C ARG D 13 30.07 -57.41 30.30
N ALA D 14 29.84 -58.69 30.04
CA ALA D 14 30.82 -59.47 29.31
C ALA D 14 30.55 -59.57 27.82
N CYS D 15 29.83 -58.58 27.30
CA CYS D 15 29.73 -58.43 25.86
C CYS D 15 30.72 -57.38 25.39
N THR D 16 30.44 -56.12 25.72
CA THR D 16 31.28 -55.02 25.29
C THR D 16 32.73 -55.15 25.75
N ALA D 17 33.10 -56.38 26.10
CA ALA D 17 34.49 -56.82 26.14
C ALA D 17 34.64 -57.71 24.91
N LEU D 18 34.09 -57.20 23.81
CA LEU D 18 33.95 -57.93 22.57
C LEU D 18 32.72 -57.40 21.80
N GLY D 19 31.56 -57.41 22.46
CA GLY D 19 30.29 -56.96 21.88
C GLY D 19 30.21 -55.44 21.82
N ASP D 20 31.08 -54.80 22.59
CA ASP D 20 31.58 -53.45 22.36
C ASP D 20 31.06 -52.90 21.04
N HIS D 21 31.89 -53.13 20.02
CA HIS D 21 31.52 -53.04 18.60
C HIS D 21 30.87 -54.36 18.16
N GLY D 22 31.22 -55.46 18.83
CA GLY D 22 30.58 -56.76 18.63
C GLY D 22 31.36 -57.78 17.80
N ASP D 23 30.61 -58.56 17.03
CA ASP D 23 31.18 -59.53 16.09
C ASP D 23 30.67 -59.16 14.69
N SER D 24 30.34 -60.16 13.86
CA SER D 24 29.60 -59.87 12.64
C SER D 24 28.15 -60.30 12.90
N SER D 25 27.75 -60.13 14.16
CA SER D 25 26.40 -60.42 14.64
C SER D 25 26.35 -60.46 16.18
N ALA D 26 27.21 -59.68 16.84
CA ALA D 26 27.37 -59.71 18.32
C ALA D 26 27.11 -58.38 19.06
N LEU D 27 26.66 -57.38 18.31
CA LEU D 27 25.78 -56.42 18.91
C LEU D 27 24.42 -57.16 18.88
N PRO D 28 24.19 -58.01 17.85
CA PRO D 28 23.03 -58.93 17.93
C PRO D 28 23.07 -59.85 19.17
N THR D 29 23.66 -59.31 20.23
CA THR D 29 23.24 -59.60 21.57
C THR D 29 23.00 -58.22 22.16
N LEU D 30 24.05 -57.40 22.28
CA LEU D 30 23.84 -56.07 22.82
C LEU D 30 22.79 -55.32 22.00
N TRP D 31 22.18 -56.01 21.03
CA TRP D 31 21.03 -55.53 20.27
C TRP D 31 19.79 -56.09 20.91
N ASP D 32 19.71 -57.41 20.99
CA ASP D 32 18.56 -58.06 21.59
C ASP D 32 18.71 -58.13 23.10
N SER D 33 19.88 -58.60 23.55
CA SER D 33 20.28 -58.55 24.95
C SER D 33 20.52 -57.11 25.27
N LEU D 34 19.60 -56.29 24.78
CA LEU D 34 19.53 -54.88 25.11
C LEU D 34 18.18 -54.61 25.78
N PRO D 35 17.40 -55.67 26.10
CA PRO D 35 16.33 -55.21 26.96
C PRO D 35 17.09 -54.48 28.05
N ALA D 36 16.79 -53.19 28.17
CA ALA D 36 17.40 -52.30 29.13
C ALA D 36 16.83 -51.03 28.57
N ILE D 37 16.72 -49.99 29.39
CA ILE D 37 15.97 -48.80 28.96
C ILE D 37 16.88 -47.71 28.35
N ALA D 38 16.60 -47.31 27.13
CA ALA D 38 17.39 -46.25 26.55
C ALA D 38 16.81 -44.91 26.98
N VAL D 39 17.59 -44.06 27.65
CA VAL D 39 17.06 -42.76 28.07
C VAL D 39 17.19 -41.64 27.03
N VAL D 40 16.12 -41.43 26.28
CA VAL D 40 16.10 -40.52 25.14
C VAL D 40 15.53 -39.14 25.44
N GLY D 41 16.40 -38.16 25.65
CA GLY D 41 15.91 -36.85 26.00
C GLY D 41 16.60 -35.73 25.26
N GLY D 42 15.87 -34.63 25.11
CA GLY D 42 16.40 -33.43 24.51
C GLY D 42 17.42 -32.86 25.45
N GLN D 43 18.34 -32.07 24.89
CA GLN D 43 19.43 -31.46 25.65
C GLN D 43 18.94 -30.42 26.65
N SER D 44 19.49 -30.52 27.86
CA SER D 44 19.01 -29.72 28.99
C SER D 44 17.51 -29.82 29.05
N SER D 45 17.05 -31.00 29.44
CA SER D 45 15.63 -31.26 29.67
C SER D 45 15.49 -32.20 30.86
N GLY D 46 16.63 -32.77 31.28
CA GLY D 46 16.68 -33.55 32.50
C GLY D 46 17.26 -34.96 32.49
N LYS D 47 17.74 -35.43 31.35
CA LYS D 47 18.35 -36.75 31.28
C LYS D 47 19.34 -36.96 32.41
N SER D 48 20.57 -36.50 32.23
CA SER D 48 21.63 -36.61 33.25
C SER D 48 21.20 -36.31 34.70
N SER D 49 20.04 -35.68 34.87
CA SER D 49 19.58 -35.22 36.17
C SER D 49 18.67 -36.22 36.83
N VAL D 50 17.81 -36.88 36.07
CA VAL D 50 16.88 -37.84 36.67
C VAL D 50 17.62 -39.08 37.06
N LEU D 51 18.67 -39.40 36.32
CA LEU D 51 19.56 -40.49 36.68
C LEU D 51 20.17 -40.21 38.04
N GLU D 52 20.19 -38.95 38.43
CA GLU D 52 20.78 -38.60 39.71
C GLU D 52 19.73 -38.60 40.81
N SER D 53 18.47 -38.73 40.41
CA SER D 53 17.38 -38.88 41.37
C SER D 53 17.27 -40.35 41.75
N ILE D 54 17.54 -41.21 40.76
CA ILE D 54 17.15 -42.60 40.85
C ILE D 54 18.15 -43.41 41.63
N VAL D 55 19.43 -43.24 41.32
CA VAL D 55 20.45 -43.86 42.14
C VAL D 55 20.36 -43.18 43.49
N GLY D 56 20.35 -41.86 43.43
CA GLY D 56 20.46 -41.04 44.61
C GLY D 56 21.95 -40.90 44.88
N LYS D 57 22.65 -40.12 44.07
CA LYS D 57 24.11 -39.98 44.23
C LYS D 57 24.87 -39.07 43.23
N ASP D 58 25.38 -37.93 43.70
CA ASP D 58 26.31 -37.11 42.91
C ASP D 58 27.27 -37.97 42.11
N PHE D 59 27.12 -38.06 40.79
CA PHE D 59 28.15 -38.82 40.10
C PHE D 59 28.30 -38.56 38.62
N LEU D 60 27.25 -38.07 37.97
CA LEU D 60 27.30 -37.85 36.53
C LEU D 60 27.97 -36.51 36.22
N PRO D 61 28.70 -36.43 35.10
CA PRO D 61 29.45 -35.21 34.81
C PRO D 61 28.51 -34.07 34.52
N ARG D 62 28.14 -33.27 35.53
CA ARG D 62 27.22 -32.16 35.30
C ARG D 62 27.90 -31.04 34.50
N GLY D 63 27.14 -29.97 34.23
CA GLY D 63 27.60 -28.90 33.37
C GLY D 63 26.69 -28.64 32.18
N SER D 64 26.30 -27.38 31.99
CA SER D 64 25.41 -26.96 30.88
C SER D 64 25.90 -27.41 29.50
N GLY D 65 27.18 -27.21 29.25
CA GLY D 65 27.81 -27.75 28.05
C GLY D 65 27.69 -29.26 28.06
N ILE D 66 27.37 -29.83 26.89
CA ILE D 66 27.26 -31.27 26.75
C ILE D 66 28.49 -31.96 27.34
N VAL D 67 28.26 -33.05 28.09
CA VAL D 67 29.34 -33.66 28.86
C VAL D 67 29.26 -35.20 28.89
N THR D 68 28.08 -35.74 28.55
CA THR D 68 27.93 -37.17 28.34
C THR D 68 27.77 -37.45 26.82
N ARG D 69 28.86 -37.86 26.18
CA ARG D 69 28.90 -38.10 24.74
C ARG D 69 29.18 -39.57 24.42
N ARG D 70 28.65 -40.49 25.24
CA ARG D 70 28.76 -41.94 25.01
C ARG D 70 27.78 -42.74 25.88
N PRO D 71 27.27 -43.85 25.34
CA PRO D 71 26.22 -44.66 25.97
C PRO D 71 26.72 -45.40 27.21
N LEU D 72 26.40 -44.84 28.37
CA LEU D 72 26.81 -45.36 29.64
C LEU D 72 25.83 -46.43 30.07
N VAL D 73 26.26 -47.69 30.07
CA VAL D 73 25.45 -48.78 30.61
C VAL D 73 25.51 -48.71 32.12
N LEU D 74 24.34 -48.67 32.77
CA LEU D 74 24.25 -48.33 34.20
C LEU D 74 23.72 -49.47 35.08
N GLN D 75 24.56 -50.48 35.30
CA GLN D 75 24.12 -51.68 36.03
C GLN D 75 23.83 -51.45 37.53
N LEU D 76 22.55 -51.32 37.85
CA LEU D 76 22.13 -51.18 39.24
C LEU D 76 21.69 -52.51 39.84
N GLN D 77 22.40 -52.94 40.88
CA GLN D 77 22.04 -54.12 41.66
C GLN D 77 22.06 -53.79 43.17
N LYS D 78 20.88 -53.79 43.79
CA LYS D 78 20.72 -53.55 45.22
C LYS D 78 21.68 -54.45 45.99
N ILE D 79 21.88 -54.18 47.28
CA ILE D 79 22.81 -55.04 48.05
C ILE D 79 22.30 -55.47 49.43
N ASP D 80 22.57 -56.73 49.78
CA ASP D 80 22.17 -57.38 51.06
C ASP D 80 22.03 -56.42 52.24
N ASP D 81 21.17 -55.42 52.11
CA ASP D 81 21.06 -54.33 53.08
C ASP D 81 22.21 -54.24 54.08
N GLY D 82 23.41 -54.53 53.61
CA GLY D 82 24.61 -54.48 54.44
C GLY D 82 25.56 -53.41 53.93
N THR D 83 25.59 -52.27 54.62
CA THR D 83 26.29 -51.10 54.13
C THR D 83 27.61 -51.41 53.41
N ARG D 84 27.75 -50.84 52.21
CA ARG D 84 28.95 -50.98 51.39
C ARG D 84 29.07 -49.83 50.38
N GLU D 85 27.97 -49.09 50.16
CA GLU D 85 27.86 -48.07 49.10
C GLU D 85 28.52 -48.58 47.81
N TYR D 86 29.52 -47.87 47.31
CA TYR D 86 30.46 -48.39 46.29
C TYR D 86 29.95 -48.68 44.87
N ALA D 87 30.70 -48.24 43.86
CA ALA D 87 30.35 -48.57 42.48
C ALA D 87 31.57 -49.16 41.76
N GLU D 88 31.35 -49.78 40.61
CA GLU D 88 32.37 -50.65 40.02
C GLU D 88 33.26 -50.05 38.92
N PHE D 89 32.84 -50.22 37.65
CA PHE D 89 33.61 -49.90 36.42
C PHE D 89 34.31 -51.12 35.79
N LEU D 90 33.74 -51.64 34.70
CA LEU D 90 34.44 -52.61 33.88
C LEU D 90 35.68 -51.92 33.33
N HIS D 91 35.43 -50.78 32.67
CA HIS D 91 36.39 -49.71 32.39
C HIS D 91 37.75 -49.92 33.07
N LEU D 92 37.80 -49.72 34.39
CA LEU D 92 39.02 -49.94 35.20
C LEU D 92 38.90 -51.17 36.09
N PRO D 93 38.96 -52.37 35.49
CA PRO D 93 38.54 -53.62 36.13
C PRO D 93 39.28 -54.00 37.42
N ARG D 94 38.67 -54.94 38.15
CA ARG D 94 39.21 -55.49 39.40
C ARG D 94 39.16 -54.59 40.66
N LYS D 95 39.00 -53.29 40.48
CA LYS D 95 38.89 -52.38 41.63
C LYS D 95 37.56 -51.62 41.64
N LYS D 96 37.01 -51.43 42.83
CA LYS D 96 35.66 -50.88 43.01
C LYS D 96 35.69 -49.59 43.83
N PHE D 97 34.93 -48.59 43.40
CA PHE D 97 34.98 -47.24 44.00
C PHE D 97 34.01 -47.04 45.14
N THR D 98 34.19 -45.92 45.84
CA THR D 98 33.32 -45.56 46.94
C THR D 98 33.21 -44.05 47.08
N ASP D 99 34.22 -43.32 46.60
CA ASP D 99 34.17 -41.86 46.64
C ASP D 99 33.41 -41.32 45.43
N PHE D 100 32.22 -40.77 45.68
CA PHE D 100 31.31 -40.52 44.57
C PHE D 100 31.62 -39.36 43.65
N ALA D 101 32.01 -38.22 44.21
CA ALA D 101 32.50 -37.12 43.38
C ALA D 101 33.78 -37.55 42.64
N ALA D 102 34.30 -38.72 43.00
CA ALA D 102 35.48 -39.28 42.33
C ALA D 102 35.07 -40.20 41.19
N VAL D 103 34.02 -40.98 41.42
CA VAL D 103 33.40 -41.71 40.32
C VAL D 103 33.32 -40.67 39.23
N ARG D 104 32.37 -39.75 39.36
CA ARG D 104 32.26 -38.62 38.45
C ARG D 104 33.55 -38.52 37.64
N LYS D 105 34.62 -38.10 38.30
CA LYS D 105 35.86 -37.77 37.58
C LYS D 105 36.40 -38.88 36.70
N GLU D 106 35.91 -40.10 36.91
CA GLU D 106 36.26 -41.21 36.04
C GLU D 106 35.24 -41.30 34.92
N ILE D 107 33.97 -41.11 35.27
CA ILE D 107 32.92 -41.12 34.28
C ILE D 107 33.36 -40.14 33.22
N GLN D 108 33.95 -39.04 33.66
CA GLN D 108 34.47 -38.04 32.74
C GLN D 108 35.84 -38.41 32.21
N ASP D 109 36.73 -38.84 33.10
CA ASP D 109 38.10 -39.22 32.73
C ASP D 109 38.14 -40.17 31.53
N GLU D 110 36.98 -40.68 31.15
CA GLU D 110 36.90 -41.53 29.98
C GLU D 110 36.09 -40.90 28.85
N THR D 111 35.10 -40.07 29.18
CA THR D 111 34.27 -39.45 28.15
C THR D 111 35.14 -38.64 27.19
N ASP D 112 36.23 -38.10 27.71
CA ASP D 112 37.11 -37.24 26.94
C ASP D 112 38.37 -37.96 26.51
N ARG D 113 38.40 -39.28 26.69
CA ARG D 113 39.58 -40.06 26.34
C ARG D 113 39.37 -40.80 25.02
N GLU D 114 38.16 -40.73 24.48
CA GLU D 114 37.90 -41.19 23.13
C GLU D 114 37.16 -40.10 22.35
N THR D 115 37.29 -38.86 22.81
CA THR D 115 36.58 -37.72 22.20
C THR D 115 37.43 -36.43 22.03
N GLY D 116 37.99 -35.91 23.12
CA GLY D 116 38.80 -34.69 23.07
C GLY D 116 38.59 -33.70 24.21
N ARG D 117 37.93 -32.58 23.92
CA ARG D 117 37.59 -31.55 24.92
C ARG D 117 36.48 -30.57 24.46
N SER D 118 36.35 -30.40 23.15
CA SER D 118 35.35 -29.48 22.57
C SER D 118 34.07 -30.23 22.12
N LYS D 119 33.93 -31.47 22.58
CA LYS D 119 32.72 -32.31 22.42
C LYS D 119 32.74 -33.29 21.19
N ALA D 120 32.57 -34.59 21.45
CA ALA D 120 32.52 -35.64 20.39
C ALA D 120 32.07 -37.02 20.94
N ILE D 121 31.70 -37.95 20.05
CA ILE D 121 31.17 -39.26 20.46
C ILE D 121 31.72 -40.48 19.71
N SER D 122 31.92 -41.58 20.43
CA SER D 122 32.20 -42.86 19.77
C SER D 122 30.92 -43.69 19.66
N SER D 123 30.74 -44.67 20.55
CA SER D 123 29.53 -45.49 20.54
C SER D 123 29.60 -46.68 21.50
N VAL D 124 30.81 -47.06 21.89
CA VAL D 124 31.04 -48.25 22.72
C VAL D 124 30.80 -48.00 24.21
N PRO D 125 29.82 -48.71 24.78
CA PRO D 125 29.25 -48.47 26.11
C PRO D 125 30.26 -48.09 27.19
N ILE D 126 29.75 -47.69 28.35
CA ILE D 126 30.58 -47.44 29.52
C ILE D 126 29.95 -48.19 30.68
N HIS D 127 30.70 -49.09 31.31
CA HIS D 127 30.11 -50.02 32.26
C HIS D 127 30.30 -49.64 33.71
N LEU D 128 29.58 -48.59 34.11
CA LEU D 128 29.45 -48.24 35.51
C LEU D 128 28.40 -49.14 36.14
N SER D 129 28.76 -49.82 37.24
CA SER D 129 27.92 -50.82 37.90
C SER D 129 27.85 -50.54 39.40
N ILE D 130 26.69 -50.09 39.89
CA ILE D 130 26.52 -49.72 41.30
C ILE D 130 25.89 -50.83 42.14
N TYR D 131 26.27 -50.92 43.42
CA TYR D 131 25.63 -51.86 44.36
C TYR D 131 25.34 -51.21 45.71
N SER D 132 24.08 -50.87 45.96
CA SER D 132 23.71 -50.10 47.16
C SER D 132 22.24 -50.31 47.51
N PRO D 133 21.96 -50.62 48.78
CA PRO D 133 20.58 -50.90 49.16
C PRO D 133 19.56 -49.92 48.55
N ASN D 134 19.76 -48.63 48.75
CA ASN D 134 18.76 -47.59 48.41
C ASN D 134 18.36 -47.43 46.92
N VAL D 135 18.81 -48.38 46.10
CA VAL D 135 18.49 -48.46 44.67
C VAL D 135 17.73 -49.75 44.41
N VAL D 136 17.10 -49.85 43.25
CA VAL D 136 16.40 -51.08 42.91
C VAL D 136 17.03 -51.71 41.68
N ASN D 137 16.94 -53.03 41.56
CA ASN D 137 17.60 -53.72 40.46
C ASN D 137 17.16 -53.12 39.12
N LEU D 138 18.05 -52.35 38.50
CA LEU D 138 17.74 -51.65 37.25
C LEU D 138 18.95 -51.51 36.32
N THR D 139 18.69 -51.61 35.02
CA THR D 139 19.72 -51.54 33.99
C THR D 139 19.43 -50.37 33.05
N LEU D 140 20.20 -49.29 33.18
CA LEU D 140 19.95 -48.06 32.41
C LEU D 140 21.06 -47.70 31.43
N ILE D 141 20.70 -47.14 30.29
CA ILE D 141 21.71 -46.54 29.42
C ILE D 141 21.45 -45.07 29.16
N ASP D 142 22.48 -44.25 29.38
CA ASP D 142 22.42 -42.82 29.10
C ASP D 142 22.73 -42.61 27.62
N LEU D 143 21.79 -42.00 26.89
CA LEU D 143 22.02 -41.71 25.48
C LEU D 143 22.05 -40.23 25.26
N PRO D 144 23.17 -39.71 24.74
CA PRO D 144 23.47 -38.28 24.73
C PRO D 144 22.23 -37.47 24.43
N GLY D 145 22.13 -36.28 25.00
CA GLY D 145 21.01 -35.40 24.72
C GLY D 145 20.78 -35.22 23.23
N LEU D 146 19.64 -34.67 22.87
CA LEU D 146 19.39 -34.47 21.47
C LEU D 146 19.52 -33.00 21.22
N THR D 147 20.52 -32.57 20.45
CA THR D 147 20.64 -31.15 20.06
C THR D 147 20.10 -30.91 18.66
N LYS D 148 19.54 -29.73 18.44
CA LYS D 148 19.01 -29.39 17.12
C LYS D 148 19.75 -28.25 16.38
N VAL D 149 20.60 -27.53 17.10
CA VAL D 149 21.54 -26.61 16.47
C VAL D 149 22.89 -26.61 17.15
N ALA D 150 23.90 -27.12 16.47
CA ALA D 150 25.26 -27.08 16.97
C ALA D 150 25.60 -25.70 17.50
N VAL D 151 26.68 -25.61 18.28
CA VAL D 151 27.19 -24.29 18.60
C VAL D 151 28.70 -24.27 18.62
N ASP D 152 29.25 -23.21 18.05
CA ASP D 152 30.63 -22.88 18.32
C ASP D 152 31.57 -24.07 18.00
N GLY D 153 32.47 -24.39 18.92
CA GLY D 153 33.46 -25.43 18.69
C GLY D 153 32.88 -26.83 18.57
N GLN D 154 32.29 -27.11 17.41
CA GLN D 154 31.50 -28.31 17.20
C GLN D 154 31.21 -28.38 15.70
N SER D 155 31.19 -29.59 15.14
CA SER D 155 31.01 -29.79 13.71
C SER D 155 29.59 -29.53 13.19
N ASP D 156 29.32 -30.01 11.99
CA ASP D 156 28.03 -29.79 11.35
C ASP D 156 27.19 -31.06 11.22
N SER D 157 27.87 -32.18 10.95
CA SER D 157 27.22 -33.48 10.76
C SER D 157 26.87 -34.08 12.12
N ILE D 158 26.87 -33.21 13.12
CA ILE D 158 26.71 -33.59 14.53
C ILE D 158 25.26 -33.83 14.94
N VAL D 159 24.38 -32.87 14.67
CA VAL D 159 22.96 -33.08 14.94
C VAL D 159 22.36 -34.13 14.01
N LYS D 160 23.19 -35.06 13.54
CA LYS D 160 22.73 -36.15 12.71
C LYS D 160 23.30 -37.41 13.31
N ASP D 161 24.40 -37.26 14.05
CA ASP D 161 25.09 -38.39 14.64
C ASP D 161 24.37 -38.83 15.89
N ILE D 162 24.01 -37.86 16.71
CA ILE D 162 23.29 -38.16 17.90
C ILE D 162 21.93 -38.73 17.47
N GLU D 163 21.44 -38.31 16.32
CA GLU D 163 20.21 -38.90 15.78
C GLU D 163 20.42 -40.30 15.18
N ASN D 164 21.46 -40.48 14.38
CA ASN D 164 21.78 -41.82 13.88
C ASN D 164 22.12 -42.73 15.05
N MET D 165 22.78 -42.19 16.05
CA MET D 165 23.13 -43.02 17.17
C MET D 165 21.92 -43.36 17.98
N VAL D 166 21.24 -42.34 18.48
CA VAL D 166 20.18 -42.59 19.44
C VAL D 166 19.02 -43.38 18.81
N ARG D 167 19.27 -43.96 17.64
CA ARG D 167 18.26 -44.76 16.95
C ARG D 167 18.58 -46.24 16.96
N SER D 168 19.81 -46.58 16.60
CA SER D 168 20.25 -47.96 16.69
C SER D 168 20.08 -48.45 18.13
N TYR D 169 19.46 -47.61 18.97
CA TYR D 169 19.10 -48.00 20.33
C TYR D 169 17.59 -48.03 20.59
N ILE D 170 16.80 -47.65 19.59
CA ILE D 170 15.37 -47.60 19.79
C ILE D 170 14.74 -48.58 18.84
N GLU D 171 15.56 -49.04 17.90
CA GLU D 171 15.13 -50.05 16.98
C GLU D 171 15.50 -51.39 17.61
N LYS D 172 15.43 -51.42 18.92
CA LYS D 172 15.53 -52.67 19.67
C LYS D 172 14.18 -52.93 20.32
N PRO D 173 13.25 -53.59 19.60
CA PRO D 173 12.00 -54.01 20.25
C PRO D 173 12.20 -54.56 21.67
N ASN D 174 13.45 -54.77 22.06
CA ASN D 174 13.78 -55.25 23.39
C ASN D 174 14.11 -54.14 24.41
N CYS D 175 14.27 -52.91 23.93
CA CYS D 175 14.71 -51.80 24.79
C CYS D 175 13.68 -50.69 24.83
N ILE D 176 13.31 -50.29 26.04
CA ILE D 176 12.28 -49.29 26.21
C ILE D 176 12.88 -47.90 26.14
N ILE D 177 12.04 -46.95 25.73
CA ILE D 177 12.46 -45.58 25.52
C ILE D 177 11.90 -44.69 26.63
N LEU D 178 12.65 -44.55 27.71
CA LEU D 178 12.28 -43.65 28.78
C LEU D 178 12.40 -42.22 28.25
N ALA D 179 11.43 -41.78 27.48
CA ALA D 179 11.49 -40.48 26.90
C ALA D 179 11.36 -39.44 28.00
N ILE D 180 12.41 -38.67 28.26
CA ILE D 180 12.31 -37.52 29.18
C ILE D 180 11.97 -36.22 28.48
N SER D 181 11.02 -35.49 29.05
CA SER D 181 10.55 -34.21 28.52
C SER D 181 10.49 -33.10 29.58
N PRO D 182 10.65 -31.84 29.14
CA PRO D 182 10.67 -30.68 30.04
C PRO D 182 9.34 -29.94 30.13
N ALA D 183 9.02 -29.56 31.36
CA ALA D 183 7.71 -29.07 31.71
C ALA D 183 7.47 -27.63 31.33
N ASN D 184 8.48 -26.93 30.82
CA ASN D 184 8.28 -25.51 30.48
C ASN D 184 8.19 -25.23 28.98
N GLN D 185 8.16 -26.31 28.20
CA GLN D 185 7.80 -26.23 26.79
C GLN D 185 6.36 -26.77 26.63
N ASP D 186 5.93 -26.99 25.40
CA ASP D 186 4.76 -27.82 25.20
C ASP D 186 5.25 -29.21 25.51
N LEU D 187 4.61 -30.20 24.90
CA LEU D 187 5.30 -31.45 24.65
C LEU D 187 5.35 -31.51 23.13
N ALA D 188 4.32 -30.98 22.49
CA ALA D 188 4.23 -30.93 21.04
C ALA D 188 5.38 -30.15 20.38
N THR D 189 6.55 -30.26 21.01
CA THR D 189 7.79 -29.70 20.49
C THR D 189 8.96 -30.42 21.10
N SER D 190 8.90 -31.74 21.21
CA SER D 190 10.09 -32.41 21.70
C SER D 190 10.47 -33.62 20.86
N ASP D 191 11.74 -33.63 20.44
CA ASP D 191 12.36 -34.79 19.83
C ASP D 191 12.04 -35.96 20.73
N ALA D 192 12.06 -35.69 22.03
CA ALA D 192 11.64 -36.65 23.05
C ALA D 192 10.58 -37.53 22.43
N ILE D 193 9.40 -36.96 22.26
CA ILE D 193 8.31 -37.67 21.61
C ILE D 193 8.67 -37.83 20.16
N LYS D 194 8.52 -36.76 19.38
CA LYS D 194 8.92 -36.75 17.97
C LYS D 194 9.77 -37.94 17.52
N ILE D 195 10.91 -38.14 18.19
CA ILE D 195 11.87 -39.17 17.81
C ILE D 195 11.67 -40.40 18.68
N SER D 196 10.42 -40.65 19.04
CA SER D 196 10.00 -41.88 19.67
C SER D 196 8.88 -42.44 18.79
N ARG D 197 7.82 -41.66 18.61
CA ARG D 197 6.74 -42.03 17.70
C ARG D 197 7.23 -42.16 16.28
N GLU D 198 8.51 -41.90 16.06
CA GLU D 198 9.12 -42.18 14.77
C GLU D 198 9.64 -43.60 14.80
N VAL D 199 9.75 -44.14 16.01
CA VAL D 199 10.23 -45.50 16.20
C VAL D 199 9.16 -46.43 16.72
N ASP D 200 8.69 -46.19 17.93
CA ASP D 200 7.52 -46.90 18.44
C ASP D 200 6.37 -45.96 18.32
N PRO D 201 5.51 -46.18 17.30
CA PRO D 201 4.37 -45.30 17.02
C PRO D 201 3.13 -45.76 17.75
N SER D 202 3.25 -46.87 18.49
CA SER D 202 2.13 -47.47 19.22
C SER D 202 2.06 -46.98 20.65
N GLY D 203 3.18 -47.08 21.36
CA GLY D 203 3.24 -46.64 22.74
C GLY D 203 3.44 -47.82 23.66
N ASP D 204 3.25 -49.02 23.09
CA ASP D 204 3.44 -50.29 23.78
C ASP D 204 4.71 -50.34 24.61
N ARG D 205 5.71 -49.57 24.20
CA ARG D 205 6.93 -49.40 24.98
C ARG D 205 7.46 -47.97 24.84
N THR D 206 7.31 -47.16 25.89
CA THR D 206 7.76 -45.76 25.91
C THR D 206 7.29 -45.09 27.19
N PHE D 207 8.19 -44.78 28.12
CA PHE D 207 7.76 -44.26 29.42
C PHE D 207 8.09 -42.81 29.70
N GLY D 208 7.19 -41.88 29.39
CA GLY D 208 7.41 -40.46 29.59
C GLY D 208 7.84 -40.03 30.99
N VAL D 209 8.47 -38.88 31.11
CA VAL D 209 8.94 -38.41 32.40
C VAL D 209 9.02 -36.91 32.34
N LEU D 210 8.08 -36.22 32.98
CA LEU D 210 8.16 -34.76 33.05
C LEU D 210 9.14 -34.24 34.11
N THR D 211 10.13 -33.48 33.66
CA THR D 211 11.07 -32.86 34.58
C THR D 211 10.93 -31.35 34.54
N LYS D 212 11.34 -30.68 35.61
CA LYS D 212 11.28 -29.23 35.68
C LYS D 212 9.82 -28.75 35.79
N ILE D 213 8.94 -29.61 36.32
CA ILE D 213 7.60 -29.16 36.72
C ILE D 213 7.65 -27.84 37.53
N ASP D 214 8.46 -27.84 38.59
CA ASP D 214 8.58 -26.72 39.53
C ASP D 214 8.97 -25.36 38.96
N LEU D 215 9.41 -25.33 37.70
CA LEU D 215 9.89 -24.10 37.06
C LEU D 215 8.96 -23.71 35.92
N MET D 216 7.66 -23.91 36.13
CA MET D 216 6.68 -23.78 35.07
C MET D 216 5.81 -22.53 35.21
N ASP D 217 5.35 -21.98 34.08
CA ASP D 217 4.81 -20.62 34.03
C ASP D 217 3.80 -20.43 35.15
N LYS D 218 3.99 -19.35 35.91
CA LYS D 218 3.13 -19.06 37.05
C LYS D 218 1.65 -19.20 36.67
N GLY D 219 0.91 -19.98 37.45
CA GLY D 219 -0.47 -20.27 37.13
C GLY D 219 -0.69 -21.21 35.95
N THR D 220 -0.06 -22.38 35.98
CA THR D 220 -0.42 -23.46 35.04
C THR D 220 0.03 -24.79 35.63
N ASP D 221 -0.63 -25.87 35.26
CA ASP D 221 -0.24 -27.17 35.77
C ASP D 221 -0.38 -28.32 34.79
N ALA D 222 0.23 -29.43 35.16
CA ALA D 222 0.29 -30.63 34.34
C ALA D 222 -0.74 -31.65 34.79
N VAL D 223 -1.73 -31.20 35.55
CA VAL D 223 -2.77 -32.10 35.99
C VAL D 223 -3.41 -32.70 34.76
N GLU D 224 -3.11 -32.09 33.61
CA GLU D 224 -3.68 -32.52 32.34
C GLU D 224 -2.77 -33.43 31.55
N ILE D 225 -1.63 -33.78 32.14
CA ILE D 225 -0.70 -34.73 31.53
C ILE D 225 -0.55 -35.96 32.41
N LEU D 226 -0.44 -35.70 33.71
CA LEU D 226 -0.43 -36.73 34.73
C LEU D 226 -1.71 -37.54 34.69
N GLU D 227 -2.84 -36.92 35.02
CA GLU D 227 -4.12 -37.53 34.76
C GLU D 227 -4.09 -38.23 33.41
N GLY D 228 -3.27 -37.71 32.49
CA GLY D 228 -3.13 -38.27 31.16
C GLY D 228 -4.29 -37.89 30.25
N ARG D 229 -4.64 -36.62 30.26
CA ARG D 229 -5.76 -36.14 29.46
C ARG D 229 -5.33 -35.61 28.07
N SER D 230 -4.16 -34.95 28.00
CA SER D 230 -3.71 -34.24 26.80
C SER D 230 -2.76 -35.05 25.92
N PHE D 231 -1.54 -35.25 26.40
CA PHE D 231 -0.57 -36.04 25.65
C PHE D 231 -0.53 -37.39 26.27
N LYS D 232 -1.48 -38.22 25.87
CA LYS D 232 -1.66 -39.54 26.45
C LYS D 232 -0.54 -40.44 25.94
N LEU D 233 0.26 -40.93 26.89
CA LEU D 233 1.25 -41.95 26.57
C LEU D 233 0.46 -43.24 26.56
N LYS D 234 1.14 -44.37 26.70
CA LYS D 234 0.42 -45.63 26.79
C LYS D 234 0.16 -45.99 28.27
N TYR D 235 1.24 -46.09 29.02
CA TYR D 235 1.16 -46.25 30.46
C TYR D 235 0.89 -44.86 31.02
N PRO D 236 1.39 -44.54 32.21
CA PRO D 236 1.08 -43.14 32.48
C PRO D 236 2.32 -42.24 32.39
N TRP D 237 2.08 -40.97 32.09
CA TRP D 237 3.09 -39.95 32.27
C TRP D 237 3.39 -39.91 33.76
N VAL D 238 4.66 -39.92 34.13
CA VAL D 238 4.96 -39.96 35.56
C VAL D 238 6.20 -39.15 35.98
N GLY D 239 5.98 -37.87 36.21
CA GLY D 239 7.04 -36.91 36.41
C GLY D 239 7.77 -36.84 37.74
N VAL D 240 8.97 -36.26 37.69
CA VAL D 240 9.83 -36.07 38.84
C VAL D 240 9.90 -34.59 39.14
N VAL D 241 10.82 -34.22 40.02
CA VAL D 241 11.19 -32.83 40.28
C VAL D 241 12.61 -32.72 40.84
N ASN D 242 13.57 -32.59 39.93
CA ASN D 242 14.97 -32.68 40.29
C ASN D 242 15.60 -31.54 41.09
N ARG D 243 16.93 -31.53 41.10
CA ARG D 243 17.72 -30.50 41.76
C ARG D 243 17.84 -29.24 40.91
N SER D 244 17.48 -28.10 41.49
CA SER D 244 17.54 -26.81 40.81
C SER D 244 18.97 -26.34 40.68
N GLN D 245 19.29 -25.63 39.60
CA GLN D 245 20.66 -25.19 39.39
C GLN D 245 21.08 -24.17 40.45
N ALA D 246 20.27 -24.05 41.51
CA ALA D 246 20.64 -23.32 42.72
C ALA D 246 21.14 -24.33 43.74
N ASP D 247 20.40 -25.43 43.82
CA ASP D 247 20.65 -26.54 44.74
C ASP D 247 21.94 -27.24 44.38
N ILE D 248 21.98 -27.84 43.20
CA ILE D 248 23.20 -28.41 42.66
C ILE D 248 24.38 -27.55 43.10
N ASN D 249 24.19 -26.23 42.95
CA ASN D 249 25.25 -25.28 43.19
C ASN D 249 25.79 -25.44 44.61
N LYS D 250 24.96 -25.14 45.61
CA LYS D 250 25.31 -25.31 47.03
C LYS D 250 25.28 -26.81 47.33
N ASN D 251 26.43 -27.47 47.12
CA ASN D 251 26.42 -28.91 46.92
C ASN D 251 25.44 -29.62 47.85
N VAL D 252 24.21 -29.78 47.35
CA VAL D 252 23.11 -30.36 48.12
C VAL D 252 23.22 -31.89 48.28
N ASP D 253 22.73 -32.39 49.42
CA ASP D 253 22.67 -33.84 49.71
C ASP D 253 21.67 -34.59 48.80
N MET D 254 21.84 -35.89 48.66
CA MET D 254 21.04 -36.62 47.70
C MET D 254 19.74 -37.21 48.24
N ILE D 255 19.58 -37.23 49.55
CA ILE D 255 18.29 -37.62 50.12
C ILE D 255 17.41 -36.40 50.20
N ALA D 256 18.02 -35.23 49.97
CA ALA D 256 17.28 -33.98 49.91
C ALA D 256 16.23 -34.01 48.80
N ALA D 257 16.61 -34.47 47.61
CA ALA D 257 15.66 -34.64 46.50
C ALA D 257 14.33 -35.05 47.08
N ARG D 258 14.18 -36.34 47.29
CA ARG D 258 13.13 -36.88 48.11
C ARG D 258 12.81 -35.91 49.26
N LYS D 259 13.68 -35.84 50.26
CA LYS D 259 13.51 -34.93 51.42
C LYS D 259 12.60 -33.74 51.15
N ARG D 260 12.76 -33.13 49.97
CA ARG D 260 12.09 -31.88 49.61
C ARG D 260 11.26 -31.99 48.33
N GLU D 261 11.51 -33.04 47.55
CA GLU D 261 10.75 -33.32 46.34
C GLU D 261 9.39 -33.85 46.76
N ARG D 262 9.43 -34.83 47.65
CA ARG D 262 8.25 -35.27 48.37
C ARG D 262 7.62 -34.04 48.97
N GLU D 263 8.45 -33.18 49.56
CA GLU D 263 7.93 -31.94 50.11
C GLU D 263 6.94 -31.37 49.15
N TYR D 264 7.36 -31.23 47.90
CA TYR D 264 6.50 -30.66 46.87
C TYR D 264 5.23 -31.47 46.64
N PHE D 265 5.37 -32.63 46.03
CA PHE D 265 4.20 -33.35 45.54
C PHE D 265 3.14 -33.60 46.60
N SER D 266 3.59 -34.03 47.78
CA SER D 266 2.67 -34.37 48.84
C SER D 266 2.02 -33.11 49.41
N ASN D 267 2.68 -31.96 49.22
CA ASN D 267 2.28 -30.72 49.89
C ASN D 267 1.83 -29.54 49.01
N THR D 268 1.46 -29.77 47.77
CA THR D 268 0.93 -28.68 46.93
C THR D 268 -0.43 -29.01 46.33
N THR D 269 -1.45 -28.27 46.75
CA THR D 269 -2.85 -28.55 46.41
C THR D 269 -3.02 -29.15 45.03
N GLU D 270 -2.45 -28.51 44.03
CA GLU D 270 -2.59 -28.94 42.65
C GLU D 270 -2.48 -30.46 42.47
N TYR D 271 -1.45 -31.05 43.07
CA TYR D 271 -1.07 -32.43 42.75
C TYR D 271 -1.51 -33.48 43.77
N ARG D 272 -1.25 -33.25 45.06
CA ARG D 272 -1.63 -34.19 46.13
C ARG D 272 -2.41 -35.46 45.73
N HIS D 273 -3.56 -35.31 45.10
CA HIS D 273 -4.32 -36.49 44.70
C HIS D 273 -3.63 -37.41 43.67
N LEU D 274 -2.41 -37.07 43.28
CA LEU D 274 -1.63 -37.87 42.33
C LEU D 274 -0.19 -38.02 42.81
N ALA D 275 0.09 -37.56 44.02
CA ALA D 275 1.44 -37.57 44.56
C ALA D 275 1.87 -38.98 44.94
N ASN D 276 0.92 -39.90 44.87
CA ASN D 276 1.13 -41.30 45.28
C ASN D 276 1.54 -42.20 44.11
N LYS D 277 1.40 -41.66 42.90
CA LYS D 277 1.71 -42.38 41.66
C LYS D 277 2.97 -41.80 40.97
N MET D 278 3.51 -40.71 41.54
CA MET D 278 4.77 -40.06 41.11
C MET D 278 5.75 -39.74 42.23
N GLY D 279 6.93 -39.31 41.84
CA GLY D 279 8.04 -39.20 42.76
C GLY D 279 9.21 -39.91 42.11
N SER D 280 10.41 -39.86 42.68
CA SER D 280 11.59 -40.44 42.01
C SER D 280 11.88 -41.90 42.40
N GLU D 281 11.84 -42.18 43.71
CA GLU D 281 11.86 -43.56 44.20
C GLU D 281 10.83 -44.28 43.38
N HIS D 282 9.67 -43.65 43.21
CA HIS D 282 8.57 -44.21 42.44
C HIS D 282 8.90 -44.30 40.98
N LEU D 283 10.12 -43.98 40.60
CA LEU D 283 10.49 -44.23 39.22
C LEU D 283 11.27 -45.52 39.18
N ALA D 284 12.12 -45.68 40.19
CA ALA D 284 12.81 -46.93 40.45
C ALA D 284 11.77 -48.04 40.53
N LYS D 285 10.98 -48.03 41.61
CA LYS D 285 9.87 -48.96 41.80
C LYS D 285 9.25 -49.45 40.47
N MET D 286 8.69 -48.53 39.69
CA MET D 286 7.84 -48.88 38.54
C MET D 286 8.52 -49.14 37.22
N LEU D 287 9.85 -49.17 37.21
CA LEU D 287 10.60 -49.57 36.01
C LEU D 287 11.13 -51.00 36.13
N SER D 288 11.68 -51.30 37.31
CA SER D 288 12.34 -52.57 37.57
C SER D 288 11.44 -53.74 37.26
N LYS D 289 10.16 -53.45 37.07
CA LYS D 289 9.17 -54.48 36.82
C LYS D 289 9.02 -54.63 35.32
N HIS D 290 8.82 -53.51 34.60
CA HIS D 290 8.60 -53.59 33.17
C HIS D 290 9.86 -54.02 32.46
N LEU D 291 11.00 -53.81 33.10
CA LEU D 291 12.21 -54.40 32.56
C LEU D 291 12.16 -55.89 32.87
N GLU D 292 12.32 -56.23 34.16
CA GLU D 292 12.23 -57.62 34.61
C GLU D 292 11.12 -58.38 33.86
N ARG D 293 9.86 -58.06 34.15
CA ARG D 293 8.72 -58.71 33.49
C ARG D 293 8.92 -58.88 31.98
N VAL D 294 9.61 -57.95 31.35
CA VAL D 294 9.78 -57.98 29.92
C VAL D 294 10.91 -58.91 29.49
N ILE D 295 11.94 -59.02 30.33
CA ILE D 295 13.01 -59.99 30.02
C ILE D 295 12.49 -61.44 30.18
N LYS D 296 11.50 -61.63 31.05
CA LYS D 296 10.72 -62.85 30.97
C LYS D 296 10.24 -62.99 29.53
N SER D 297 9.33 -62.12 29.09
CA SER D 297 8.82 -62.13 27.72
C SER D 297 9.80 -62.75 26.74
N ARG D 298 11.08 -62.42 26.94
CA ARG D 298 12.14 -62.89 26.04
C ARG D 298 13.13 -63.86 26.66
N ILE D 299 12.64 -64.88 27.36
CA ILE D 299 13.46 -66.01 27.76
C ILE D 299 13.94 -66.68 26.48
N PRO D 300 13.04 -66.82 25.48
CA PRO D 300 13.35 -67.24 24.10
C PRO D 300 14.10 -66.20 23.26
N GLY D 301 14.86 -65.35 23.93
CA GLY D 301 15.90 -64.60 23.26
C GLY D 301 17.02 -65.60 23.09
N ILE D 302 16.72 -66.87 23.40
CA ILE D 302 17.71 -67.96 23.35
C ILE D 302 17.45 -68.89 22.20
N GLN D 303 16.18 -69.17 21.94
CA GLN D 303 15.89 -69.90 20.74
C GLN D 303 16.34 -68.94 19.68
N SER D 304 16.30 -67.66 20.05
CA SER D 304 16.81 -66.60 19.19
C SER D 304 18.33 -66.74 19.02
N LEU D 305 18.96 -67.37 20.02
CA LEU D 305 20.39 -67.68 20.00
C LEU D 305 20.64 -68.86 19.11
N ILE D 306 20.67 -70.05 19.73
CA ILE D 306 21.05 -71.29 19.07
C ILE D 306 21.29 -71.13 17.56
N ASN D 307 20.28 -70.84 16.75
CA ASN D 307 20.55 -70.68 15.32
C ASN D 307 21.87 -69.92 15.11
N LYS D 308 22.06 -68.86 15.88
CA LYS D 308 23.20 -67.96 15.68
C LYS D 308 24.53 -68.70 15.53
N THR D 309 24.79 -69.66 16.41
CA THR D 309 26.01 -70.45 16.37
C THR D 309 25.79 -71.70 15.56
N VAL D 310 24.53 -72.09 15.39
CA VAL D 310 24.22 -73.26 14.58
C VAL D 310 24.37 -72.89 13.10
N LEU D 311 24.81 -71.66 12.86
CA LEU D 311 25.39 -71.32 11.56
C LEU D 311 26.88 -71.01 11.72
N GLU D 312 27.36 -71.11 12.96
CA GLU D 312 28.72 -70.70 13.33
C GLU D 312 29.80 -71.78 13.35
N LEU D 313 29.71 -72.69 14.30
CA LEU D 313 30.57 -73.87 14.30
C LEU D 313 30.38 -74.53 12.93
N GLU D 314 29.40 -74.00 12.18
CA GLU D 314 29.05 -74.45 10.82
C GLU D 314 29.49 -73.45 9.76
N THR D 315 30.47 -72.59 10.09
CA THR D 315 31.30 -71.96 9.08
C THR D 315 32.75 -72.43 9.29
N GLU D 316 32.96 -73.73 9.10
CA GLU D 316 34.24 -74.38 9.35
C GLU D 316 34.37 -75.55 8.41
N ILE D 336 45.30 -64.84 5.38
CA ILE D 336 43.99 -65.32 4.96
C ILE D 336 43.21 -65.87 6.15
N MET D 337 43.75 -66.92 6.75
CA MET D 337 43.10 -67.63 7.85
C MET D 337 43.24 -66.94 9.21
N GLU D 338 42.77 -65.70 9.30
CA GLU D 338 42.69 -64.97 10.57
C GLU D 338 41.22 -64.78 10.96
N ARG D 339 40.33 -64.65 9.98
CA ARG D 339 38.93 -64.47 10.31
C ARG D 339 38.48 -65.61 11.21
N ARG D 340 38.67 -66.84 10.73
CA ARG D 340 38.31 -68.02 11.52
C ARG D 340 38.64 -67.85 12.99
N SER D 341 39.84 -67.34 13.28
CA SER D 341 40.28 -67.16 14.66
C SER D 341 39.60 -65.95 15.28
N ALA D 342 39.23 -65.00 14.43
CA ALA D 342 38.50 -63.82 14.89
C ALA D 342 37.00 -64.12 14.90
N ILE D 343 36.63 -65.34 14.53
CA ILE D 343 35.23 -65.78 14.56
C ILE D 343 34.92 -66.69 15.75
N SER D 344 35.91 -67.40 16.26
CA SER D 344 35.67 -68.20 17.46
C SER D 344 35.48 -67.26 18.64
N LYS D 345 36.15 -66.11 18.57
CA LYS D 345 36.04 -65.07 19.58
C LYS D 345 34.57 -64.68 19.73
N ARG D 346 33.88 -64.68 18.59
CA ARG D 346 32.46 -64.34 18.55
C ARG D 346 31.63 -65.44 19.17
N LEU D 347 32.05 -66.68 18.95
CA LEU D 347 31.41 -67.81 19.58
C LEU D 347 31.50 -67.61 21.08
N GLU D 348 32.73 -67.61 21.56
CA GLU D 348 32.98 -67.35 22.97
C GLU D 348 31.78 -66.60 23.54
N LEU D 349 31.60 -65.35 23.13
CA LEU D 349 30.46 -64.56 23.56
C LEU D 349 29.22 -65.42 23.80
N TYR D 350 28.78 -66.10 22.76
CA TYR D 350 27.58 -66.91 22.87
C TYR D 350 27.81 -68.06 23.82
N ARG D 351 28.57 -69.05 23.35
CA ARG D 351 28.94 -70.20 24.16
C ARG D 351 29.00 -69.89 25.64
N ALA D 352 29.73 -68.84 25.99
CA ALA D 352 29.63 -68.32 27.34
C ALA D 352 28.15 -68.08 27.55
N ALA D 353 27.75 -66.82 27.43
CA ALA D 353 26.35 -66.40 27.56
C ALA D 353 25.27 -67.52 27.70
N GLN D 354 25.12 -68.39 26.70
CA GLN D 354 24.09 -69.43 26.79
C GLN D 354 24.44 -70.42 27.86
N SER D 355 25.32 -70.04 28.75
CA SER D 355 25.58 -70.83 29.92
C SER D 355 25.08 -70.05 31.14
N GLU D 356 25.05 -68.73 31.01
CA GLU D 356 24.63 -67.87 32.10
C GLU D 356 23.16 -67.61 31.89
N ILE D 357 22.63 -68.29 30.88
CA ILE D 357 21.20 -68.42 30.73
C ILE D 357 20.82 -69.75 31.40
N ASP D 358 21.68 -70.74 31.24
CA ASP D 358 21.40 -72.05 31.82
C ASP D 358 21.53 -72.04 33.32
N ALA D 359 22.75 -71.79 33.82
CA ALA D 359 22.97 -71.69 35.26
C ALA D 359 21.74 -71.05 35.94
N VAL D 360 21.47 -69.80 35.60
CA VAL D 360 20.26 -69.13 36.03
C VAL D 360 19.78 -69.61 37.40
#